data_7KAP
#
_entry.id   7KAP
#
_cell.length_a   1.00
_cell.length_b   1.00
_cell.length_c   1.00
_cell.angle_alpha   90.00
_cell.angle_beta   90.00
_cell.angle_gamma   90.00
#
_symmetry.space_group_name_H-M   'P 1'
#
loop_
_entity.id
_entity.type
_entity.pdbx_description
1 polymer 'Protein transport protein SEC61'
2 polymer 'Protein transport protein SSS1'
3 polymer 'Protein transport protein SBH1'
4 polymer 'Protein translocation protein SEC63'
5 polymer 'Translocation protein SEC66'
6 polymer 'Translocation protein SEC72'
7 polymer 'Protein transport protein Sec62'
#
loop_
_entity_poly.entity_id
_entity_poly.type
_entity_poly.pdbx_seq_one_letter_code
_entity_poly.pdbx_strand_id
1 'polypeptide(L)'
;MSSNRVLDLFKPFESFLPEVIAPERKVPYNQKLIWTGVSLLIFLILGQIPLYGIVSSETSDPLYWLRAMLASNRGTLLEL
GVSPIITSSLIFQFLQGTQLLQIRPESKQDRELFQIAQKVCAIILILGQALVVVMTGNYGAPSDLGLPICLLLIFQLMFA
SLIVMLLDELLSKGYGLGSGISLFIATNIAEQIFWRAFAPTTVNSGRGKEFEGAVIAFFHLLAVRKDKKRALVEAFYRTN
LPNMFQVLMTVAIFLFVLYLQGFRYELPIRSTKVRGQIGIYPIKLFYTSNTPIILQSALTSNIFLISQILFQKYPTNPLI
RLIGVWGIRPGTQGPQMALSGLAYYIQPLMSLSEALLDPIKTIVYITFVLGSCAVFSKTWIEISGTSPRDIAKQFKDQGM
VINGKRETSIYRELKKIIPTAAAFGGATIGALSVGSDLLGTLGSGASILLATTTIYGYYEAAAKEGGFTKNLVPGFSDLM
;
A
2 'polypeptide(L)' MARASEKGEEKKQSNNQVEKLVEAPVEFVREGTQFLAKCKKPDLKEYTKIVKAVGIGFIAVGIIGYAIKLIHIPIRYVIV C
3 'polypeptide(L)'
;MSSPTPPGGQRTLQKRKQGSSQKVAASAPKKNTNSNNSILKIYSDEATGLRVDPLVVLFLAVGFIFSVVALHVISKVAGK
LF
;
B
4 'polypeptide(L)'
;GGSGGSGGSGGSGGSPTNYEYDEASETWPSFILTGLLMVVGPMTLLQIYQIFFGANAEDGNSGKSKEFNEEVFKNLNEEY
TSDEIKQFRRKFDKNSNKKSKIWSRRNIIIIVGWILVAILLQRINSNDAIKDAATKLFDPYEILGISTSASDRDIKSAYR
KLSVKFHPDKLAKGLTPDEKSVMEETYVQITKAYESLTDELVRQNYLKYGHPDGPQSTSHGIALPRFLVDGSASPLLVVC
YVALLGLILPYFVSRWWARTQSYTKKGIHNVTASNFVSNLVNYKPSEIVTTDLILHWLSFAHEFKQFFPDLQPTDFEKLL
QDHINRRDSGKLNNAKFRIVAKCHSLLHGLLDIACGFRNLDIALGAINTFKCIVQAVPLTPNCQILQLPNVDKEHFITKT
GDIHTLGKLFTLEDAKIGEVLGIKDQAKLNETLRVASHIPNLKIIKADFLVPGENQVTPSSTPYISLKVLVRSAKQPLIP
TSLIPEENLTEPQDFESQRDPFAMMSKQPLVPYSFAPFFPTKRRGSWCCLVSSQKDGKILQTPIIIEKLSYKNLNDDKDF
FDKRIKMDLTKHEKFDINDWEIGTIKIPLGQPAPETVGDFFFRVIVKSTDYFTTDLDITMNMKVRDSPAVEQVEVYSEED
DEYSTDDDETESDDESDASDYTDIDTDTEAEDDESPEAGGATTASGTGENLYFQ
;
D
5 'polypeptide(L)'
;MSEFNETKFSNNGTFFETEEPIVETKSISVYTPLIYVFILVVSLVMFASSYRKKQAKKISEQPSIFDENDAHDLYFQIKE
MSENEKIHEKVLKAALLNRGAESVRRSLKLKELAPQINLLYKNGSIGEDYWKRFETEVKLIELEFKDTLQEAERLQPGWV
QLFVMVCKEICFNQALSRRYQSILKRKEVCIKEWELKINNDGRLVN
;
E
6 'polypeptide(L)'
;MVTLEYNANSKLITASDAVVALSTETNIDQINVLTTSLIGETNPNFTPQPNEALSKMIKGLFESGMKNLQQKKLNEALKN
VSLAIEMAQRKRAPWEAFAIQLPELHFMLRSKIDLCLILGKHLEALQDLDFLLGTGLIQPDVFVRKADCLLKLRQWEEAR
ATCERGLALAPEDMKLRALLIETARNLAEYNGE
;
F
7 'polypeptide(L)'
;(UNK)(UNK)(UNK)(UNK)(UNK)(UNK)(UNK)(UNK)(UNK)(UNK)(UNK)(UNK)(UNK)(UNK)(UNK)(UNK)
(UNK)(UNK)(UNK)(UNK)(UNK)(UNK)(UNK)(UNK)(UNK)(UNK)(UNK)(UNK)(UNK)(UNK)(UNK)(UNK)
(UNK)(UNK)(UNK)(UNK)(UNK)(UNK)(UNK)(UNK)(UNK)(UNK)(UNK)(UNK)(UNK)(UNK)(UNK)(UNK)
(UNK)(UNK)(UNK)(UNK)(UNK)(UNK)(UNK)(UNK)
;
G
#
# COMPACT_ATOMS: atom_id res chain seq x y z
N PRO A 12 -11.18 3.70 -35.86
CA PRO A 12 -10.84 2.44 -35.20
C PRO A 12 -10.07 1.49 -36.12
N PHE A 13 -8.96 0.96 -35.64
CA PHE A 13 -8.14 0.03 -36.42
C PHE A 13 -7.25 -0.74 -35.47
N GLU A 14 -6.50 -1.69 -36.03
CA GLU A 14 -5.57 -2.50 -35.26
C GLU A 14 -4.17 -1.89 -35.38
N SER A 15 -3.53 -1.65 -34.24
CA SER A 15 -2.23 -1.00 -34.21
C SER A 15 -1.36 -1.65 -33.15
N PHE A 16 -0.13 -2.01 -33.51
CA PHE A 16 0.85 -2.57 -32.59
C PHE A 16 1.89 -1.48 -32.33
N LEU A 17 1.61 -0.65 -31.33
CA LEU A 17 2.45 0.49 -31.00
C LEU A 17 3.10 0.30 -29.64
N PRO A 18 4.29 0.87 -29.43
CA PRO A 18 4.94 0.74 -28.11
C PRO A 18 4.14 1.46 -27.04
N GLU A 19 3.74 0.71 -26.01
CA GLU A 19 2.98 1.26 -24.91
C GLU A 19 3.36 0.52 -23.64
N VAL A 20 3.51 1.26 -22.55
CA VAL A 20 3.85 0.69 -21.26
C VAL A 20 2.57 0.18 -20.58
N ILE A 21 2.64 -1.03 -20.05
CA ILE A 21 1.49 -1.65 -19.39
C ILE A 21 1.39 -1.11 -17.97
N ALA A 22 0.16 -0.89 -17.52
CA ALA A 22 -0.05 -0.40 -16.17
C ALA A 22 0.30 -1.49 -15.16
N PRO A 23 0.79 -1.10 -13.98
CA PRO A 23 1.10 -2.11 -12.96
C PRO A 23 -0.16 -2.82 -12.49
N GLU A 24 -0.07 -4.14 -12.37
CA GLU A 24 -1.21 -4.93 -11.94
C GLU A 24 -1.61 -4.63 -10.52
N ARG A 25 -0.68 -4.15 -9.70
CA ARG A 25 -0.93 -3.84 -8.30
C ARG A 25 -0.56 -2.39 -8.04
N LYS A 26 -1.06 -1.85 -6.93
CA LYS A 26 -0.79 -0.46 -6.60
C LYS A 26 0.68 -0.27 -6.29
N VAL A 27 1.28 0.74 -6.91
CA VAL A 27 2.70 1.04 -6.69
C VAL A 27 2.85 1.78 -5.37
N PRO A 28 3.80 1.39 -4.52
CA PRO A 28 4.00 2.13 -3.26
C PRO A 28 4.41 3.57 -3.50
N TYR A 29 4.34 4.38 -2.44
CA TYR A 29 4.61 5.81 -2.58
C TYR A 29 6.08 6.11 -2.81
N ASN A 30 6.98 5.36 -2.15
CA ASN A 30 8.41 5.63 -2.29
C ASN A 30 8.89 5.34 -3.71
N GLN A 31 8.50 4.19 -4.26
CA GLN A 31 8.88 3.86 -5.63
C GLN A 31 8.31 4.86 -6.62
N LYS A 32 7.07 5.31 -6.38
CA LYS A 32 6.47 6.31 -7.26
C LYS A 32 7.26 7.61 -7.20
N LEU A 33 7.66 8.03 -5.99
CA LEU A 33 8.46 9.24 -5.86
C LEU A 33 9.79 9.11 -6.59
N ILE A 34 10.44 7.95 -6.45
CA ILE A 34 11.73 7.74 -7.10
C ILE A 34 11.57 7.78 -8.62
N TRP A 35 10.52 7.14 -9.15
CA TRP A 35 10.30 7.15 -10.58
C TRP A 35 10.02 8.57 -11.09
N THR A 36 9.22 9.33 -10.34
CA THR A 36 9.00 10.73 -10.72
C THR A 36 10.30 11.49 -10.78
N GLY A 37 11.14 11.33 -9.74
CA GLY A 37 12.40 12.05 -9.72
C GLY A 37 13.30 11.69 -10.88
N VAL A 38 13.45 10.40 -11.16
CA VAL A 38 14.38 9.99 -12.22
C VAL A 38 13.86 10.39 -13.59
N SER A 39 12.56 10.20 -13.84
CA SER A 39 11.99 10.61 -15.12
C SER A 39 12.10 12.12 -15.29
N LEU A 40 11.95 12.87 -14.20
CA LEU A 40 12.09 14.32 -14.26
C LEU A 40 13.51 14.72 -14.59
N LEU A 41 14.49 14.05 -13.97
CA LEU A 41 15.89 14.31 -14.30
C LEU A 41 16.17 14.02 -15.76
N ILE A 42 15.62 12.93 -16.29
CA ILE A 42 15.81 12.62 -17.70
C ILE A 42 15.18 13.71 -18.56
N PHE A 43 13.98 14.18 -18.18
CA PHE A 43 13.32 15.19 -19.00
C PHE A 43 14.10 16.49 -19.02
N LEU A 44 14.68 16.88 -17.88
CA LEU A 44 15.45 18.12 -17.85
C LEU A 44 16.79 17.97 -18.55
N ILE A 45 17.41 16.79 -18.47
CA ILE A 45 18.67 16.60 -19.18
C ILE A 45 18.44 16.60 -20.68
N LEU A 46 17.28 16.09 -21.12
CA LEU A 46 16.98 16.08 -22.55
C LEU A 46 16.83 17.48 -23.11
N GLY A 47 16.45 18.44 -22.28
CA GLY A 47 16.29 19.81 -22.72
C GLY A 47 17.54 20.66 -22.69
N GLN A 48 18.69 20.08 -22.33
CA GLN A 48 19.94 20.83 -22.24
C GLN A 48 20.92 20.48 -23.34
N ILE A 49 20.64 19.50 -24.18
CA ILE A 49 21.58 18.99 -25.17
C ILE A 49 21.26 19.61 -26.51
N PRO A 50 22.24 20.18 -27.22
CA PRO A 50 22.00 20.67 -28.57
C PRO A 50 22.09 19.56 -29.60
N LEU A 51 21.70 19.89 -30.83
CA LEU A 51 21.76 18.93 -31.92
C LEU A 51 23.20 18.81 -32.43
N TYR A 52 23.38 18.04 -33.50
CA TYR A 52 24.70 17.77 -34.04
C TYR A 52 24.98 18.51 -35.34
N GLY A 53 24.14 18.31 -36.35
CA GLY A 53 24.43 18.83 -37.67
C GLY A 53 24.15 20.31 -37.85
N ILE A 54 23.63 20.98 -36.82
CA ILE A 54 23.30 22.39 -36.96
C ILE A 54 24.56 23.20 -37.21
N VAL A 55 24.41 24.32 -37.91
CA VAL A 55 25.53 25.19 -38.22
C VAL A 55 25.27 26.59 -37.71
N ARG A 67 7.67 29.85 -26.73
CA ARG A 67 8.60 28.92 -26.12
C ARG A 67 8.51 28.98 -24.59
N ALA A 68 7.86 30.03 -24.09
CA ALA A 68 7.77 30.23 -22.65
C ALA A 68 6.58 29.51 -22.04
N MET A 69 5.46 29.46 -22.75
CA MET A 69 4.23 28.87 -22.22
C MET A 69 4.14 27.37 -22.48
N LEU A 70 4.68 26.89 -23.61
CA LEU A 70 4.65 25.48 -23.96
C LEU A 70 5.92 24.75 -23.57
N ALA A 71 6.79 25.39 -22.78
CA ALA A 71 7.95 24.77 -22.17
C ALA A 71 8.89 24.15 -23.22
N SER A 72 9.43 25.03 -24.06
CA SER A 72 10.32 24.61 -25.13
C SER A 72 11.46 25.62 -25.27
N ASN A 73 12.59 25.14 -25.78
CA ASN A 73 13.75 25.99 -26.01
C ASN A 73 14.36 25.69 -27.38
N ARG A 74 14.78 26.74 -28.06
CA ARG A 74 15.29 26.63 -29.42
C ARG A 74 16.74 26.17 -29.43
N GLY A 75 17.07 25.33 -30.41
CA GLY A 75 18.43 24.88 -30.61
C GLY A 75 18.84 23.66 -29.81
N THR A 76 17.91 22.99 -29.15
CA THR A 76 18.21 21.81 -28.35
C THR A 76 17.35 20.66 -28.81
N LEU A 77 17.60 19.47 -28.25
CA LEU A 77 16.81 18.30 -28.58
C LEU A 77 15.36 18.43 -28.13
N LEU A 78 15.05 19.41 -27.28
CA LEU A 78 13.70 19.62 -26.79
C LEU A 78 13.04 20.83 -27.46
N GLU A 79 13.36 21.07 -28.73
CA GLU A 79 12.77 22.20 -29.44
C GLU A 79 11.27 22.03 -29.60
N LEU A 80 10.83 20.82 -29.97
CA LEU A 80 9.41 20.55 -30.05
C LEU A 80 8.78 20.47 -28.67
N GLY A 81 9.48 19.84 -27.72
CA GLY A 81 8.98 19.74 -26.36
C GLY A 81 7.70 18.91 -26.30
N VAL A 82 6.79 19.33 -25.42
CA VAL A 82 5.53 18.64 -25.22
C VAL A 82 4.41 19.27 -26.05
N SER A 83 4.75 20.11 -27.03
CA SER A 83 3.73 20.74 -27.85
C SER A 83 2.88 19.74 -28.62
N PRO A 84 3.42 18.69 -29.25
CA PRO A 84 2.53 17.74 -29.94
C PRO A 84 1.56 17.07 -29.00
N ILE A 85 2.04 16.65 -27.83
CA ILE A 85 1.17 15.98 -26.86
C ILE A 85 0.08 16.93 -26.39
N ILE A 86 0.44 18.17 -26.05
CA ILE A 86 -0.55 19.10 -25.52
C ILE A 86 -1.56 19.46 -26.61
N THR A 87 -1.11 19.59 -27.85
CA THR A 87 -2.03 19.94 -28.93
C THR A 87 -2.99 18.78 -29.22
N SER A 88 -2.47 17.56 -29.26
CA SER A 88 -3.34 16.39 -29.47
C SER A 88 -4.36 16.27 -28.34
N SER A 89 -3.92 16.44 -27.10
CA SER A 89 -4.83 16.36 -25.98
C SER A 89 -5.90 17.43 -26.04
N LEU A 90 -5.51 18.66 -26.41
CA LEU A 90 -6.50 19.74 -26.51
C LEU A 90 -7.51 19.45 -27.62
N ILE A 91 -7.04 18.97 -28.78
CA ILE A 91 -7.96 18.67 -29.87
C ILE A 91 -8.92 17.56 -29.47
N PHE A 92 -8.40 16.53 -28.80
CA PHE A 92 -9.27 15.42 -28.40
C PHE A 92 -10.28 15.86 -27.35
N GLN A 93 -9.86 16.70 -26.40
CA GLN A 93 -10.80 17.23 -25.42
C GLN A 93 -11.87 18.08 -26.08
N PHE A 94 -11.49 18.87 -27.10
CA PHE A 94 -12.45 19.70 -27.80
C PHE A 94 -13.47 18.85 -28.57
N LEU A 95 -12.99 17.84 -29.31
CA LEU A 95 -13.90 16.99 -30.06
C LEU A 95 -14.76 16.15 -29.13
N GLN A 96 -14.28 15.90 -27.91
CA GLN A 96 -15.10 15.19 -26.93
C GLN A 96 -16.16 16.11 -26.36
N GLY A 97 -15.80 17.38 -26.13
CA GLY A 97 -16.78 18.33 -25.60
C GLY A 97 -17.87 18.65 -26.60
N THR A 98 -17.53 18.67 -27.90
CA THR A 98 -18.53 18.92 -28.91
C THR A 98 -19.44 17.72 -29.16
N GLN A 99 -19.20 16.60 -28.47
CA GLN A 99 -20.03 15.40 -28.56
C GLN A 99 -20.09 14.88 -30.00
N LEU A 100 -18.91 14.51 -30.50
CA LEU A 100 -18.78 13.92 -31.82
C LEU A 100 -18.23 12.51 -31.80
N LEU A 101 -17.65 12.06 -30.70
CA LEU A 101 -17.11 10.71 -30.59
C LEU A 101 -18.13 9.71 -30.07
N GLN A 102 -19.12 10.18 -29.30
CA GLN A 102 -20.19 9.33 -28.78
C GLN A 102 -19.63 8.17 -27.96
N ILE A 103 -18.65 8.46 -27.11
CA ILE A 103 -18.09 7.42 -26.25
C ILE A 103 -19.09 7.03 -25.17
N ARG A 104 -19.06 5.76 -24.77
CA ARG A 104 -19.89 5.26 -23.70
C ARG A 104 -19.01 4.60 -22.65
N PRO A 105 -19.08 5.04 -21.39
CA PRO A 105 -18.23 4.45 -20.35
C PRO A 105 -18.62 3.03 -19.98
N GLU A 106 -19.66 2.47 -20.59
CA GLU A 106 -20.08 1.11 -20.29
C GLU A 106 -19.12 0.05 -20.82
N SER A 107 -18.22 0.42 -21.72
CA SER A 107 -17.29 -0.54 -22.30
C SER A 107 -15.86 -0.14 -21.96
N LYS A 108 -15.00 -1.15 -21.88
CA LYS A 108 -13.58 -0.96 -21.62
C LYS A 108 -12.74 -1.11 -22.89
N GLN A 109 -13.35 -0.97 -24.05
CA GLN A 109 -12.66 -1.04 -25.33
C GLN A 109 -12.60 0.30 -26.04
N ASP A 110 -13.69 1.07 -26.04
CA ASP A 110 -13.66 2.39 -26.65
C ASP A 110 -12.73 3.34 -25.90
N ARG A 111 -12.54 3.11 -24.59
CA ARG A 111 -11.58 3.92 -23.84
C ARG A 111 -10.16 3.66 -24.34
N GLU A 112 -9.80 2.39 -24.52
CA GLU A 112 -8.49 2.07 -25.09
C GLU A 112 -8.38 2.58 -26.52
N LEU A 113 -9.48 2.58 -27.26
CA LEU A 113 -9.47 3.13 -28.60
C LEU A 113 -9.18 4.62 -28.59
N PHE A 114 -9.78 5.35 -27.63
CA PHE A 114 -9.48 6.77 -27.48
C PHE A 114 -8.02 6.98 -27.10
N GLN A 115 -7.50 6.15 -26.19
CA GLN A 115 -6.12 6.30 -25.76
C GLN A 115 -5.14 6.01 -26.89
N ILE A 116 -5.45 5.07 -27.76
CA ILE A 116 -4.57 4.80 -28.89
C ILE A 116 -4.76 5.86 -29.98
N ALA A 117 -5.94 6.47 -30.05
CA ALA A 117 -6.12 7.60 -30.96
C ALA A 117 -5.25 8.77 -30.53
N GLN A 118 -5.16 9.02 -29.22
CA GLN A 118 -4.23 9.99 -28.67
C GLN A 118 -2.87 9.83 -29.32
N LYS A 119 -2.32 8.61 -29.24
CA LYS A 119 -0.97 8.35 -29.70
C LYS A 119 -0.85 8.43 -31.22
N VAL A 120 -1.83 7.86 -31.94
CA VAL A 120 -1.70 7.82 -33.39
C VAL A 120 -1.86 9.21 -34.00
N CYS A 121 -2.52 10.14 -33.29
CA CYS A 121 -2.53 11.50 -33.78
C CYS A 121 -1.28 12.27 -33.33
N ALA A 122 -0.81 12.00 -32.12
CA ALA A 122 0.40 12.68 -31.64
C ALA A 122 1.59 12.35 -32.53
N ILE A 123 1.72 11.10 -32.96
CA ILE A 123 2.89 10.71 -33.74
C ILE A 123 2.89 11.41 -35.10
N ILE A 124 1.73 11.48 -35.75
CA ILE A 124 1.67 12.13 -37.06
C ILE A 124 1.86 13.63 -36.91
N LEU A 125 1.40 14.20 -35.79
CA LEU A 125 1.68 15.62 -35.56
C LEU A 125 3.18 15.85 -35.39
N ILE A 126 3.86 14.96 -34.67
CA ILE A 126 5.32 15.05 -34.56
C ILE A 126 5.96 14.97 -35.94
N LEU A 127 5.49 14.02 -36.76
CA LEU A 127 6.02 13.89 -38.12
C LEU A 127 5.90 15.20 -38.88
N GLY A 128 4.70 15.79 -38.87
CA GLY A 128 4.48 17.02 -39.60
C GLY A 128 5.32 18.17 -39.08
N GLN A 129 5.39 18.32 -37.75
CA GLN A 129 6.13 19.44 -37.17
C GLN A 129 7.62 19.29 -37.41
N ALA A 130 8.16 18.08 -37.28
CA ALA A 130 9.57 17.87 -37.55
C ALA A 130 9.90 18.12 -39.01
N LEU A 131 9.02 17.65 -39.91
CA LEU A 131 9.27 17.86 -41.33
C LEU A 131 9.24 19.35 -41.68
N VAL A 132 8.25 20.08 -41.17
CA VAL A 132 8.15 21.50 -41.50
C VAL A 132 9.32 22.27 -40.90
N VAL A 133 9.74 21.91 -39.68
CA VAL A 133 10.83 22.65 -39.06
C VAL A 133 12.15 22.35 -39.76
N VAL A 134 12.35 21.12 -40.22
CA VAL A 134 13.60 20.79 -40.89
C VAL A 134 13.61 21.31 -42.32
N MET A 135 12.44 21.53 -42.93
CA MET A 135 12.40 22.04 -44.30
C MET A 135 12.38 23.56 -44.37
N THR A 136 11.91 24.24 -43.33
CA THR A 136 11.83 25.69 -43.33
C THR A 136 12.73 26.35 -42.31
N GLY A 137 13.13 25.64 -41.26
CA GLY A 137 13.99 26.22 -40.24
C GLY A 137 15.30 26.74 -40.80
N ASN A 138 15.97 27.53 -39.99
CA ASN A 138 17.20 28.21 -40.37
C ASN A 138 18.43 27.31 -40.32
N TYR A 139 18.24 25.98 -40.28
CA TYR A 139 19.37 25.07 -40.20
C TYR A 139 20.11 24.98 -41.53
N GLY A 140 19.39 25.13 -42.64
CA GLY A 140 20.01 25.05 -43.95
C GLY A 140 19.34 24.05 -44.86
N ALA A 141 19.27 24.37 -46.15
CA ALA A 141 18.65 23.47 -47.12
C ALA A 141 19.52 22.24 -47.36
N PRO A 142 20.85 22.37 -47.51
CA PRO A 142 21.61 21.12 -47.64
C PRO A 142 21.64 20.30 -46.35
N LEU A 147 21.96 15.71 -47.08
CA LEU A 147 20.89 14.73 -46.93
C LEU A 147 21.11 13.80 -45.73
N PRO A 148 22.32 13.27 -45.53
CA PRO A 148 22.56 12.52 -44.30
C PRO A 148 22.40 13.38 -43.06
N ILE A 149 22.90 14.61 -43.10
CA ILE A 149 22.74 15.52 -41.97
C ILE A 149 21.26 15.82 -41.75
N CYS A 150 20.51 16.00 -42.83
CA CYS A 150 19.08 16.29 -42.71
C CYS A 150 18.34 15.12 -42.08
N LEU A 151 18.56 13.91 -42.56
CA LEU A 151 17.88 12.75 -41.99
C LEU A 151 18.30 12.52 -40.55
N LEU A 152 19.57 12.77 -40.23
CA LEU A 152 20.01 12.60 -38.85
C LEU A 152 19.36 13.60 -37.93
N LEU A 153 19.26 14.86 -38.36
CA LEU A 153 18.59 15.87 -37.54
C LEU A 153 17.11 15.59 -37.40
N ILE A 154 16.49 14.99 -38.42
CA ILE A 154 15.09 14.59 -38.29
C ILE A 154 14.96 13.47 -37.27
N PHE A 155 15.83 12.46 -37.35
CA PHE A 155 15.75 11.32 -36.45
C PHE A 155 16.01 11.73 -35.01
N GLN A 156 16.89 12.72 -34.80
CA GLN A 156 17.15 13.21 -33.45
C GLN A 156 15.86 13.70 -32.80
N LEU A 157 15.15 14.62 -33.49
CA LEU A 157 13.90 15.14 -32.94
C LEU A 157 12.85 14.04 -32.84
N MET A 158 12.83 13.10 -33.78
CA MET A 158 11.88 12.01 -33.69
C MET A 158 12.09 11.20 -32.42
N PHE A 159 13.34 10.84 -32.14
CA PHE A 159 13.63 10.06 -30.94
C PHE A 159 13.35 10.86 -29.68
N ALA A 160 13.68 12.15 -29.69
CA ALA A 160 13.40 12.98 -28.52
C ALA A 160 11.91 13.05 -28.23
N SER A 161 11.10 13.29 -29.27
CA SER A 161 9.66 13.39 -29.09
C SER A 161 9.06 12.06 -28.65
N LEU A 162 9.50 10.94 -29.24
CA LEU A 162 8.98 9.65 -28.81
C LEU A 162 9.38 9.37 -27.37
N ILE A 163 10.59 9.76 -26.97
CA ILE A 163 11.03 9.54 -25.60
C ILE A 163 10.17 10.34 -24.63
N VAL A 164 9.92 11.62 -24.93
CA VAL A 164 9.17 12.43 -23.98
C VAL A 164 7.71 11.98 -23.92
N MET A 165 7.14 11.59 -25.06
CA MET A 165 5.78 11.07 -25.06
C MET A 165 5.69 9.77 -24.27
N LEU A 166 6.64 8.86 -24.48
CA LEU A 166 6.65 7.61 -23.75
C LEU A 166 6.85 7.85 -22.25
N LEU A 167 7.65 8.85 -21.90
CA LEU A 167 7.87 9.16 -20.49
C LEU A 167 6.61 9.70 -19.85
N ASP A 168 5.88 10.57 -20.54
CA ASP A 168 4.61 11.06 -20.02
C ASP A 168 3.61 9.93 -19.89
N GLU A 169 3.56 9.04 -20.86
CA GLU A 169 2.68 7.88 -20.76
C GLU A 169 3.03 7.02 -19.56
N LEU A 170 4.33 6.85 -19.31
CA LEU A 170 4.78 6.05 -18.16
C LEU A 170 4.35 6.69 -16.86
N LEU A 171 4.59 8.00 -16.72
CA LEU A 171 4.22 8.69 -15.49
C LEU A 171 2.70 8.70 -15.29
N SER A 172 1.93 8.72 -16.38
CA SER A 172 0.49 8.73 -16.25
C SER A 172 -0.10 7.35 -16.03
N LYS A 173 0.61 6.29 -16.39
CA LYS A 173 0.07 4.94 -16.22
C LYS A 173 -0.08 4.54 -14.76
N GLY A 174 0.66 5.18 -13.85
CA GLY A 174 0.54 4.87 -12.44
C GLY A 174 1.88 4.86 -11.72
N TYR A 175 2.96 4.90 -12.49
CA TYR A 175 4.29 4.95 -11.91
C TYR A 175 4.65 6.33 -11.38
N GLY A 176 3.86 7.35 -11.70
CA GLY A 176 4.15 8.70 -11.26
C GLY A 176 3.04 9.26 -10.40
N LEU A 177 3.37 10.33 -9.67
CA LEU A 177 2.39 10.94 -8.78
C LEU A 177 1.21 11.52 -9.53
N GLY A 178 1.40 11.90 -10.80
CA GLY A 178 0.31 12.44 -11.59
C GLY A 178 0.67 12.57 -13.06
N SER A 179 0.10 13.56 -13.72
CA SER A 179 0.40 13.77 -15.13
C SER A 179 1.83 14.26 -15.31
N GLY A 180 2.30 14.19 -16.55
CA GLY A 180 3.66 14.62 -16.85
C GLY A 180 3.75 16.04 -17.33
N ILE A 181 2.74 16.49 -18.08
CA ILE A 181 2.76 17.84 -18.64
C ILE A 181 2.71 18.89 -17.53
N SER A 182 1.77 18.72 -16.59
CA SER A 182 1.68 19.66 -15.48
C SER A 182 2.94 19.61 -14.63
N LEU A 183 3.48 18.41 -14.43
CA LEU A 183 4.71 18.28 -13.66
C LEU A 183 5.85 19.07 -14.30
N PHE A 184 6.04 18.89 -15.62
CA PHE A 184 7.15 19.57 -16.29
C PHE A 184 6.92 21.07 -16.34
N ILE A 185 5.66 21.51 -16.48
CA ILE A 185 5.38 22.94 -16.42
C ILE A 185 5.77 23.51 -15.07
N ALA A 186 5.38 22.82 -13.99
CA ALA A 186 5.76 23.29 -12.66
C ALA A 186 7.27 23.30 -12.48
N THR A 187 7.96 22.30 -13.06
CA THR A 187 9.40 22.26 -12.95
C THR A 187 10.04 23.45 -13.64
N ASN A 188 9.60 23.76 -14.85
CA ASN A 188 10.15 24.92 -15.55
C ASN A 188 9.85 26.20 -14.80
N ILE A 189 8.66 26.29 -14.17
CA ILE A 189 8.34 27.47 -13.38
C ILE A 189 9.32 27.62 -12.22
N ALA A 190 9.52 26.54 -11.47
CA ALA A 190 10.44 26.59 -10.33
C ALA A 190 11.87 26.89 -10.78
N GLU A 191 12.27 26.33 -11.92
CA GLU A 191 13.61 26.56 -12.43
C GLU A 191 13.81 28.02 -12.81
N GLN A 192 12.83 28.61 -13.49
CA GLN A 192 12.93 30.03 -13.82
C GLN A 192 12.94 30.89 -12.58
N ILE A 193 12.14 30.53 -11.57
CA ILE A 193 12.13 31.29 -10.32
C ILE A 193 13.50 31.24 -9.65
N PHE A 194 14.09 30.06 -9.57
CA PHE A 194 15.40 29.94 -8.94
C PHE A 194 16.49 30.62 -9.76
N TRP A 195 16.35 30.63 -11.09
CA TRP A 195 17.34 31.30 -11.92
C TRP A 195 17.24 32.81 -11.81
N ARG A 196 16.04 33.35 -11.59
CA ARG A 196 15.89 34.78 -11.42
C ARG A 196 16.55 35.29 -10.14
N ALA A 197 16.95 34.39 -9.24
CA ALA A 197 17.52 34.78 -7.96
C ALA A 197 18.96 34.33 -7.77
N PHE A 198 19.34 33.18 -8.32
CA PHE A 198 20.67 32.62 -8.10
C PHE A 198 21.47 32.47 -9.38
N ALA A 199 21.28 33.39 -10.31
CA ALA A 199 21.99 33.30 -11.59
C ALA A 199 23.43 33.74 -11.42
N PRO A 200 24.41 32.87 -11.65
CA PRO A 200 25.81 33.28 -11.56
C PRO A 200 26.30 34.06 -12.77
N THR A 201 25.47 34.21 -13.80
CA THR A 201 25.87 34.98 -14.97
C THR A 201 26.12 36.44 -14.60
N THR A 202 27.11 37.04 -15.24
CA THR A 202 27.47 38.43 -15.01
C THR A 202 27.33 39.25 -16.28
N VAL A 203 27.12 40.55 -16.09
CA VAL A 203 27.04 41.51 -17.19
C VAL A 203 27.80 42.75 -16.77
N ASN A 204 28.77 43.17 -17.59
CA ASN A 204 29.57 44.37 -17.34
C ASN A 204 29.12 45.45 -18.32
N SER A 205 28.51 46.51 -17.78
CA SER A 205 28.03 47.64 -18.58
C SER A 205 28.55 48.92 -17.94
N GLY A 206 29.76 49.31 -18.33
CA GLY A 206 30.31 50.59 -17.89
C GLY A 206 30.78 50.62 -16.46
N ARG A 207 29.85 50.49 -15.51
CA ARG A 207 30.20 50.63 -14.10
C ARG A 207 31.01 49.44 -13.61
N GLY A 208 30.68 48.25 -14.05
CA GLY A 208 31.42 47.06 -13.65
C GLY A 208 30.59 45.81 -13.85
N LYS A 209 31.14 44.70 -13.36
CA LYS A 209 30.49 43.40 -13.45
C LYS A 209 29.51 43.23 -12.31
N GLU A 210 28.28 42.86 -12.64
CA GLU A 210 27.22 42.68 -11.65
C GLU A 210 26.49 41.39 -11.93
N PHE A 211 26.15 40.66 -10.87
CA PHE A 211 25.43 39.41 -11.02
C PHE A 211 23.99 39.64 -11.46
N GLU A 212 23.46 38.68 -12.22
CA GLU A 212 22.07 38.70 -12.62
C GLU A 212 21.15 37.98 -11.64
N GLY A 213 21.68 37.54 -10.50
CA GLY A 213 20.90 36.97 -9.44
C GLY A 213 20.70 37.96 -8.31
N ALA A 214 19.71 37.67 -7.46
CA ALA A 214 19.38 38.56 -6.36
C ALA A 214 20.29 38.33 -5.16
N VAL A 215 20.24 37.13 -4.59
CA VAL A 215 21.04 36.83 -3.41
C VAL A 215 22.52 36.86 -3.75
N ILE A 216 22.87 36.43 -4.97
CA ILE A 216 24.28 36.38 -5.37
C ILE A 216 24.89 37.77 -5.36
N ALA A 217 24.31 38.69 -6.13
CA ALA A 217 24.83 40.05 -6.16
C ALA A 217 24.67 40.74 -4.82
N PHE A 218 23.63 40.38 -4.07
CA PHE A 218 23.46 40.92 -2.72
C PHE A 218 24.68 40.62 -1.86
N PHE A 219 25.01 39.34 -1.69
CA PHE A 219 26.14 38.98 -0.85
C PHE A 219 27.46 39.45 -1.46
N HIS A 220 27.54 39.49 -2.79
CA HIS A 220 28.74 40.00 -3.45
C HIS A 220 29.01 41.45 -3.04
N LEU A 221 27.99 42.31 -3.14
CA LEU A 221 28.15 43.69 -2.74
C LEU A 221 28.34 43.82 -1.23
N LEU A 222 27.75 42.92 -0.45
CA LEU A 222 27.93 42.96 0.99
C LEU A 222 29.34 42.60 1.38
N ALA A 223 30.03 41.81 0.57
CA ALA A 223 31.39 41.39 0.87
C ALA A 223 32.44 42.35 0.31
N VAL A 224 32.28 42.77 -0.95
CA VAL A 224 33.37 43.46 -1.63
C VAL A 224 33.30 44.99 -1.49
N ARG A 225 32.11 45.55 -1.28
CA ARG A 225 31.99 47.01 -1.29
C ARG A 225 32.53 47.64 -0.01
N LYS A 226 32.38 46.95 1.12
CA LYS A 226 32.87 47.45 2.41
C LYS A 226 32.26 48.80 2.76
N ASP A 227 31.02 49.03 2.31
CA ASP A 227 30.25 50.22 2.65
C ASP A 227 28.80 49.74 2.85
N LYS A 228 28.48 49.39 4.09
CA LYS A 228 27.22 48.69 4.35
C LYS A 228 26.02 49.59 4.13
N LYS A 229 26.05 50.80 4.69
CA LYS A 229 24.90 51.69 4.61
C LYS A 229 24.50 51.98 3.16
N ARG A 230 25.48 52.03 2.25
CA ARG A 230 25.19 52.30 0.86
C ARG A 230 24.93 51.04 0.05
N ALA A 231 25.76 50.00 0.26
CA ALA A 231 25.60 48.77 -0.51
C ALA A 231 24.29 48.07 -0.20
N LEU A 232 23.81 48.18 1.04
CA LEU A 232 22.54 47.53 1.39
C LEU A 232 21.39 48.07 0.55
N VAL A 233 21.22 49.38 0.53
CA VAL A 233 20.14 49.98 -0.25
C VAL A 233 20.41 49.83 -1.75
N GLU A 234 21.69 49.81 -2.14
CA GLU A 234 22.01 49.63 -3.55
C GLU A 234 21.62 48.24 -4.04
N ALA A 235 21.77 47.22 -3.21
CA ALA A 235 21.45 45.86 -3.60
C ALA A 235 20.03 45.45 -3.23
N PHE A 236 19.32 46.27 -2.46
CA PHE A 236 17.95 45.93 -2.09
C PHE A 236 16.93 46.51 -3.06
N TYR A 237 17.25 47.62 -3.72
CA TYR A 237 16.35 48.21 -4.72
C TYR A 237 16.59 47.63 -6.10
N ARG A 238 17.78 47.85 -6.66
CA ARG A 238 18.18 47.32 -7.97
C ARG A 238 17.08 47.55 -9.01
N THR A 239 16.88 48.84 -9.32
CA THR A 239 15.83 49.20 -10.28
C THR A 239 15.98 48.49 -11.61
N ASN A 240 17.19 48.03 -11.94
CA ASN A 240 17.45 47.39 -13.21
C ASN A 240 17.37 45.87 -13.18
N LEU A 241 17.62 45.26 -12.03
CA LEU A 241 17.74 43.81 -11.96
C LEU A 241 16.94 43.26 -10.78
N PRO A 242 16.65 41.95 -10.75
CA PRO A 242 15.94 41.39 -9.60
C PRO A 242 16.71 41.62 -8.31
N ASN A 243 15.96 41.91 -7.24
CA ASN A 243 16.56 42.24 -5.97
C ASN A 243 15.99 41.38 -4.84
N MET A 244 16.36 41.71 -3.61
CA MET A 244 15.87 40.94 -2.46
C MET A 244 14.42 41.29 -2.13
N PHE A 245 13.99 42.51 -2.44
CA PHE A 245 12.60 42.89 -2.20
C PHE A 245 11.65 42.02 -3.02
N GLN A 246 11.99 41.77 -4.28
CA GLN A 246 11.16 40.89 -5.09
C GLN A 246 11.14 39.47 -4.53
N VAL A 247 12.25 39.01 -3.98
CA VAL A 247 12.29 37.68 -3.38
C VAL A 247 11.37 37.62 -2.17
N LEU A 248 11.43 38.62 -1.30
CA LEU A 248 10.54 38.65 -0.15
C LEU A 248 9.08 38.71 -0.60
N MET A 249 8.78 39.50 -1.62
CA MET A 249 7.41 39.61 -2.10
C MET A 249 6.90 38.28 -2.65
N THR A 250 7.71 37.59 -3.45
CA THR A 250 7.26 36.32 -4.01
C THR A 250 7.16 35.25 -2.94
N VAL A 251 8.02 35.29 -1.92
CA VAL A 251 7.89 34.34 -0.82
C VAL A 251 6.61 34.60 -0.04
N ALA A 252 6.30 35.88 0.19
CA ALA A 252 5.08 36.21 0.93
C ALA A 252 3.84 35.76 0.15
N ILE A 253 3.81 36.02 -1.16
CA ILE A 253 2.67 35.59 -1.96
C ILE A 253 2.60 34.07 -2.01
N PHE A 254 3.76 33.40 -2.03
CA PHE A 254 3.77 31.95 -2.01
C PHE A 254 3.12 31.41 -0.74
N LEU A 255 3.52 31.96 0.41
CA LEU A 255 2.93 31.53 1.68
C LEU A 255 1.45 31.85 1.75
N PHE A 256 1.06 33.02 1.23
CA PHE A 256 -0.35 33.39 1.25
C PHE A 256 -1.18 32.44 0.39
N VAL A 257 -0.66 32.07 -0.79
CA VAL A 257 -1.37 31.11 -1.64
C VAL A 257 -1.46 29.76 -0.95
N LEU A 258 -0.37 29.34 -0.30
CA LEU A 258 -0.39 28.08 0.44
C LEU A 258 -1.45 28.09 1.52
N TYR A 259 -1.60 29.22 2.23
CA TYR A 259 -2.66 29.31 3.23
C TYR A 259 -4.03 29.30 2.58
N LEU A 260 -4.17 29.92 1.40
CA LEU A 260 -5.45 29.99 0.72
C LEU A 260 -5.84 28.68 0.05
N GLN A 261 -5.01 27.63 0.16
CA GLN A 261 -5.34 26.36 -0.46
C GLN A 261 -6.19 25.45 0.42
N GLY A 262 -6.09 25.60 1.73
CA GLY A 262 -6.86 24.77 2.63
C GLY A 262 -8.31 25.17 2.76
N PHE A 263 -8.70 26.31 2.19
CA PHE A 263 -10.08 26.72 2.23
C PHE A 263 -10.96 25.72 1.49
N ARG A 264 -12.02 25.27 2.15
CA ARG A 264 -12.87 24.24 1.60
C ARG A 264 -14.17 24.18 2.38
N TYR A 265 -15.25 23.86 1.69
CA TYR A 265 -16.55 23.67 2.31
C TYR A 265 -16.90 22.19 2.24
N GLU A 266 -16.99 21.55 3.40
CA GLU A 266 -17.24 20.12 3.49
C GLU A 266 -18.71 19.95 3.86
N LEU A 267 -19.53 19.58 2.88
CA LEU A 267 -20.88 19.45 3.42
C LEU A 267 -21.12 18.02 3.86
N PRO A 268 -21.85 17.85 4.97
CA PRO A 268 -22.10 16.50 5.49
C PRO A 268 -22.97 15.69 4.54
N ILE A 269 -22.51 14.51 4.19
CA ILE A 269 -23.19 13.65 3.24
C ILE A 269 -23.28 12.24 3.82
N ARG A 270 -24.34 11.52 3.43
CA ARG A 270 -24.56 10.16 3.87
C ARG A 270 -25.10 9.35 2.70
N SER A 271 -24.93 8.04 2.78
CA SER A 271 -25.40 7.13 1.76
C SER A 271 -26.77 6.56 2.12
N THR A 272 -27.52 6.17 1.10
CA THR A 272 -28.83 5.58 1.29
C THR A 272 -28.93 4.14 0.78
N LYS A 273 -28.20 3.78 -0.28
CA LYS A 273 -28.21 2.40 -0.73
C LYS A 273 -27.48 1.50 0.26
N VAL A 274 -26.22 1.81 0.56
CA VAL A 274 -25.44 1.11 1.56
C VAL A 274 -25.36 2.00 2.79
N ARG A 275 -26.21 1.73 3.77
CA ARG A 275 -26.27 2.54 4.97
C ARG A 275 -25.01 2.39 5.80
N GLY A 276 -24.60 3.48 6.44
CA GLY A 276 -23.44 3.47 7.30
C GLY A 276 -22.16 3.97 6.69
N GLN A 277 -22.21 4.60 5.53
CA GLN A 277 -21.04 5.22 4.92
C GLN A 277 -21.16 6.73 5.09
N ILE A 278 -20.45 7.27 6.08
CA ILE A 278 -20.51 8.68 6.41
C ILE A 278 -19.21 9.34 5.97
N GLY A 279 -19.33 10.46 5.28
CA GLY A 279 -18.18 11.20 4.83
C GLY A 279 -18.53 12.65 4.57
N ILE A 280 -17.62 13.33 3.86
CA ILE A 280 -17.81 14.73 3.52
C ILE A 280 -17.44 14.93 2.07
N TYR A 281 -18.09 15.89 1.44
CA TYR A 281 -17.79 16.28 0.06
C TYR A 281 -17.12 17.64 0.07
N PRO A 282 -15.81 17.72 -0.16
CA PRO A 282 -15.11 19.00 -0.06
C PRO A 282 -15.36 19.87 -1.29
N ILE A 283 -15.56 21.16 -1.03
CA ILE A 283 -15.72 22.17 -2.07
C ILE A 283 -14.62 23.18 -1.87
N LYS A 284 -13.53 23.04 -2.62
CA LYS A 284 -12.38 23.92 -2.44
C LYS A 284 -12.69 25.32 -2.98
N LEU A 285 -11.87 26.28 -2.54
CA LEU A 285 -12.08 27.66 -2.97
C LEU A 285 -11.68 27.84 -4.43
N PHE A 286 -10.45 27.47 -4.77
CA PHE A 286 -9.97 27.53 -6.15
C PHE A 286 -10.64 26.41 -6.92
N TYR A 287 -11.91 26.62 -7.25
CA TYR A 287 -12.74 25.55 -7.78
C TYR A 287 -12.28 25.09 -9.15
N THR A 288 -11.99 26.03 -10.04
CA THR A 288 -11.55 25.65 -11.37
C THR A 288 -10.12 25.10 -11.32
N SER A 289 -9.66 24.64 -12.48
CA SER A 289 -8.31 24.11 -12.62
C SER A 289 -7.36 25.17 -13.18
N ASN A 290 -7.55 26.43 -12.78
CA ASN A 290 -6.62 27.53 -13.04
C ASN A 290 -6.54 27.90 -14.52
N THR A 291 -7.46 27.40 -15.34
CA THR A 291 -7.49 27.73 -16.76
C THR A 291 -8.10 29.11 -17.06
N PRO A 292 -9.17 29.55 -16.37
CA PRO A 292 -9.82 30.81 -16.79
C PRO A 292 -8.88 32.00 -16.81
N ILE A 293 -7.94 32.08 -15.87
CA ILE A 293 -6.98 33.17 -15.89
C ILE A 293 -6.07 33.05 -17.12
N ILE A 294 -5.74 31.81 -17.51
CA ILE A 294 -4.91 31.62 -18.69
C ILE A 294 -5.66 32.09 -19.94
N LEU A 295 -6.95 31.77 -20.02
CA LEU A 295 -7.76 32.23 -21.15
C LEU A 295 -7.86 33.75 -21.16
N GLN A 296 -8.04 34.35 -19.98
CA GLN A 296 -8.12 35.80 -19.90
C GLN A 296 -6.81 36.45 -20.37
N SER A 297 -5.68 35.90 -19.94
CA SER A 297 -4.39 36.44 -20.35
C SER A 297 -4.19 36.30 -21.86
N ALA A 298 -4.54 35.13 -22.41
CA ALA A 298 -4.43 34.94 -23.86
C ALA A 298 -5.30 35.93 -24.61
N LEU A 299 -6.54 36.13 -24.13
CA LEU A 299 -7.46 37.04 -24.79
C LEU A 299 -6.94 38.46 -24.77
N THR A 300 -6.46 38.92 -23.60
CA THR A 300 -5.99 40.31 -23.52
C THR A 300 -4.72 40.51 -24.33
N SER A 301 -3.84 39.49 -24.39
CA SER A 301 -2.65 39.61 -25.22
C SER A 301 -3.03 39.69 -26.70
N ASN A 302 -3.98 38.84 -27.13
CA ASN A 302 -4.41 38.87 -28.52
C ASN A 302 -5.04 40.22 -28.88
N ILE A 303 -5.90 40.74 -28.00
CA ILE A 303 -6.56 42.00 -28.32
C ILE A 303 -5.55 43.15 -28.28
N PHE A 304 -4.55 43.08 -27.41
CA PHE A 304 -3.53 44.13 -27.38
C PHE A 304 -2.71 44.13 -28.66
N LEU A 305 -2.27 42.95 -29.11
CA LEU A 305 -1.49 42.89 -30.34
C LEU A 305 -2.35 43.28 -31.54
N ILE A 306 -3.64 42.95 -31.52
CA ILE A 306 -4.52 43.34 -32.63
C ILE A 306 -4.70 44.85 -32.66
N SER A 307 -4.88 45.47 -31.49
CA SER A 307 -4.97 46.93 -31.44
C SER A 307 -3.69 47.57 -31.94
N GLN A 308 -2.53 47.02 -31.56
CA GLN A 308 -1.26 47.54 -32.04
C GLN A 308 -1.16 47.44 -33.56
N ILE A 309 -1.51 46.28 -34.11
CA ILE A 309 -1.43 46.07 -35.56
C ILE A 309 -2.36 47.01 -36.30
N LEU A 310 -3.59 47.18 -35.79
CA LEU A 310 -4.55 48.03 -36.49
C LEU A 310 -4.16 49.50 -36.41
N PHE A 311 -3.65 49.95 -35.25
CA PHE A 311 -3.18 51.32 -35.16
C PHE A 311 -1.95 51.56 -36.03
N GLN A 312 -1.12 50.53 -36.19
CA GLN A 312 0.01 50.63 -37.10
C GLN A 312 -0.46 50.73 -38.55
N LYS A 313 -1.51 49.99 -38.89
CA LYS A 313 -2.02 50.05 -40.26
C LYS A 313 -2.72 51.38 -40.53
N TYR A 314 -3.60 51.80 -39.61
CA TYR A 314 -4.32 53.04 -39.76
C TYR A 314 -3.81 54.06 -38.74
N PRO A 315 -3.02 55.04 -39.15
CA PRO A 315 -2.47 56.01 -38.19
C PRO A 315 -3.54 56.86 -37.53
N THR A 316 -4.38 57.50 -38.33
CA THR A 316 -5.41 58.41 -37.83
C THR A 316 -6.77 58.03 -38.41
N ASN A 317 -7.77 57.94 -37.55
CA ASN A 317 -9.14 57.64 -37.93
C ASN A 317 -10.03 58.01 -36.77
N PRO A 318 -11.25 58.50 -37.02
CA PRO A 318 -12.15 58.85 -35.91
C PRO A 318 -12.39 57.71 -34.93
N LEU A 319 -12.40 56.47 -35.41
CA LEU A 319 -12.62 55.33 -34.52
C LEU A 319 -11.32 54.68 -34.07
N ILE A 320 -10.28 54.68 -34.91
CA ILE A 320 -9.03 54.06 -34.52
C ILE A 320 -8.31 54.89 -33.47
N ARG A 321 -8.39 56.22 -33.57
CA ARG A 321 -7.79 57.07 -32.55
C ARG A 321 -8.48 56.91 -31.21
N LEU A 322 -9.76 56.52 -31.21
CA LEU A 322 -10.49 56.32 -29.97
C LEU A 322 -10.25 54.93 -29.39
N ILE A 323 -10.16 53.91 -30.24
CA ILE A 323 -10.05 52.55 -29.73
C ILE A 323 -8.64 52.28 -29.21
N GLY A 324 -7.62 52.94 -29.77
CA GLY A 324 -6.27 52.73 -29.31
C GLY A 324 -5.22 53.60 -29.98
N VAL A 325 -4.30 54.12 -29.18
CA VAL A 325 -3.18 54.92 -29.69
C VAL A 325 -1.91 54.38 -29.05
N TRP A 326 -0.86 54.23 -29.86
CA TRP A 326 0.39 53.64 -29.42
C TRP A 326 1.54 54.63 -29.58
N GLY A 327 2.45 54.62 -28.63
CA GLY A 327 3.59 55.50 -28.66
C GLY A 327 4.65 55.07 -27.67
N ILE A 328 5.55 55.99 -27.37
CA ILE A 328 6.61 55.73 -26.40
C ILE A 328 6.20 56.17 -25.01
N GLN A 336 7.35 49.25 -27.21
CA GLN A 336 6.28 50.23 -27.35
C GLN A 336 5.26 50.10 -26.22
N MET A 337 4.33 51.04 -26.16
CA MET A 337 3.31 51.04 -25.12
C MET A 337 2.13 51.89 -25.58
N ALA A 338 0.93 51.33 -25.51
CA ALA A 338 -0.27 52.08 -25.88
C ALA A 338 -0.57 53.15 -24.85
N LEU A 339 -1.03 54.31 -25.33
CA LEU A 339 -1.35 55.43 -24.47
C LEU A 339 -2.60 56.11 -25.00
N SER A 340 -3.46 56.55 -24.08
CA SER A 340 -4.73 57.21 -24.40
C SER A 340 -5.56 56.35 -25.36
N GLY A 341 -5.83 55.13 -24.92
CA GLY A 341 -6.63 54.21 -25.71
C GLY A 341 -7.12 53.07 -24.85
N LEU A 342 -8.00 52.26 -25.44
CA LEU A 342 -8.51 51.09 -24.73
C LEU A 342 -7.41 50.09 -24.44
N ALA A 343 -6.50 49.89 -25.40
CA ALA A 343 -5.32 49.06 -25.14
C ALA A 343 -4.47 49.66 -24.02
N TYR A 344 -4.44 50.98 -23.91
CA TYR A 344 -3.74 51.62 -22.81
C TYR A 344 -4.45 51.37 -21.49
N TYR A 345 -5.78 51.32 -21.50
CA TYR A 345 -6.52 51.06 -20.28
C TYR A 345 -6.35 49.62 -19.82
N ILE A 346 -6.36 48.66 -20.76
CA ILE A 346 -6.35 47.25 -20.40
C ILE A 346 -4.96 46.69 -20.17
N GLN A 347 -3.92 47.46 -20.43
CA GLN A 347 -2.57 46.95 -20.25
C GLN A 347 -2.24 46.83 -18.76
N PRO A 348 -1.49 45.81 -18.37
CA PRO A 348 -1.23 45.56 -16.96
C PRO A 348 -0.25 46.56 -16.37
N LEU A 349 -0.41 46.79 -15.07
CA LEU A 349 0.49 47.69 -14.33
C LEU A 349 1.76 46.95 -13.96
N MET A 350 2.90 47.63 -14.10
CA MET A 350 4.20 47.03 -13.82
C MET A 350 4.66 47.28 -12.39
N SER A 351 4.56 48.52 -11.92
CA SER A 351 5.04 48.88 -10.60
C SER A 351 4.06 49.85 -9.95
N LEU A 352 4.42 50.35 -8.78
CA LEU A 352 3.56 51.25 -8.03
C LEU A 352 3.53 52.66 -8.60
N SER A 353 4.53 53.03 -9.40
CA SER A 353 4.55 54.37 -10.00
C SER A 353 3.36 54.55 -10.93
N GLU A 354 3.15 53.60 -11.84
CA GLU A 354 1.99 53.67 -12.72
C GLU A 354 0.70 53.51 -11.93
N ALA A 355 0.76 52.86 -10.77
CA ALA A 355 -0.42 52.74 -9.92
C ALA A 355 -0.83 54.10 -9.37
N LEU A 356 0.10 54.81 -8.74
CA LEU A 356 -0.20 56.14 -8.20
C LEU A 356 -0.30 57.21 -9.27
N LEU A 357 0.09 56.91 -10.51
CA LEU A 357 0.03 57.91 -11.58
C LEU A 357 -1.40 58.28 -11.92
N ASP A 358 -2.19 57.30 -12.38
CA ASP A 358 -3.56 57.54 -12.81
C ASP A 358 -4.47 56.53 -12.11
N PRO A 359 -5.17 56.93 -11.04
CA PRO A 359 -6.03 55.97 -10.34
C PRO A 359 -7.18 55.45 -11.17
N ILE A 360 -7.63 56.22 -12.18
CA ILE A 360 -8.75 55.78 -13.01
C ILE A 360 -8.36 54.54 -13.80
N LYS A 361 -7.21 54.59 -14.49
CA LYS A 361 -6.76 53.43 -15.24
C LYS A 361 -6.56 52.22 -14.33
N THR A 362 -5.98 52.44 -13.15
CA THR A 362 -5.76 51.34 -12.22
C THR A 362 -7.08 50.70 -11.82
N ILE A 363 -8.06 51.51 -11.42
CA ILE A 363 -9.30 50.95 -10.89
C ILE A 363 -10.10 50.27 -12.01
N VAL A 364 -10.08 50.84 -13.21
CA VAL A 364 -10.82 50.20 -14.29
C VAL A 364 -10.14 48.89 -14.68
N TYR A 365 -8.81 48.86 -14.68
CA TYR A 365 -8.09 47.62 -14.96
C TYR A 365 -8.40 46.55 -13.93
N ILE A 366 -8.42 46.94 -12.66
CA ILE A 366 -8.73 45.99 -11.59
C ILE A 366 -10.13 45.44 -11.78
N THR A 367 -11.11 46.31 -11.97
CA THR A 367 -12.49 45.86 -12.14
C THR A 367 -12.63 44.96 -13.34
N PHE A 368 -11.94 45.29 -14.45
CA PHE A 368 -12.03 44.47 -15.65
C PHE A 368 -11.44 43.08 -15.41
N VAL A 369 -10.24 43.02 -14.85
CA VAL A 369 -9.59 41.73 -14.64
C VAL A 369 -10.33 40.89 -13.61
N LEU A 370 -11.09 41.53 -12.71
CA LEU A 370 -11.87 40.75 -11.76
C LEU A 370 -13.15 40.23 -12.39
N GLY A 371 -13.89 41.09 -13.09
CA GLY A 371 -15.13 40.66 -13.71
C GLY A 371 -14.90 39.60 -14.78
N SER A 372 -13.87 39.79 -15.60
CA SER A 372 -13.58 38.81 -16.65
C SER A 372 -13.23 37.45 -16.05
N CYS A 373 -12.38 37.44 -15.03
CA CYS A 373 -12.01 36.17 -14.41
C CYS A 373 -13.22 35.51 -13.75
N ALA A 374 -14.10 36.32 -13.14
CA ALA A 374 -15.29 35.76 -12.50
C ALA A 374 -16.20 35.09 -13.53
N VAL A 375 -16.51 35.81 -14.61
CA VAL A 375 -17.40 35.22 -15.61
C VAL A 375 -16.75 34.03 -16.29
N PHE A 376 -15.42 34.06 -16.46
CA PHE A 376 -14.73 32.92 -17.03
C PHE A 376 -14.82 31.71 -16.12
N SER A 377 -14.70 31.91 -14.81
CA SER A 377 -14.85 30.80 -13.89
C SER A 377 -16.26 30.23 -13.92
N LYS A 378 -17.27 31.11 -13.98
CA LYS A 378 -18.65 30.64 -14.07
C LYS A 378 -18.87 29.84 -15.33
N THR A 379 -18.40 30.35 -16.47
CA THR A 379 -18.56 29.62 -17.72
C THR A 379 -17.80 28.31 -17.70
N TRP A 380 -16.63 28.28 -17.03
CA TRP A 380 -15.85 27.06 -16.99
C TRP A 380 -16.52 25.99 -16.14
N ILE A 381 -17.10 26.38 -15.00
CA ILE A 381 -17.80 25.39 -14.20
C ILE A 381 -19.09 24.97 -14.90
N GLU A 382 -19.63 25.82 -15.77
CA GLU A 382 -20.83 25.44 -16.50
C GLU A 382 -20.52 24.49 -17.64
N ILE A 383 -19.36 24.65 -18.27
CA ILE A 383 -19.00 23.87 -19.44
C ILE A 383 -18.31 22.56 -19.06
N SER A 384 -17.50 22.59 -18.02
CA SER A 384 -16.68 21.44 -17.62
C SER A 384 -17.47 20.34 -16.94
N GLY A 385 -18.79 20.41 -16.98
CA GLY A 385 -19.60 19.35 -16.40
C GLY A 385 -19.60 19.32 -14.89
N THR A 386 -19.08 20.35 -14.23
CA THR A 386 -19.06 20.43 -12.79
C THR A 386 -20.20 21.29 -12.25
N SER A 387 -21.28 21.43 -13.03
CA SER A 387 -22.41 22.24 -12.60
C SER A 387 -23.12 21.58 -11.42
N PRO A 388 -23.81 22.38 -10.60
CA PRO A 388 -24.56 21.78 -9.48
C PRO A 388 -25.61 20.80 -9.94
N ARG A 389 -26.15 20.96 -11.15
CA ARG A 389 -27.07 19.97 -11.69
C ARG A 389 -26.38 18.63 -11.90
N ASP A 390 -25.17 18.66 -12.46
CA ASP A 390 -24.43 17.42 -12.68
C ASP A 390 -24.05 16.77 -11.35
N ILE A 391 -23.68 17.59 -10.36
CA ILE A 391 -23.33 17.03 -9.05
C ILE A 391 -24.56 16.41 -8.40
N ALA A 392 -25.73 17.05 -8.55
CA ALA A 392 -26.95 16.48 -8.02
C ALA A 392 -27.29 15.16 -8.71
N LYS A 393 -27.06 15.09 -10.03
CA LYS A 393 -27.29 13.84 -10.74
C LYS A 393 -26.33 12.76 -10.27
N GLN A 394 -25.07 13.13 -10.01
CA GLN A 394 -24.11 12.17 -9.48
C GLN A 394 -24.53 11.67 -8.11
N PHE A 395 -25.03 12.55 -7.26
CA PHE A 395 -25.50 12.14 -5.94
C PHE A 395 -26.70 11.21 -6.06
N LYS A 396 -27.63 11.54 -6.96
CA LYS A 396 -28.80 10.68 -7.16
C LYS A 396 -28.40 9.31 -7.68
N ASP A 397 -27.39 9.25 -8.56
CA ASP A 397 -26.92 7.96 -9.05
C ASP A 397 -26.25 7.17 -7.94
N GLN A 398 -25.28 7.78 -7.25
CA GLN A 398 -24.57 7.10 -6.18
C GLN A 398 -25.45 6.89 -4.96
N GLY A 399 -26.53 7.66 -4.82
CA GLY A 399 -27.42 7.53 -3.68
C GLY A 399 -27.08 8.45 -2.52
N MET A 400 -26.02 9.24 -2.62
CA MET A 400 -25.62 10.12 -1.54
C MET A 400 -26.61 11.28 -1.41
N VAL A 401 -26.86 11.66 -0.17
CA VAL A 401 -27.77 12.77 0.15
C VAL A 401 -27.13 13.61 1.25
N ILE A 402 -27.74 14.76 1.51
CA ILE A 402 -27.28 15.63 2.57
C ILE A 402 -27.69 15.05 3.91
N ASN A 403 -26.87 15.29 4.93
CA ASN A 403 -27.11 14.69 6.24
C ASN A 403 -28.42 15.19 6.84
N GLY A 404 -28.56 16.49 7.03
CA GLY A 404 -29.72 17.04 7.69
C GLY A 404 -30.73 17.70 6.79
N LYS A 405 -30.82 17.27 5.54
CA LYS A 405 -31.78 17.83 4.59
C LYS A 405 -32.46 16.70 3.83
N ARG A 406 -33.46 17.06 3.03
CA ARG A 406 -34.22 16.08 2.27
C ARG A 406 -33.45 15.74 1.00
N GLU A 407 -33.97 14.78 0.23
CA GLU A 407 -33.33 14.40 -1.02
C GLU A 407 -33.80 15.24 -2.20
N THR A 408 -34.98 15.83 -2.10
CA THR A 408 -35.48 16.76 -3.11
C THR A 408 -34.94 18.18 -2.91
N SER A 409 -33.90 18.35 -2.10
CA SER A 409 -33.32 19.67 -1.85
C SER A 409 -31.83 19.71 -2.15
N ILE A 410 -31.26 18.62 -2.66
CA ILE A 410 -29.82 18.59 -2.90
C ILE A 410 -29.43 19.59 -3.99
N TYR A 411 -30.18 19.61 -5.08
CA TYR A 411 -29.88 20.55 -6.17
C TYR A 411 -30.14 21.98 -5.75
N ARG A 412 -31.24 22.21 -5.03
CA ARG A 412 -31.55 23.55 -4.54
C ARG A 412 -30.51 24.04 -3.54
N GLU A 413 -29.84 23.14 -2.83
CA GLU A 413 -28.78 23.54 -1.92
C GLU A 413 -27.46 23.76 -2.65
N LEU A 414 -27.14 22.92 -3.62
CA LEU A 414 -25.93 23.13 -4.40
C LEU A 414 -25.99 24.42 -5.18
N LYS A 415 -27.18 24.82 -5.62
CA LYS A 415 -27.33 26.10 -6.31
C LYS A 415 -26.96 27.26 -5.40
N LYS A 416 -27.12 27.10 -4.09
CA LYS A 416 -26.81 28.15 -3.14
C LYS A 416 -25.37 28.10 -2.64
N ILE A 417 -24.55 27.18 -3.15
CA ILE A 417 -23.20 27.00 -2.66
C ILE A 417 -22.19 27.09 -3.79
N ILE A 418 -22.36 26.25 -4.80
CA ILE A 418 -21.34 26.05 -5.84
C ILE A 418 -21.11 27.33 -6.64
N PRO A 419 -22.14 28.02 -7.16
CA PRO A 419 -21.86 29.20 -7.99
C PRO A 419 -21.11 30.29 -7.25
N THR A 420 -21.55 30.62 -6.03
CA THR A 420 -20.88 31.66 -5.26
C THR A 420 -19.45 31.28 -4.93
N ALA A 421 -19.23 30.03 -4.53
CA ALA A 421 -17.88 29.58 -4.23
C ALA A 421 -16.98 29.68 -5.44
N ALA A 422 -17.46 29.25 -6.60
CA ALA A 422 -16.64 29.29 -7.81
C ALA A 422 -16.32 30.74 -8.19
N ALA A 423 -17.32 31.62 -8.14
CA ALA A 423 -17.10 33.01 -8.51
C ALA A 423 -16.11 33.67 -7.56
N PHE A 424 -16.23 33.43 -6.26
CA PHE A 424 -15.32 34.05 -5.31
C PHE A 424 -13.91 33.48 -5.45
N GLY A 425 -13.79 32.18 -5.75
CA GLY A 425 -12.48 31.62 -6.00
C GLY A 425 -11.81 32.23 -7.21
N GLY A 426 -12.56 32.40 -8.30
CA GLY A 426 -12.01 33.06 -9.46
C GLY A 426 -11.58 34.49 -9.17
N ALA A 427 -12.42 35.22 -8.42
CA ALA A 427 -12.07 36.60 -8.07
C ALA A 427 -10.81 36.65 -7.23
N THR A 428 -10.64 35.70 -6.30
CA THR A 428 -9.45 35.67 -5.48
C THR A 428 -8.21 35.34 -6.32
N ILE A 429 -8.35 34.42 -7.27
CA ILE A 429 -7.22 34.12 -8.16
C ILE A 429 -6.83 35.36 -8.94
N GLY A 430 -7.82 36.10 -9.44
CA GLY A 430 -7.53 37.33 -10.14
C GLY A 430 -6.85 38.36 -9.25
N ALA A 431 -7.31 38.49 -8.01
CA ALA A 431 -6.69 39.44 -7.09
C ALA A 431 -5.25 39.07 -6.81
N LEU A 432 -4.98 37.78 -6.65
CA LEU A 432 -3.60 37.34 -6.43
C LEU A 432 -2.74 37.65 -7.64
N SER A 433 -3.26 37.43 -8.85
CA SER A 433 -2.50 37.73 -10.05
C SER A 433 -2.18 39.22 -10.13
N VAL A 434 -3.16 40.07 -9.88
CA VAL A 434 -2.93 41.51 -9.94
C VAL A 434 -1.94 41.94 -8.87
N GLY A 435 -2.06 41.38 -7.67
CA GLY A 435 -1.13 41.71 -6.61
C GLY A 435 0.30 41.32 -6.95
N SER A 436 0.47 40.14 -7.55
CA SER A 436 1.80 39.71 -7.96
C SER A 436 2.34 40.62 -9.06
N ASP A 437 1.49 41.02 -10.00
CA ASP A 437 1.94 41.87 -11.09
C ASP A 437 2.28 43.28 -10.63
N LEU A 438 1.62 43.78 -9.59
CA LEU A 438 1.92 45.14 -9.13
C LEU A 438 3.11 45.15 -8.17
N LEU A 439 3.17 44.17 -7.26
CA LEU A 439 4.31 44.06 -6.36
C LEU A 439 5.58 43.66 -7.07
N GLY A 440 5.49 43.19 -8.32
CA GLY A 440 6.66 42.85 -9.09
C GLY A 440 7.46 41.71 -8.50
N THR A 441 6.88 40.52 -8.48
CA THR A 441 7.58 39.36 -7.96
C THR A 441 8.50 38.76 -9.02
N LEU A 442 9.25 37.73 -8.61
CA LEU A 442 10.18 37.08 -9.52
C LEU A 442 9.47 36.37 -10.66
N GLY A 443 8.22 35.98 -10.46
CA GLY A 443 7.46 35.31 -11.50
C GLY A 443 6.01 35.74 -11.48
N SER A 444 5.33 35.50 -12.58
CA SER A 444 3.91 35.81 -12.68
C SER A 444 3.12 34.99 -11.67
N GLY A 445 2.07 35.62 -11.12
CA GLY A 445 1.27 34.96 -10.11
C GLY A 445 0.56 33.72 -10.62
N ALA A 446 0.20 33.72 -11.91
CA ALA A 446 -0.45 32.56 -12.49
C ALA A 446 0.46 31.35 -12.43
N SER A 447 1.75 31.54 -12.77
CA SER A 447 2.69 30.43 -12.69
C SER A 447 2.84 29.94 -11.25
N ILE A 448 2.91 30.86 -10.29
CA ILE A 448 3.07 30.45 -8.90
C ILE A 448 1.87 29.63 -8.45
N LEU A 449 0.66 30.11 -8.73
CA LEU A 449 -0.53 29.38 -8.29
C LEU A 449 -0.64 28.04 -9.01
N LEU A 450 -0.25 27.98 -10.28
CA LEU A 450 -0.31 26.72 -11.02
C LEU A 450 0.65 25.70 -10.42
N ALA A 451 1.88 26.11 -10.12
CA ALA A 451 2.83 25.19 -9.53
C ALA A 451 2.38 24.74 -8.15
N THR A 452 1.87 25.67 -7.33
CA THR A 452 1.37 25.29 -6.01
C THR A 452 0.18 24.35 -6.12
N THR A 453 -0.67 24.53 -7.13
CA THR A 453 -1.79 23.62 -7.32
C THR A 453 -1.29 22.23 -7.69
N THR A 454 -0.33 22.15 -8.62
CA THR A 454 0.20 20.85 -9.01
C THR A 454 0.83 20.13 -7.84
N ILE A 455 1.52 20.87 -6.98
CA ILE A 455 2.18 20.24 -5.83
C ILE A 455 1.16 19.88 -4.75
N TYR A 456 0.16 20.73 -4.54
CA TYR A 456 -0.86 20.46 -3.54
C TYR A 456 -1.71 19.26 -3.93
N GLY A 457 -1.91 19.03 -5.22
CA GLY A 457 -2.58 17.81 -5.65
C GLY A 457 -1.83 16.58 -5.20
N TYR A 458 -0.51 16.56 -5.41
CA TYR A 458 0.31 15.45 -4.96
C TYR A 458 0.25 15.30 -3.45
N TYR A 459 0.34 16.42 -2.73
CA TYR A 459 0.33 16.36 -1.27
C TYR A 459 -0.98 15.80 -0.76
N GLU A 460 -2.10 16.26 -1.32
CA GLU A 460 -3.40 15.78 -0.88
C GLU A 460 -3.59 14.31 -1.23
N ALA A 461 -3.09 13.89 -2.40
CA ALA A 461 -3.19 12.48 -2.76
C ALA A 461 -2.38 11.62 -1.80
N ALA A 462 -1.16 12.06 -1.46
CA ALA A 462 -0.33 11.29 -0.54
C ALA A 462 -0.93 11.27 0.86
N ALA A 463 -1.60 12.34 1.27
CA ALA A 463 -2.22 12.37 2.59
C ALA A 463 -3.46 11.49 2.64
N LYS A 464 -4.26 11.50 1.57
CA LYS A 464 -5.47 10.70 1.53
C LYS A 464 -5.15 9.21 1.43
N GLU A 465 -4.23 8.85 0.53
CA GLU A 465 -3.84 7.45 0.41
C GLU A 465 -3.10 6.96 1.65
N GLY A 466 -2.19 7.78 2.16
CA GLY A 466 -1.43 7.42 3.34
C GLY A 466 -0.05 6.88 3.00
N GLY A 467 0.97 7.71 3.21
CA GLY A 467 2.33 7.29 2.88
C GLY A 467 3.34 8.28 3.42
N PHE A 468 4.59 7.85 3.43
CA PHE A 468 5.69 8.67 3.94
C PHE A 468 6.02 9.79 2.96
N VAL B 26 -24.71 44.05 -4.35
CA VAL B 26 -24.09 44.08 -3.03
C VAL B 26 -24.26 42.74 -2.33
N GLU B 27 -25.20 41.93 -2.83
CA GLU B 27 -25.40 40.59 -2.29
C GLU B 27 -24.21 39.68 -2.57
N PHE B 28 -23.41 40.01 -3.58
CA PHE B 28 -22.25 39.19 -3.92
C PHE B 28 -21.28 39.12 -2.74
N VAL B 29 -20.90 40.27 -2.19
CA VAL B 29 -19.95 40.29 -1.08
C VAL B 29 -20.55 39.65 0.15
N ARG B 30 -21.85 39.82 0.37
CA ARG B 30 -22.50 39.18 1.52
C ARG B 30 -22.44 37.67 1.42
N GLU B 31 -22.80 37.12 0.27
CA GLU B 31 -22.72 35.67 0.10
C GLU B 31 -21.28 35.18 0.17
N GLY B 32 -20.34 35.98 -0.33
CA GLY B 32 -18.94 35.58 -0.25
C GLY B 32 -18.46 35.47 1.19
N THR B 33 -18.74 36.49 2.00
CA THR B 33 -18.31 36.45 3.39
C THR B 33 -19.08 35.39 4.18
N GLN B 34 -20.34 35.12 3.80
CA GLN B 34 -21.06 34.02 4.42
C GLN B 34 -20.40 32.68 4.14
N PHE B 35 -20.05 32.45 2.87
CA PHE B 35 -19.32 31.23 2.51
C PHE B 35 -18.00 31.14 3.24
N LEU B 36 -17.30 32.27 3.38
CA LEU B 36 -16.03 32.28 4.10
C LEU B 36 -16.22 31.90 5.57
N ALA B 37 -17.24 32.48 6.22
CA ALA B 37 -17.52 32.13 7.60
C ALA B 37 -17.92 30.68 7.74
N LYS B 38 -18.62 30.13 6.75
CA LYS B 38 -18.99 28.72 6.77
C LYS B 38 -17.87 27.81 6.28
N CYS B 39 -16.77 28.37 5.80
CA CYS B 39 -15.66 27.56 5.30
C CYS B 39 -14.91 26.92 6.46
N LYS B 40 -13.84 26.19 6.11
CA LYS B 40 -13.00 25.51 7.10
C LYS B 40 -11.56 25.94 6.87
N LYS B 41 -11.14 26.98 7.58
CA LYS B 41 -9.77 27.44 7.47
C LYS B 41 -8.83 26.44 8.14
N PRO B 42 -7.64 26.23 7.59
CA PRO B 42 -6.69 25.32 8.23
C PRO B 42 -6.06 25.94 9.46
N ASP B 43 -5.91 25.13 10.51
CA ASP B 43 -5.33 25.61 11.75
C ASP B 43 -3.80 25.63 11.62
N LEU B 44 -3.14 26.05 12.70
CA LEU B 44 -1.68 26.19 12.65
C LEU B 44 -0.99 24.85 12.52
N LYS B 45 -1.47 23.83 13.26
CA LYS B 45 -0.81 22.53 13.22
C LYS B 45 -0.92 21.88 11.85
N GLU B 46 -2.05 22.03 11.17
CA GLU B 46 -2.20 21.44 9.85
C GLU B 46 -1.51 22.28 8.79
N TYR B 47 -1.66 23.61 8.86
CA TYR B 47 -0.97 24.49 7.93
C TYR B 47 0.54 24.31 8.01
N THR B 48 1.07 23.95 9.19
CA THR B 48 2.50 23.73 9.33
C THR B 48 2.95 22.56 8.47
N LYS B 49 2.26 21.42 8.58
CA LYS B 49 2.62 20.27 7.76
C LYS B 49 2.41 20.57 6.28
N ILE B 50 1.34 21.30 5.96
CA ILE B 50 1.08 21.66 4.57
C ILE B 50 2.25 22.44 3.99
N VAL B 51 2.65 23.52 4.67
CA VAL B 51 3.70 24.37 4.15
C VAL B 51 5.03 23.62 4.15
N LYS B 52 5.25 22.76 5.14
CA LYS B 52 6.49 21.98 5.15
C LYS B 52 6.57 21.09 3.92
N ALA B 53 5.53 20.30 3.66
CA ALA B 53 5.56 19.39 2.52
C ALA B 53 5.68 20.15 1.21
N VAL B 54 4.90 21.22 1.04
CA VAL B 54 4.91 21.94 -0.22
C VAL B 54 6.25 22.63 -0.44
N GLY B 55 6.81 23.24 0.61
CA GLY B 55 8.11 23.88 0.47
C GLY B 55 9.22 22.89 0.19
N ILE B 56 9.18 21.72 0.84
CA ILE B 56 10.17 20.69 0.55
C ILE B 56 10.09 20.27 -0.91
N GLY B 57 8.88 19.99 -1.40
CA GLY B 57 8.75 19.60 -2.79
C GLY B 57 9.20 20.68 -3.76
N PHE B 58 8.83 21.93 -3.48
CA PHE B 58 9.16 23.03 -4.36
C PHE B 58 10.66 23.28 -4.39
N ILE B 59 11.31 23.26 -3.22
CA ILE B 59 12.75 23.43 -3.18
C ILE B 59 13.45 22.26 -3.87
N ALA B 60 12.92 21.05 -3.70
CA ALA B 60 13.54 19.88 -4.32
C ALA B 60 13.49 19.97 -5.84
N VAL B 61 12.36 20.40 -6.39
CA VAL B 61 12.29 20.52 -7.84
C VAL B 61 13.09 21.72 -8.33
N GLY B 62 13.11 22.81 -7.55
CA GLY B 62 13.82 24.00 -7.97
C GLY B 62 15.32 23.82 -7.99
N ILE B 63 15.88 23.16 -6.98
CA ILE B 63 17.32 22.92 -6.98
C ILE B 63 17.69 21.97 -8.11
N ILE B 64 16.83 21.01 -8.42
CA ILE B 64 17.09 20.11 -9.55
C ILE B 64 17.14 20.91 -10.85
N GLY B 65 16.14 21.74 -11.07
CA GLY B 65 16.12 22.55 -12.28
C GLY B 65 17.33 23.48 -12.37
N TYR B 66 17.67 24.11 -11.25
CA TYR B 66 18.79 25.04 -11.23
C TYR B 66 20.10 24.32 -11.52
N ALA B 67 20.33 23.18 -10.87
CA ALA B 67 21.56 22.45 -11.09
C ALA B 67 21.65 21.92 -12.52
N ILE B 68 20.55 21.45 -13.07
CA ILE B 68 20.57 20.93 -14.44
C ILE B 68 20.83 22.07 -15.42
N LYS B 69 20.24 23.24 -15.18
CA LYS B 69 20.48 24.36 -16.09
C LYS B 69 21.89 24.91 -15.94
N LEU B 70 22.49 24.78 -14.76
CA LEU B 70 23.81 25.36 -14.54
C LEU B 70 24.93 24.44 -15.03
N ILE B 71 24.84 23.15 -14.73
CA ILE B 71 25.94 22.23 -15.02
C ILE B 71 26.17 22.11 -16.52
N HIS B 72 25.10 22.18 -17.30
CA HIS B 72 25.21 21.93 -18.74
C HIS B 72 25.74 23.11 -19.53
N ILE B 73 26.08 24.23 -18.90
CA ILE B 73 26.62 25.36 -19.63
C ILE B 73 28.09 25.11 -19.98
N PRO B 74 28.97 24.83 -19.01
CA PRO B 74 30.36 24.53 -19.39
C PRO B 74 30.48 23.24 -20.16
N ILE B 75 29.61 22.26 -19.90
CA ILE B 75 29.60 21.03 -20.68
C ILE B 75 29.25 21.33 -22.13
N ARG B 76 28.24 22.17 -22.35
CA ARG B 76 27.89 22.56 -23.71
C ARG B 76 28.98 23.38 -24.38
N TYR B 77 29.75 24.15 -23.60
CA TYR B 77 30.86 24.89 -24.19
C TYR B 77 31.98 23.94 -24.60
N VAL B 78 32.36 23.03 -23.72
CA VAL B 78 33.47 22.12 -24.01
C VAL B 78 33.11 21.20 -25.16
N ILE B 79 31.92 20.59 -25.10
CA ILE B 79 31.48 19.71 -26.16
C ILE B 79 31.32 20.48 -27.46
N VAL B 80 30.48 21.50 -27.44
CA VAL B 80 30.25 22.32 -28.63
C VAL B 80 30.80 23.72 -28.41
N ARG C 51 4.05 -3.95 -22.79
CA ARG C 51 4.98 -4.26 -23.87
C ARG C 51 6.39 -3.76 -23.56
N VAL C 52 6.47 -2.56 -23.01
CA VAL C 52 7.75 -1.94 -22.68
C VAL C 52 7.79 -1.69 -21.18
N ASP C 53 8.89 -2.08 -20.55
CA ASP C 53 9.08 -1.88 -19.13
C ASP C 53 9.73 -0.53 -18.86
N PRO C 54 9.55 0.03 -17.66
CA PRO C 54 10.16 1.33 -17.36
C PRO C 54 11.67 1.32 -17.45
N LEU C 55 12.31 0.25 -16.99
CA LEU C 55 13.76 0.15 -17.13
C LEU C 55 14.18 0.20 -18.60
N VAL C 56 13.36 -0.35 -19.50
CA VAL C 56 13.66 -0.26 -20.91
C VAL C 56 13.62 1.19 -21.38
N VAL C 57 12.65 1.95 -20.89
CA VAL C 57 12.54 3.36 -21.25
C VAL C 57 13.79 4.11 -20.77
N LEU C 58 14.19 3.88 -19.53
CA LEU C 58 15.37 4.55 -19.00
C LEU C 58 16.62 4.16 -19.79
N PHE C 59 16.79 2.87 -20.07
CA PHE C 59 17.96 2.43 -20.81
C PHE C 59 18.02 3.04 -22.20
N LEU C 60 16.89 3.07 -22.90
CA LEU C 60 16.88 3.63 -24.24
C LEU C 60 17.16 5.13 -24.21
N ALA C 61 16.61 5.84 -23.22
CA ALA C 61 16.85 7.27 -23.12
C ALA C 61 18.33 7.56 -22.87
N VAL C 62 18.93 6.84 -21.91
CA VAL C 62 20.34 7.05 -21.64
C VAL C 62 21.19 6.68 -22.84
N GLY C 63 20.80 5.64 -23.58
CA GLY C 63 21.53 5.29 -24.78
C GLY C 63 21.45 6.38 -25.84
N PHE C 64 20.27 6.97 -26.03
CA PHE C 64 20.13 8.06 -26.98
C PHE C 64 21.01 9.25 -26.58
N ILE C 65 20.96 9.64 -25.31
CA ILE C 65 21.75 10.77 -24.84
C ILE C 65 23.24 10.49 -25.01
N PHE C 66 23.66 9.29 -24.61
CA PHE C 66 25.06 8.91 -24.72
C PHE C 66 25.53 8.90 -26.18
N SER C 67 24.68 8.43 -27.09
CA SER C 67 25.06 8.43 -28.50
C SER C 67 25.20 9.85 -29.02
N VAL C 68 24.29 10.74 -28.63
CA VAL C 68 24.37 12.12 -29.09
C VAL C 68 25.65 12.78 -28.60
N VAL C 69 25.94 12.66 -27.31
CA VAL C 69 27.12 13.33 -26.77
C VAL C 69 28.39 12.69 -27.31
N ALA C 70 28.37 11.38 -27.54
CA ALA C 70 29.52 10.71 -28.12
C ALA C 70 29.77 11.19 -29.54
N LEU C 71 28.72 11.33 -30.35
CA LEU C 71 28.88 11.85 -31.69
C LEU C 71 29.44 13.27 -31.66
N HIS C 72 28.93 14.10 -30.75
CA HIS C 72 29.45 15.46 -30.62
C HIS C 72 30.93 15.46 -30.29
N VAL C 73 31.33 14.67 -29.28
CA VAL C 73 32.73 14.71 -28.86
C VAL C 73 33.63 14.08 -29.92
N ILE C 74 33.14 13.11 -30.68
CA ILE C 74 33.93 12.55 -31.77
C ILE C 74 34.16 13.59 -32.85
N SER C 75 33.10 14.33 -33.21
CA SER C 75 33.26 15.40 -34.18
C SER C 75 34.24 16.45 -33.69
N LYS C 76 34.15 16.79 -32.39
CA LYS C 76 35.04 17.80 -31.83
C LYS C 76 36.49 17.36 -31.88
N VAL C 77 36.78 16.13 -31.45
CA VAL C 77 38.17 15.66 -31.47
C VAL C 77 38.65 15.43 -32.89
N ALA C 78 37.75 15.13 -33.82
CA ALA C 78 38.17 15.00 -35.22
C ALA C 78 38.54 16.34 -35.81
N GLY C 79 37.76 17.38 -35.51
CA GLY C 79 38.13 18.73 -35.94
C GLY C 79 39.39 19.23 -35.27
N LYS C 80 39.61 18.83 -34.02
CA LYS C 80 40.81 19.28 -33.30
C LYS C 80 42.06 18.59 -33.83
N LEU C 81 41.98 17.28 -34.10
CA LEU C 81 43.15 16.56 -34.58
C LEU C 81 43.33 16.72 -36.09
N PHE C 82 42.24 16.64 -36.84
CA PHE C 82 42.32 16.79 -38.30
C PHE C 82 41.51 18.01 -38.76
N ASN D 18 29.47 34.79 -27.10
CA ASN D 18 30.42 34.00 -26.35
C ASN D 18 30.56 34.53 -24.92
N TYR D 19 30.56 33.62 -23.96
CA TYR D 19 30.70 34.00 -22.57
C TYR D 19 32.15 34.36 -22.26
N GLU D 20 32.35 35.01 -21.12
CA GLU D 20 33.67 35.43 -20.65
C GLU D 20 33.85 34.89 -19.24
N TYR D 21 34.59 33.78 -19.11
CA TYR D 21 34.82 33.18 -17.82
C TYR D 21 35.75 34.04 -16.97
N ASP D 22 35.74 33.78 -15.67
CA ASP D 22 36.65 34.46 -14.76
C ASP D 22 38.09 34.05 -15.07
N GLU D 23 38.89 35.02 -15.52
CA GLU D 23 40.29 34.75 -15.85
C GLU D 23 41.26 35.22 -14.78
N ALA D 24 40.84 36.10 -13.87
CA ALA D 24 41.71 36.62 -12.82
C ALA D 24 41.17 36.30 -11.43
N SER D 25 40.26 35.33 -11.32
CA SER D 25 39.69 34.90 -10.04
C SER D 25 39.07 36.08 -9.30
N GLU D 26 38.03 36.65 -9.91
CA GLU D 26 37.37 37.83 -9.36
C GLU D 26 35.88 37.65 -9.11
N THR D 27 35.25 36.62 -9.65
CA THR D 27 33.81 36.47 -9.43
C THR D 27 33.42 35.12 -8.88
N TRP D 28 34.12 34.04 -9.26
CA TRP D 28 33.75 32.72 -8.77
C TRP D 28 33.90 32.56 -7.27
N PRO D 29 34.84 33.24 -6.59
CA PRO D 29 34.86 33.13 -5.12
C PRO D 29 33.57 33.57 -4.47
N SER D 30 32.98 34.68 -4.92
CA SER D 30 31.71 35.13 -4.35
C SER D 30 30.61 34.12 -4.61
N PHE D 31 30.59 33.53 -5.81
CA PHE D 31 29.56 32.55 -6.13
C PHE D 31 29.67 31.32 -5.25
N ILE D 32 30.89 30.81 -5.08
CA ILE D 32 31.09 29.66 -4.20
C ILE D 32 30.72 30.02 -2.77
N LEU D 33 31.06 31.23 -2.33
CA LEU D 33 30.79 31.63 -0.97
C LEU D 33 29.28 31.69 -0.71
N THR D 34 28.53 32.28 -1.65
CA THR D 34 27.09 32.36 -1.44
C THR D 34 26.45 30.99 -1.54
N GLY D 35 26.92 30.14 -2.47
CA GLY D 35 26.38 28.79 -2.55
C GLY D 35 26.63 27.99 -1.30
N LEU D 36 27.76 28.24 -0.63
CA LEU D 36 28.04 27.51 0.61
C LEU D 36 27.28 28.09 1.79
N LEU D 37 27.13 29.41 1.85
CA LEU D 37 26.36 29.99 2.96
C LEU D 37 24.90 29.59 2.86
N MET D 38 24.36 29.53 1.63
CA MET D 38 22.97 29.13 1.44
C MET D 38 22.68 27.75 2.02
N VAL D 39 23.70 26.94 2.24
CA VAL D 39 23.52 25.62 2.83
C VAL D 39 23.89 25.62 4.30
N VAL D 40 24.96 26.30 4.70
CA VAL D 40 25.40 26.22 6.08
C VAL D 40 24.47 27.02 7.00
N GLY D 41 23.98 28.17 6.53
CA GLY D 41 23.10 29.01 7.29
C GLY D 41 21.87 28.32 7.85
N PRO D 42 21.04 27.76 6.96
CA PRO D 42 19.84 27.05 7.44
C PRO D 42 20.16 25.90 8.38
N MET D 43 21.26 25.18 8.16
CA MET D 43 21.65 24.12 9.07
C MET D 43 21.98 24.67 10.45
N THR D 44 22.76 25.76 10.49
CA THR D 44 23.04 26.41 11.77
C THR D 44 21.76 26.87 12.46
N LEU D 45 20.81 27.39 11.68
CA LEU D 45 19.57 27.88 12.26
C LEU D 45 18.78 26.74 12.88
N LEU D 46 18.63 25.64 12.16
CA LEU D 46 17.86 24.52 12.69
C LEU D 46 18.58 23.85 13.86
N GLN D 47 19.91 23.90 13.88
CA GLN D 47 20.64 23.29 14.99
C GLN D 47 20.53 24.16 16.24
N ILE D 48 20.69 25.47 16.10
CA ILE D 48 20.52 26.37 17.24
C ILE D 48 19.09 26.30 17.76
N TYR D 49 18.12 26.14 16.85
CA TYR D 49 16.73 25.96 17.24
C TYR D 49 16.56 24.69 18.06
N GLN D 50 16.96 23.55 17.48
CA GLN D 50 16.90 22.27 18.18
C GLN D 50 17.80 22.29 19.42
N PHE D 68 3.47 8.57 27.98
CA PHE D 68 2.25 8.82 28.73
C PHE D 68 1.81 7.58 29.52
N ASN D 69 2.37 6.43 29.15
CA ASN D 69 2.05 5.16 29.78
C ASN D 69 3.20 4.74 30.67
N GLU D 70 2.90 4.41 31.92
CA GLU D 70 3.94 4.02 32.87
C GLU D 70 4.57 2.70 32.45
N GLU D 71 5.91 2.66 32.46
CA GLU D 71 6.67 1.47 32.09
C GLU D 71 7.46 1.01 33.30
N VAL D 72 6.97 -0.05 33.96
CA VAL D 72 7.63 -0.53 35.17
C VAL D 72 8.70 -1.58 34.87
N PHE D 73 8.75 -2.09 33.64
CA PHE D 73 9.70 -3.14 33.28
C PHE D 73 10.97 -2.60 32.66
N LYS D 74 11.01 -1.31 32.29
CA LYS D 74 12.19 -0.77 31.63
C LYS D 74 13.43 -0.86 32.52
N ASN D 75 13.24 -0.85 33.84
CA ASN D 75 14.35 -0.99 34.77
C ASN D 75 14.63 -2.44 35.11
N LEU D 76 13.59 -3.23 35.39
CA LEU D 76 13.78 -4.60 35.81
C LEU D 76 14.20 -5.52 34.66
N ASN D 77 14.10 -5.06 33.42
CA ASN D 77 14.53 -5.88 32.29
C ASN D 77 16.05 -5.98 32.25
N GLU D 78 16.75 -4.86 32.39
CA GLU D 78 18.21 -4.87 32.40
C GLU D 78 18.79 -5.47 33.67
N GLU D 79 17.96 -5.75 34.67
CA GLU D 79 18.43 -6.38 35.90
C GLU D 79 18.37 -7.90 35.85
N TYR D 80 17.70 -8.46 34.85
CA TYR D 80 17.65 -9.90 34.66
C TYR D 80 18.21 -10.36 33.31
N THR D 81 18.57 -9.43 32.43
CA THR D 81 19.14 -9.81 31.14
C THR D 81 20.54 -10.38 31.35
N SER D 82 20.85 -11.45 30.62
CA SER D 82 22.16 -12.06 30.72
C SER D 82 23.21 -11.20 30.01
N ASP D 83 24.47 -11.39 30.40
CA ASP D 83 25.54 -10.60 29.81
C ASP D 83 25.79 -10.98 28.35
N GLU D 84 25.59 -12.26 27.99
CA GLU D 84 25.80 -12.68 26.61
C GLU D 84 24.85 -11.97 25.66
N ILE D 85 23.69 -11.57 26.14
CA ILE D 85 22.75 -10.81 25.31
C ILE D 85 23.02 -9.32 25.40
N LYS D 86 23.48 -8.83 26.54
CA LYS D 86 23.84 -7.42 26.67
C LYS D 86 24.97 -7.07 25.71
N GLN D 87 26.00 -7.92 25.65
CA GLN D 87 27.11 -7.68 24.74
C GLN D 87 26.65 -7.70 23.29
N PHE D 88 25.71 -8.59 22.96
CA PHE D 88 25.20 -8.66 21.60
C PHE D 88 24.42 -7.40 21.25
N ARG D 89 23.49 -6.99 22.11
CA ARG D 89 22.72 -5.78 21.87
C ARG D 89 23.61 -4.54 21.81
N ARG D 90 24.72 -4.55 22.54
CA ARG D 90 25.65 -3.43 22.49
C ARG D 90 26.41 -3.41 21.16
N LYS D 91 27.03 -4.54 20.81
CA LYS D 91 27.75 -4.63 19.55
C LYS D 91 26.81 -4.43 18.36
N PHE D 92 25.82 -5.30 18.22
CA PHE D 92 24.86 -5.19 17.14
C PHE D 92 23.56 -4.52 17.62
N ASN D 107 27.22 17.24 11.91
CA ASN D 107 27.48 18.48 12.62
C ASN D 107 28.80 19.11 12.19
N ILE D 108 29.78 18.26 11.90
CA ILE D 108 31.08 18.74 11.46
C ILE D 108 30.96 19.44 10.10
N ILE D 109 29.92 19.12 9.34
CA ILE D 109 29.71 19.79 8.06
C ILE D 109 29.53 21.29 8.28
N ILE D 110 28.83 21.66 9.34
CA ILE D 110 28.67 23.07 9.68
C ILE D 110 30.03 23.72 9.90
N ILE D 111 30.93 23.02 10.62
CA ILE D 111 32.23 23.60 10.96
C ILE D 111 33.08 23.78 9.70
N VAL D 112 33.11 22.76 8.84
CA VAL D 112 33.95 22.86 7.65
C VAL D 112 33.38 23.90 6.70
N GLY D 113 32.05 24.00 6.62
CA GLY D 113 31.46 25.05 5.81
C GLY D 113 31.77 26.43 6.33
N TRP D 114 31.75 26.61 7.65
CA TRP D 114 32.05 27.91 8.22
C TRP D 114 33.50 28.30 7.99
N ILE D 115 34.43 27.36 8.16
CA ILE D 115 35.83 27.70 7.92
C ILE D 115 36.07 27.95 6.44
N LEU D 116 35.35 27.25 5.56
CA LEU D 116 35.47 27.54 4.13
C LEU D 116 34.94 28.93 3.80
N VAL D 117 33.82 29.32 4.42
CA VAL D 117 33.29 30.66 4.20
C VAL D 117 34.28 31.70 4.70
N ALA D 118 34.92 31.45 5.85
CA ALA D 118 35.92 32.38 6.34
C ALA D 118 37.10 32.50 5.37
N ILE D 119 37.56 31.37 4.85
CA ILE D 119 38.67 31.39 3.89
C ILE D 119 38.28 32.18 2.64
N LEU D 120 37.07 31.93 2.12
CA LEU D 120 36.63 32.59 0.90
C LEU D 120 36.46 34.10 1.11
N LEU D 121 35.88 34.49 2.25
CA LEU D 121 35.69 35.92 2.52
C LEU D 121 37.04 36.61 2.71
N GLN D 122 37.99 35.96 3.37
CA GLN D 122 39.32 36.54 3.49
C GLN D 122 39.98 36.69 2.13
N ARG D 123 39.85 35.68 1.28
CA ARG D 123 40.43 35.74 -0.06
C ARG D 123 39.82 36.88 -0.86
N ILE D 124 38.51 37.07 -0.74
CA ILE D 124 37.84 38.15 -1.47
C ILE D 124 38.27 39.51 -0.94
N ASN D 125 38.29 39.65 0.39
CA ASN D 125 38.70 40.91 1.01
C ASN D 125 40.16 41.25 0.72
N SER D 126 40.97 40.25 0.41
CA SER D 126 42.37 40.51 0.06
C SER D 126 42.56 40.90 -1.41
N ASN D 127 41.50 40.92 -2.20
CA ASN D 127 41.63 41.27 -3.61
C ASN D 127 41.76 42.77 -3.79
N ASP D 128 42.14 43.17 -5.01
CA ASP D 128 42.31 44.59 -5.30
C ASP D 128 40.97 45.29 -5.47
N ALA D 129 40.04 44.67 -6.22
CA ALA D 129 38.73 45.26 -6.44
C ALA D 129 37.87 45.17 -5.19
N GLN D 216 28.68 52.64 -25.05
CA GLN D 216 29.00 51.50 -24.21
C GLN D 216 28.02 50.35 -24.44
N SER D 217 28.56 49.16 -24.65
CA SER D 217 27.76 47.97 -24.92
C SER D 217 27.86 46.99 -23.77
N THR D 218 26.92 46.05 -23.74
CA THR D 218 26.88 45.02 -22.72
C THR D 218 27.91 43.93 -22.99
N SER D 219 28.35 43.27 -21.93
CA SER D 219 29.28 42.14 -22.03
C SER D 219 28.81 41.07 -21.06
N HIS D 220 28.04 40.11 -21.57
CA HIS D 220 27.61 38.99 -20.74
C HIS D 220 28.80 38.12 -20.36
N GLY D 221 28.71 37.52 -19.18
CA GLY D 221 29.78 36.65 -18.72
C GLY D 221 29.26 35.65 -17.71
N ILE D 222 30.05 34.60 -17.52
CA ILE D 222 29.74 33.55 -16.57
C ILE D 222 30.69 33.68 -15.39
N ALA D 223 30.30 33.06 -14.26
CA ALA D 223 31.10 33.13 -13.05
C ALA D 223 32.10 31.98 -12.91
N LEU D 224 31.95 30.92 -13.70
CA LEU D 224 32.82 29.77 -13.57
C LEU D 224 34.26 30.13 -13.95
N PRO D 225 35.24 29.43 -13.38
CA PRO D 225 36.64 29.76 -13.67
C PRO D 225 37.02 29.39 -15.10
N ARG D 226 38.17 29.91 -15.52
CA ARG D 226 38.61 29.77 -16.89
C ARG D 226 39.30 28.45 -17.17
N PHE D 227 40.15 27.99 -16.25
CA PHE D 227 40.83 26.70 -16.44
C PHE D 227 39.85 25.55 -16.48
N LEU D 228 38.65 25.73 -15.93
CA LEU D 228 37.65 24.68 -15.90
C LEU D 228 37.17 24.30 -17.30
N VAL D 229 37.38 25.16 -18.29
CA VAL D 229 36.92 24.90 -19.65
C VAL D 229 38.10 24.96 -20.61
N ASP D 230 39.10 25.79 -20.30
CA ASP D 230 40.18 26.04 -21.23
C ASP D 230 41.52 25.47 -20.79
N GLY D 231 41.63 24.96 -19.57
CA GLY D 231 42.87 24.40 -19.08
C GLY D 231 43.14 23.04 -19.68
N SER D 232 44.12 22.34 -19.10
CA SER D 232 44.48 21.00 -19.55
C SER D 232 43.49 19.95 -19.07
N ALA D 233 42.65 20.26 -18.09
CA ALA D 233 41.66 19.33 -17.57
C ALA D 233 40.29 19.52 -18.23
N SER D 234 40.26 20.00 -19.46
CA SER D 234 38.99 20.21 -20.16
C SER D 234 38.32 18.88 -20.50
N PRO D 235 39.02 17.87 -21.04
CA PRO D 235 38.37 16.57 -21.23
C PRO D 235 38.04 15.87 -19.92
N LEU D 236 38.69 16.26 -18.82
CA LEU D 236 38.42 15.62 -17.54
C LEU D 236 36.96 15.81 -17.12
N LEU D 237 36.46 17.02 -17.25
CA LEU D 237 35.08 17.29 -16.82
C LEU D 237 34.08 16.48 -17.64
N VAL D 238 34.28 16.42 -18.96
CA VAL D 238 33.31 15.71 -19.78
C VAL D 238 33.41 14.21 -19.56
N VAL D 239 34.61 13.67 -19.31
CA VAL D 239 34.70 12.23 -19.08
C VAL D 239 34.08 11.88 -17.72
N CYS D 240 34.27 12.75 -16.72
CA CYS D 240 33.60 12.52 -15.45
C CYS D 240 32.07 12.61 -15.59
N TYR D 241 31.60 13.56 -16.39
CA TYR D 241 30.16 13.69 -16.59
C TYR D 241 29.57 12.47 -17.29
N VAL D 242 30.21 12.03 -18.39
CA VAL D 242 29.69 10.89 -19.11
C VAL D 242 29.77 9.64 -18.25
N ALA D 243 30.80 9.53 -17.41
CA ALA D 243 30.88 8.42 -16.48
C ALA D 243 29.72 8.45 -15.50
N LEU D 244 29.50 9.59 -14.83
CA LEU D 244 28.41 9.72 -13.89
C LEU D 244 27.05 9.48 -14.55
N LEU D 245 26.94 9.73 -15.84
CA LEU D 245 25.67 9.55 -16.54
C LEU D 245 25.47 8.12 -17.04
N GLY D 246 26.55 7.41 -17.35
CA GLY D 246 26.42 6.10 -17.96
C GLY D 246 26.64 4.91 -17.04
N LEU D 247 27.49 5.07 -16.02
CA LEU D 247 27.80 3.97 -15.12
C LEU D 247 27.17 4.14 -13.75
N ILE D 248 27.32 5.31 -13.12
CA ILE D 248 26.85 5.48 -11.75
C ILE D 248 25.32 5.46 -11.70
N LEU D 249 24.67 6.23 -12.57
CA LEU D 249 23.21 6.33 -12.50
C LEU D 249 22.52 5.03 -12.84
N PRO D 250 22.75 4.40 -14.01
CA PRO D 250 21.98 3.20 -14.33
C PRO D 250 22.25 2.04 -13.39
N TYR D 251 23.52 1.83 -13.01
CA TYR D 251 23.84 0.71 -12.14
C TYR D 251 23.18 0.88 -10.77
N PHE D 252 23.28 2.07 -10.19
CA PHE D 252 22.66 2.30 -8.88
C PHE D 252 21.14 2.22 -8.96
N VAL D 253 20.55 2.75 -10.03
CA VAL D 253 19.11 2.68 -10.18
C VAL D 253 18.66 1.23 -10.30
N SER D 254 19.39 0.43 -11.07
CA SER D 254 19.02 -0.98 -11.24
C SER D 254 19.20 -1.74 -9.93
N ARG D 255 20.25 -1.44 -9.17
CA ARG D 255 20.43 -2.08 -7.87
C ARG D 255 19.27 -1.74 -6.94
N TRP D 256 18.92 -0.46 -6.86
CA TRP D 256 17.81 -0.06 -6.01
C TRP D 256 16.51 -0.70 -6.45
N TRP D 257 16.31 -0.82 -7.76
CA TRP D 257 15.08 -1.42 -8.28
C TRP D 257 15.01 -2.90 -7.94
N ALA D 258 16.09 -3.63 -8.19
CA ALA D 258 16.12 -5.05 -7.83
C ALA D 258 16.02 -5.27 -6.33
N ARG D 259 16.45 -4.30 -5.53
CA ARG D 259 16.33 -4.46 -4.08
C ARG D 259 14.91 -4.18 -3.60
N THR D 260 14.27 -3.16 -4.16
CA THR D 260 12.91 -2.84 -3.77
C THR D 260 11.88 -3.77 -4.40
N GLN D 261 12.27 -4.52 -5.43
CA GLN D 261 11.37 -5.47 -6.05
C GLN D 261 11.40 -6.84 -5.37
N SER D 262 12.54 -7.22 -4.80
CA SER D 262 12.66 -8.53 -4.14
C SER D 262 11.89 -8.59 -2.83
N TYR D 263 11.44 -7.45 -2.31
CA TYR D 263 10.72 -7.41 -1.05
C TYR D 263 9.22 -7.33 -1.29
N THR D 264 8.47 -7.84 -0.31
CA THR D 264 7.02 -7.73 -0.31
C THR D 264 6.60 -6.48 0.47
N LYS D 265 5.37 -6.02 0.21
CA LYS D 265 4.87 -4.84 0.90
C LYS D 265 4.82 -5.04 2.40
N LYS D 266 4.70 -6.28 2.87
CA LYS D 266 4.73 -6.52 4.31
C LYS D 266 6.11 -6.25 4.90
N GLY D 267 7.15 -6.60 4.16
CA GLY D 267 8.51 -6.34 4.63
C GLY D 267 9.42 -7.55 4.60
N ILE D 268 8.98 -8.60 3.90
CA ILE D 268 9.78 -9.82 3.81
C ILE D 268 10.22 -10.01 2.36
N HIS D 269 11.18 -10.91 2.19
CA HIS D 269 11.66 -11.24 0.85
C HIS D 269 10.56 -11.94 0.05
N ASN D 270 10.74 -11.95 -1.27
CA ASN D 270 9.76 -12.61 -2.14
C ASN D 270 9.88 -14.12 -2.05
N VAL D 271 11.11 -14.63 -1.93
CA VAL D 271 11.31 -16.07 -1.85
C VAL D 271 10.70 -16.63 -0.57
N THR D 272 10.79 -15.89 0.53
CA THR D 272 10.21 -16.35 1.78
C THR D 272 8.70 -16.44 1.68
N ALA D 273 8.05 -15.44 1.10
CA ALA D 273 6.60 -15.49 0.93
C ALA D 273 6.21 -16.61 -0.03
N SER D 274 6.99 -16.80 -1.09
CA SER D 274 6.70 -17.90 -2.01
C SER D 274 6.79 -19.24 -1.31
N ASN D 275 7.80 -19.42 -0.45
CA ASN D 275 7.92 -20.65 0.31
C ASN D 275 6.76 -20.84 1.27
N PHE D 276 6.36 -19.76 1.95
CA PHE D 276 5.21 -19.84 2.85
C PHE D 276 3.97 -20.29 2.11
N VAL D 277 3.69 -19.67 0.95
CA VAL D 277 2.50 -20.03 0.20
C VAL D 277 2.60 -21.46 -0.31
N SER D 278 3.76 -21.86 -0.82
CA SER D 278 3.93 -23.21 -1.34
C SER D 278 3.77 -24.24 -0.24
N ASN D 279 4.11 -23.88 1.00
CA ASN D 279 3.92 -24.82 2.11
C ASN D 279 2.46 -24.86 2.55
N LEU D 280 1.79 -23.70 2.55
CA LEU D 280 0.41 -23.66 2.98
C LEU D 280 -0.55 -24.30 1.99
N VAL D 281 -0.24 -24.26 0.70
CA VAL D 281 -1.17 -24.81 -0.29
C VAL D 281 -1.18 -26.33 -0.23
N ASN D 282 0.00 -26.96 -0.20
CA ASN D 282 0.08 -28.41 -0.11
C ASN D 282 0.25 -28.83 1.35
N TYR D 283 -0.64 -28.31 2.18
CA TYR D 283 -0.66 -28.59 3.61
C TYR D 283 -1.85 -29.51 3.89
N LYS D 284 -1.54 -30.74 4.29
CA LYS D 284 -2.58 -31.70 4.62
C LYS D 284 -3.37 -31.22 5.82
N PRO D 285 -4.69 -31.02 5.71
CA PRO D 285 -5.48 -30.69 6.91
C PRO D 285 -5.47 -31.77 7.95
N SER D 286 -5.05 -32.99 7.60
CA SER D 286 -4.97 -34.06 8.57
C SER D 286 -3.82 -33.84 9.54
N GLU D 287 -2.73 -33.22 9.09
CA GLU D 287 -1.60 -32.94 9.96
C GLU D 287 -1.93 -31.77 10.87
N ILE D 288 -1.69 -31.93 12.17
CA ILE D 288 -1.97 -30.90 13.16
C ILE D 288 -0.79 -29.95 13.22
N VAL D 289 -1.08 -28.67 13.39
CA VAL D 289 -0.03 -27.66 13.53
C VAL D 289 0.50 -27.67 14.95
N THR D 290 1.82 -27.65 15.09
CA THR D 290 2.48 -27.57 16.38
C THR D 290 3.52 -26.47 16.32
N THR D 291 4.33 -26.36 17.37
CA THR D 291 5.42 -25.39 17.34
C THR D 291 6.56 -25.88 16.46
N ASP D 292 6.88 -27.17 16.53
CA ASP D 292 7.97 -27.71 15.72
C ASP D 292 7.69 -27.56 14.24
N LEU D 293 6.44 -27.73 13.83
CA LEU D 293 6.11 -27.61 12.42
C LEU D 293 6.32 -26.19 11.92
N ILE D 294 5.91 -25.21 12.72
CA ILE D 294 6.08 -23.82 12.32
C ILE D 294 7.55 -23.43 12.32
N LEU D 295 8.33 -23.96 13.26
CA LEU D 295 9.77 -23.71 13.23
C LEU D 295 10.40 -24.36 11.99
N HIS D 296 9.94 -25.55 11.63
CA HIS D 296 10.41 -26.20 10.42
C HIS D 296 10.10 -25.37 9.18
N TRP D 297 8.92 -24.75 9.15
CA TRP D 297 8.58 -23.86 8.05
C TRP D 297 9.46 -22.62 8.06
N LEU D 298 9.72 -22.06 9.23
CA LEU D 298 10.56 -20.86 9.31
C LEU D 298 12.00 -21.15 8.91
N SER D 299 12.47 -22.37 9.11
CA SER D 299 13.85 -22.70 8.77
C SER D 299 14.15 -22.60 7.28
N PHE D 300 13.15 -22.35 6.44
CA PHE D 300 13.36 -22.21 5.00
C PHE D 300 13.24 -20.76 4.54
N ALA D 301 13.39 -19.80 5.46
CA ALA D 301 13.33 -18.40 5.08
C ALA D 301 14.57 -18.01 4.31
N HIS D 302 14.37 -17.34 3.17
CA HIS D 302 15.49 -16.94 2.33
C HIS D 302 16.36 -15.88 2.99
N GLU D 303 15.79 -15.09 3.90
CA GLU D 303 16.58 -14.07 4.60
C GLU D 303 17.55 -14.69 5.58
N PHE D 304 17.35 -15.95 5.98
CA PHE D 304 18.31 -16.63 6.84
C PHE D 304 19.57 -17.04 6.09
N LYS D 305 19.47 -17.27 4.79
CA LYS D 305 20.64 -17.64 4.00
C LYS D 305 21.51 -16.43 3.70
N GLN D 306 20.89 -15.25 3.51
CA GLN D 306 21.66 -14.05 3.20
C GLN D 306 22.54 -13.64 4.38
N PHE D 307 22.10 -13.91 5.60
CA PHE D 307 22.90 -13.56 6.76
C PHE D 307 24.13 -14.45 6.87
N PHE D 308 23.94 -15.76 6.73
CA PHE D 308 25.02 -16.74 6.87
C PHE D 308 24.89 -17.77 5.75
N PRO D 309 25.56 -17.55 4.62
CA PRO D 309 25.46 -18.50 3.51
C PRO D 309 26.13 -19.84 3.76
N ASP D 310 26.66 -20.06 4.97
CA ASP D 310 27.31 -21.32 5.29
C ASP D 310 26.33 -22.33 5.90
N LEU D 311 25.39 -21.85 6.69
CA LEU D 311 24.50 -22.75 7.42
C LEU D 311 23.40 -23.30 6.51
N GLN D 312 22.71 -24.31 7.01
CA GLN D 312 21.61 -24.97 6.34
C GLN D 312 20.32 -24.77 7.11
N PRO D 313 19.16 -25.02 6.47
CA PRO D 313 17.89 -24.94 7.21
C PRO D 313 17.85 -25.78 8.46
N THR D 314 18.45 -26.98 8.43
CA THR D 314 18.49 -27.81 9.64
C THR D 314 19.29 -27.12 10.74
N ASP D 315 20.35 -26.41 10.37
CA ASP D 315 21.10 -25.65 11.36
C ASP D 315 20.24 -24.58 12.00
N PHE D 316 19.45 -23.87 11.19
CA PHE D 316 18.55 -22.86 11.73
C PHE D 316 17.52 -23.48 12.65
N GLU D 317 16.99 -24.65 12.29
CA GLU D 317 16.04 -25.34 13.16
C GLU D 317 16.69 -25.71 14.48
N LYS D 318 17.93 -26.20 14.44
CA LYS D 318 18.61 -26.57 15.67
C LYS D 318 18.84 -25.35 16.55
N LEU D 319 19.25 -24.22 15.95
CA LEU D 319 19.46 -23.01 16.73
C LEU D 319 18.15 -22.52 17.34
N LEU D 320 17.05 -22.56 16.58
CA LEU D 320 15.77 -22.12 17.13
C LEU D 320 15.31 -23.03 18.25
N GLN D 321 15.53 -24.35 18.12
CA GLN D 321 15.17 -25.25 19.19
C GLN D 321 16.00 -24.99 20.43
N ASP D 322 17.29 -24.74 20.27
CA ASP D 322 18.13 -24.43 21.42
C ASP D 322 17.73 -23.10 22.05
N HIS D 323 17.26 -22.14 21.24
CA HIS D 323 16.82 -20.87 21.79
C HIS D 323 15.52 -21.04 22.59
N ILE D 324 14.57 -21.78 22.04
CA ILE D 324 13.29 -21.97 22.74
C ILE D 324 13.50 -22.77 24.01
N ASN D 325 14.27 -23.85 23.93
CA ASN D 325 14.53 -24.70 25.08
C ASN D 325 15.61 -24.15 26.00
N ARG D 326 16.04 -22.90 25.78
CA ARG D 326 17.07 -22.25 26.57
C ARG D 326 18.34 -23.10 26.61
N ARG D 327 18.87 -23.37 25.42
CA ARG D 327 20.08 -24.16 25.25
C ARG D 327 21.12 -23.32 24.52
N ASP D 328 22.39 -23.60 24.81
CA ASP D 328 23.49 -22.84 24.23
C ASP D 328 23.97 -23.49 22.95
N SER D 329 24.26 -22.65 21.95
CA SER D 329 24.84 -23.12 20.70
C SER D 329 26.34 -23.27 20.77
N GLY D 330 26.99 -22.62 21.73
CA GLY D 330 28.43 -22.73 21.89
C GLY D 330 29.20 -21.69 21.11
N LYS D 331 29.07 -21.72 19.79
CA LYS D 331 29.82 -20.80 18.93
C LYS D 331 28.95 -19.94 18.03
N LEU D 332 27.74 -20.38 17.67
CA LEU D 332 26.87 -19.64 16.77
C LEU D 332 25.78 -18.88 17.53
N ASN D 333 26.08 -18.40 18.73
CA ASN D 333 25.09 -17.64 19.49
C ASN D 333 24.81 -16.29 18.82
N ASN D 334 25.83 -15.69 18.20
CA ASN D 334 25.62 -14.44 17.47
C ASN D 334 24.75 -14.62 16.26
N ALA D 335 24.66 -15.84 15.71
CA ALA D 335 23.74 -16.13 14.62
C ALA D 335 22.36 -16.49 15.14
N LYS D 336 22.31 -17.23 16.24
CA LYS D 336 21.03 -17.58 16.86
C LYS D 336 20.28 -16.32 17.27
N PHE D 337 20.96 -15.38 17.91
CA PHE D 337 20.31 -14.14 18.32
C PHE D 337 19.82 -13.35 17.11
N ARG D 338 20.62 -13.30 16.06
CA ARG D 338 20.22 -12.56 14.86
C ARG D 338 18.97 -13.17 14.23
N ILE D 339 18.95 -14.50 14.08
CA ILE D 339 17.80 -15.12 13.46
C ILE D 339 16.57 -15.02 14.35
N VAL D 340 16.77 -15.04 15.68
CA VAL D 340 15.63 -14.86 16.58
C VAL D 340 15.06 -13.45 16.45
N ALA D 341 15.94 -12.45 16.34
CA ALA D 341 15.47 -11.08 16.16
C ALA D 341 14.79 -10.90 14.80
N LYS D 342 15.24 -11.63 13.78
CA LYS D 342 14.64 -11.46 12.46
C LYS D 342 13.35 -12.25 12.31
N CYS D 343 13.12 -13.27 13.13
CA CYS D 343 11.92 -14.08 12.98
C CYS D 343 10.63 -13.31 13.25
N HIS D 344 10.72 -12.11 13.82
CA HIS D 344 9.52 -11.35 14.16
C HIS D 344 8.70 -11.03 12.92
N SER D 345 9.29 -10.30 11.98
CA SER D 345 8.58 -9.94 10.77
C SER D 345 8.21 -11.17 9.95
N LEU D 346 9.04 -12.21 10.02
CA LEU D 346 8.70 -13.47 9.36
C LEU D 346 7.41 -14.05 9.92
N LEU D 347 7.27 -14.07 11.24
CA LEU D 347 6.07 -14.64 11.83
C LEU D 347 4.86 -13.77 11.52
N HIS D 348 5.04 -12.45 11.49
CA HIS D 348 3.92 -11.59 11.11
C HIS D 348 3.49 -11.83 9.66
N GLY D 349 4.47 -12.01 8.76
CA GLY D 349 4.11 -12.33 7.39
C GLY D 349 3.42 -13.68 7.26
N LEU D 350 3.89 -14.67 8.02
CA LEU D 350 3.25 -15.98 8.00
C LEU D 350 1.82 -15.89 8.50
N LEU D 351 1.59 -15.11 9.56
CA LEU D 351 0.25 -14.91 10.06
C LEU D 351 -0.64 -14.23 9.01
N ASP D 352 -0.10 -13.22 8.35
CA ASP D 352 -0.86 -12.54 7.30
C ASP D 352 -1.25 -13.51 6.19
N ILE D 353 -0.31 -14.36 5.76
CA ILE D 353 -0.60 -15.30 4.70
C ILE D 353 -1.61 -16.34 5.15
N ALA D 354 -1.50 -16.81 6.40
CA ALA D 354 -2.45 -17.77 6.91
C ALA D 354 -3.85 -17.20 6.99
N CYS D 355 -3.97 -15.93 7.37
CA CYS D 355 -5.28 -15.29 7.35
C CYS D 355 -5.77 -15.08 5.92
N GLY D 356 -4.84 -14.88 4.98
CA GLY D 356 -5.23 -14.78 3.60
C GLY D 356 -5.80 -16.08 3.05
N PHE D 357 -5.29 -17.22 3.51
CA PHE D 357 -5.82 -18.51 3.08
C PHE D 357 -7.00 -18.97 3.92
N ARG D 358 -7.50 -18.15 4.84
CA ARG D 358 -8.68 -18.46 5.63
C ARG D 358 -8.48 -19.76 6.41
N ASN D 359 -7.45 -19.76 7.25
CA ASN D 359 -7.14 -20.91 8.08
C ASN D 359 -6.90 -20.41 9.50
N LEU D 360 -7.63 -20.98 10.46
CA LEU D 360 -7.58 -20.51 11.84
C LEU D 360 -6.53 -21.23 12.67
N ASP D 361 -6.39 -22.54 12.47
CA ASP D 361 -5.44 -23.30 13.28
C ASP D 361 -4.02 -22.82 13.05
N ILE D 362 -3.67 -22.52 11.80
CA ILE D 362 -2.32 -22.06 11.51
C ILE D 362 -2.08 -20.69 12.13
N ALA D 363 -3.10 -19.83 12.14
CA ALA D 363 -2.94 -18.51 12.76
C ALA D 363 -2.75 -18.65 14.27
N LEU D 364 -3.53 -19.52 14.90
CA LEU D 364 -3.37 -19.74 16.33
C LEU D 364 -2.00 -20.30 16.64
N GLY D 365 -1.52 -21.25 15.83
CA GLY D 365 -0.18 -21.76 15.99
C GLY D 365 0.87 -20.68 15.82
N ALA D 366 0.65 -19.77 14.87
CA ALA D 366 1.60 -18.69 14.65
C ALA D 366 1.69 -17.79 15.86
N ILE D 367 0.55 -17.41 16.42
CA ILE D 367 0.56 -16.56 17.61
C ILE D 367 1.21 -17.28 18.78
N ASN D 368 0.91 -18.57 18.94
CA ASN D 368 1.51 -19.32 20.04
C ASN D 368 3.03 -19.44 19.88
N THR D 369 3.49 -19.66 18.63
CA THR D 369 4.93 -19.75 18.40
C THR D 369 5.61 -18.40 18.63
N PHE D 370 4.92 -17.31 18.29
CA PHE D 370 5.48 -15.99 18.56
C PHE D 370 5.62 -15.78 20.06
N LYS D 371 4.60 -16.15 20.83
CA LYS D 371 4.70 -16.09 22.29
C LYS D 371 5.87 -16.93 22.79
N CYS D 372 6.00 -18.15 22.27
CA CYS D 372 7.03 -19.06 22.75
C CYS D 372 8.42 -18.53 22.43
N ILE D 373 8.58 -17.92 21.26
CA ILE D 373 9.88 -17.36 20.90
C ILE D 373 10.20 -16.14 21.74
N VAL D 374 9.22 -15.26 21.94
CA VAL D 374 9.48 -14.03 22.69
C VAL D 374 9.78 -14.34 24.15
N GLN D 375 9.16 -15.38 24.71
CA GLN D 375 9.42 -15.74 26.10
C GLN D 375 10.50 -16.80 26.28
N ALA D 376 10.99 -17.39 25.19
CA ALA D 376 11.97 -18.46 25.24
C ALA D 376 11.51 -19.58 26.17
N VAL D 377 10.41 -20.22 25.79
CA VAL D 377 9.81 -21.29 26.58
C VAL D 377 9.01 -22.21 25.67
N PRO D 378 9.13 -23.53 25.83
CA PRO D 378 8.29 -24.43 25.05
C PRO D 378 6.84 -24.39 25.53
N LEU D 379 5.92 -24.57 24.59
CA LEU D 379 4.51 -24.45 24.91
C LEU D 379 4.07 -25.62 25.78
N THR D 380 3.66 -25.31 27.00
CA THR D 380 3.20 -26.29 27.97
C THR D 380 1.88 -25.82 28.56
N PRO D 381 1.09 -26.73 29.13
CA PRO D 381 -0.13 -26.28 29.81
C PRO D 381 0.15 -25.33 30.96
N ASN D 382 1.17 -25.62 31.76
CA ASN D 382 1.60 -24.73 32.84
C ASN D 382 2.76 -23.89 32.33
N CYS D 383 2.43 -22.90 31.50
CA CYS D 383 3.41 -22.02 30.92
C CYS D 383 3.31 -20.58 31.41
N GLN D 384 2.12 -20.13 31.82
CA GLN D 384 1.99 -18.78 32.35
C GLN D 384 2.84 -18.59 33.60
N ILE D 385 3.19 -19.69 34.28
CA ILE D 385 4.08 -19.62 35.43
C ILE D 385 5.53 -19.91 35.04
N LEU D 386 5.77 -20.61 33.93
CA LEU D 386 7.12 -20.89 33.48
C LEU D 386 7.73 -19.73 32.71
N GLN D 387 6.91 -18.78 32.25
CA GLN D 387 7.45 -17.58 31.61
C GLN D 387 8.01 -16.59 32.62
N LEU D 388 7.86 -16.85 33.91
CA LEU D 388 8.41 -15.97 34.93
C LEU D 388 9.94 -16.00 34.88
N PRO D 389 10.59 -14.93 35.35
CA PRO D 389 12.05 -14.85 35.20
C PRO D 389 12.82 -15.93 35.96
N ASN D 390 12.52 -16.13 37.24
CA ASN D 390 13.34 -16.99 38.10
C ASN D 390 12.48 -18.05 38.79
N VAL D 391 12.28 -19.17 38.10
CA VAL D 391 11.65 -20.35 38.68
C VAL D 391 12.52 -21.57 38.35
N ASP D 392 12.24 -22.67 39.05
CA ASP D 392 12.93 -23.93 38.82
C ASP D 392 11.90 -24.99 38.44
N LYS D 393 12.07 -25.57 37.25
CA LYS D 393 11.08 -26.53 36.76
C LYS D 393 11.16 -27.84 37.53
N GLU D 394 12.37 -28.33 37.80
CA GLU D 394 12.53 -29.60 38.49
C GLU D 394 11.92 -29.59 39.88
N HIS D 395 11.74 -28.40 40.47
CA HIS D 395 11.06 -28.29 41.76
C HIS D 395 9.58 -28.01 41.61
N PHE D 396 9.23 -27.03 40.77
CA PHE D 396 7.84 -26.62 40.64
C PHE D 396 6.97 -27.73 40.05
N ILE D 397 7.43 -28.37 38.97
CA ILE D 397 6.63 -29.38 38.32
C ILE D 397 6.45 -30.60 39.22
N THR D 398 7.52 -31.01 39.91
CA THR D 398 7.46 -32.20 40.73
C THR D 398 6.73 -31.96 42.05
N LYS D 399 6.73 -30.73 42.55
CA LYS D 399 6.09 -30.44 43.82
C LYS D 399 4.59 -30.24 43.65
N THR D 400 4.20 -29.24 42.87
CA THR D 400 2.80 -28.92 42.66
C THR D 400 2.34 -29.42 41.30
N GLY D 401 1.03 -29.65 41.18
CA GLY D 401 0.47 -30.12 39.94
C GLY D 401 -0.91 -29.55 39.65
N ASP D 402 -1.30 -28.52 40.38
CA ASP D 402 -2.62 -27.91 40.21
C ASP D 402 -2.58 -26.45 39.80
N ILE D 403 -1.47 -25.74 40.03
CA ILE D 403 -1.38 -24.34 39.66
C ILE D 403 -0.99 -24.25 38.19
N HIS D 404 -1.82 -23.58 37.39
CA HIS D 404 -1.55 -23.44 35.97
C HIS D 404 -1.70 -22.02 35.45
N THR D 405 -2.38 -21.13 36.17
CA THR D 405 -2.56 -19.75 35.74
C THR D 405 -1.85 -18.82 36.72
N LEU D 406 -2.03 -17.52 36.51
CA LEU D 406 -1.41 -16.55 37.40
C LEU D 406 -2.31 -16.16 38.55
N GLY D 407 -3.63 -16.08 38.34
CA GLY D 407 -4.53 -15.79 39.44
C GLY D 407 -4.52 -16.90 40.47
N LYS D 408 -4.53 -18.15 40.00
CA LYS D 408 -4.41 -19.28 40.92
C LYS D 408 -3.11 -19.20 41.71
N LEU D 409 -2.06 -18.64 41.11
CA LEU D 409 -0.80 -18.44 41.83
C LEU D 409 -0.97 -17.35 42.90
N PHE D 410 -1.58 -16.23 42.52
CA PHE D 410 -1.83 -15.15 43.47
C PHE D 410 -2.79 -15.55 44.58
N THR D 411 -3.52 -16.64 44.42
CA THR D 411 -4.42 -17.09 45.48
C THR D 411 -3.64 -17.39 46.75
N LEU D 412 -2.42 -17.90 46.63
CA LEU D 412 -1.59 -18.16 47.79
C LEU D 412 -0.98 -16.86 48.30
N GLU D 413 -0.48 -16.91 49.54
CA GLU D 413 0.07 -15.73 50.18
C GLU D 413 1.44 -15.39 49.58
N ASP D 414 2.02 -14.29 50.08
CA ASP D 414 3.28 -13.80 49.53
C ASP D 414 4.46 -14.69 49.90
N ALA D 415 4.42 -15.33 51.06
CA ALA D 415 5.48 -16.25 51.45
C ALA D 415 5.23 -17.66 50.93
N LYS D 416 3.97 -18.08 50.86
CA LYS D 416 3.67 -19.39 50.30
C LYS D 416 4.01 -19.45 48.81
N ILE D 417 3.85 -18.32 48.10
CA ILE D 417 4.24 -18.29 46.69
C ILE D 417 5.74 -18.56 46.54
N GLY D 418 6.55 -17.91 47.38
CA GLY D 418 7.98 -18.16 47.33
C GLY D 418 8.33 -19.58 47.75
N GLU D 419 7.64 -20.11 48.75
CA GLU D 419 7.90 -21.47 49.19
C GLU D 419 7.54 -22.48 48.11
N VAL D 420 6.51 -22.20 47.31
CA VAL D 420 6.13 -23.09 46.23
C VAL D 420 7.09 -22.97 45.07
N LEU D 421 7.40 -21.75 44.65
CA LEU D 421 8.32 -21.54 43.53
C LEU D 421 9.75 -21.90 43.89
N GLY D 422 10.05 -22.14 45.17
CA GLY D 422 11.36 -22.63 45.57
C GLY D 422 12.50 -21.71 45.19
N ILE D 423 12.48 -20.48 45.71
CA ILE D 423 13.57 -19.55 45.45
C ILE D 423 14.12 -19.01 46.77
N LYS D 424 13.26 -18.95 47.78
CA LYS D 424 13.59 -18.58 49.16
C LYS D 424 14.62 -17.44 49.21
N ASP D 425 14.27 -16.32 48.57
CA ASP D 425 15.08 -15.12 48.60
C ASP D 425 14.15 -13.93 48.49
N GLN D 426 13.97 -13.20 49.59
CA GLN D 426 12.99 -12.11 49.63
C GLN D 426 13.35 -11.03 48.62
N ALA D 427 14.61 -10.58 48.62
CA ALA D 427 15.03 -9.56 47.68
C ALA D 427 14.86 -10.01 46.24
N LYS D 428 14.96 -11.31 45.98
CA LYS D 428 14.72 -11.85 44.65
C LYS D 428 13.26 -12.22 44.42
N LEU D 429 12.53 -12.54 45.48
CA LEU D 429 11.10 -12.79 45.35
C LEU D 429 10.33 -11.53 45.01
N ASN D 430 10.83 -10.37 45.44
CA ASN D 430 10.17 -9.11 45.12
C ASN D 430 10.15 -8.88 43.61
N GLU D 431 11.21 -9.24 42.91
CA GLU D 431 11.26 -9.03 41.47
C GLU D 431 10.18 -9.85 40.76
N THR D 432 10.10 -11.14 41.07
CA THR D 432 9.10 -11.97 40.40
C THR D 432 7.69 -11.61 40.83
N LEU D 433 7.50 -11.18 42.08
CA LEU D 433 6.17 -10.75 42.50
C LEU D 433 5.75 -9.44 41.85
N ARG D 434 6.71 -8.57 41.53
CA ARG D 434 6.39 -7.34 40.81
C ARG D 434 6.18 -7.61 39.33
N VAL D 435 6.84 -8.63 38.78
CA VAL D 435 6.63 -8.95 37.38
C VAL D 435 5.29 -9.66 37.17
N ALA D 436 4.94 -10.58 38.07
CA ALA D 436 3.72 -11.36 37.89
C ALA D 436 2.47 -10.55 38.11
N SER D 437 2.58 -9.33 38.65
CA SER D 437 1.43 -8.49 38.92
C SER D 437 1.40 -7.26 38.01
N HIS D 438 2.11 -7.32 36.89
CA HIS D 438 2.15 -6.17 35.98
C HIS D 438 2.06 -6.56 34.51
N ILE D 439 1.66 -7.77 34.18
CA ILE D 439 1.45 -8.12 32.77
C ILE D 439 -0.06 -8.06 32.50
N PRO D 440 -0.46 -7.57 31.33
CA PRO D 440 -1.88 -7.25 31.12
C PRO D 440 -2.75 -8.45 30.83
N ASN D 441 -3.84 -8.60 31.58
CA ASN D 441 -4.90 -9.54 31.27
C ASN D 441 -6.13 -8.76 30.83
N LEU D 442 -6.84 -9.29 29.85
CA LEU D 442 -8.00 -8.61 29.29
C LEU D 442 -9.29 -9.16 29.87
N LYS D 443 -10.35 -8.41 29.68
CA LYS D 443 -11.69 -8.77 30.14
C LYS D 443 -12.69 -7.86 29.44
N ILE D 444 -13.77 -8.44 28.95
CA ILE D 444 -14.74 -7.70 28.17
C ILE D 444 -15.75 -7.04 29.09
N ILE D 445 -16.22 -5.87 28.68
CA ILE D 445 -17.29 -5.16 29.37
C ILE D 445 -18.52 -4.99 28.47
N LYS D 446 -18.30 -4.63 27.21
CA LYS D 446 -19.39 -4.54 26.25
C LYS D 446 -18.82 -4.82 24.87
N ALA D 447 -19.45 -5.73 24.15
CA ALA D 447 -19.01 -6.11 22.82
C ALA D 447 -20.24 -6.24 21.92
N ASP D 448 -20.24 -5.50 20.82
CA ASP D 448 -21.39 -5.47 19.92
C ASP D 448 -20.98 -4.79 18.62
N PHE D 449 -21.82 -4.94 17.60
CA PHE D 449 -21.57 -4.35 16.30
C PHE D 449 -22.10 -2.93 16.27
N LEU D 450 -21.32 -2.03 15.69
CA LEU D 450 -21.71 -0.64 15.52
C LEU D 450 -21.58 -0.24 14.05
N VAL D 451 -22.52 0.57 13.60
CA VAL D 451 -22.52 1.12 12.24
C VAL D 451 -22.59 2.64 12.37
N PRO D 452 -21.69 3.38 11.74
CA PRO D 452 -21.66 4.84 11.93
C PRO D 452 -22.84 5.51 11.24
N GLY D 453 -23.66 6.19 12.04
CA GLY D 453 -24.79 6.93 11.51
C GLY D 453 -26.13 6.24 11.64
N GLU D 454 -26.22 5.14 12.37
CA GLU D 454 -27.47 4.40 12.53
C GLU D 454 -27.51 3.82 13.94
N ASN D 455 -28.66 3.27 14.30
CA ASN D 455 -28.84 2.63 15.60
C ASN D 455 -29.08 1.14 15.49
N GLN D 456 -29.07 0.57 14.29
CA GLN D 456 -29.27 -0.86 14.10
C GLN D 456 -28.52 -1.28 12.84
N VAL D 457 -28.40 -2.59 12.66
CA VAL D 457 -27.71 -3.15 11.51
C VAL D 457 -28.73 -3.49 10.44
N THR D 458 -28.47 -3.05 9.22
CA THR D 458 -29.34 -3.28 8.08
C THR D 458 -28.64 -4.18 7.06
N PRO D 459 -29.40 -4.87 6.21
CA PRO D 459 -28.77 -5.67 5.16
C PRO D 459 -27.90 -4.80 4.25
N SER D 460 -26.75 -5.35 3.85
CA SER D 460 -25.81 -4.66 2.98
C SER D 460 -25.34 -3.34 3.58
N SER D 461 -25.21 -3.31 4.90
CA SER D 461 -24.59 -2.20 5.59
C SER D 461 -23.16 -2.55 5.96
N THR D 462 -22.38 -1.53 6.30
CA THR D 462 -20.95 -1.67 6.58
C THR D 462 -20.67 -1.30 8.02
N PRO D 463 -20.89 -2.22 8.96
CA PRO D 463 -20.62 -1.94 10.37
C PRO D 463 -19.20 -2.33 10.75
N TYR D 464 -18.83 -1.99 11.98
CA TYR D 464 -17.53 -2.35 12.54
C TYR D 464 -17.76 -2.93 13.93
N ILE D 465 -16.68 -3.44 14.51
CA ILE D 465 -16.73 -4.08 15.82
C ILE D 465 -16.14 -3.12 16.85
N SER D 466 -16.86 -2.92 17.95
CA SER D 466 -16.44 -2.02 19.02
C SER D 466 -16.32 -2.84 20.30
N LEU D 467 -15.11 -2.90 20.85
CA LEU D 467 -14.85 -3.65 22.06
C LEU D 467 -14.57 -2.70 23.22
N LYS D 468 -15.19 -2.99 24.36
CA LYS D 468 -14.95 -2.27 25.61
C LYS D 468 -14.30 -3.25 26.56
N VAL D 469 -12.96 -3.25 26.59
CA VAL D 469 -12.22 -4.20 27.38
C VAL D 469 -11.72 -3.53 28.65
N LEU D 470 -11.26 -4.34 29.60
CA LEU D 470 -10.74 -3.84 30.87
C LEU D 470 -9.39 -4.52 31.12
N VAL D 471 -8.31 -3.76 30.93
CA VAL D 471 -6.96 -4.28 31.12
C VAL D 471 -6.71 -4.40 32.62
N ARG D 472 -6.61 -5.62 33.12
CA ARG D 472 -6.41 -5.88 34.53
C ARG D 472 -5.23 -6.82 34.73
N SER D 473 -4.76 -6.90 35.98
CA SER D 473 -3.74 -7.84 36.37
C SER D 473 -4.35 -9.03 37.10
N ALA D 474 -3.55 -10.08 37.27
CA ALA D 474 -4.04 -11.29 37.91
C ALA D 474 -4.20 -11.16 39.42
N LYS D 475 -3.89 -10.00 39.99
CA LYS D 475 -4.02 -9.79 41.43
C LYS D 475 -5.32 -9.11 41.83
N GLN D 476 -5.92 -8.34 40.93
CA GLN D 476 -7.16 -7.65 41.25
C GLN D 476 -8.35 -8.59 41.12
N PRO D 477 -9.31 -8.50 42.04
CA PRO D 477 -10.54 -9.29 41.90
C PRO D 477 -11.42 -8.76 40.77
N LEU D 478 -12.59 -9.36 40.60
CA LEU D 478 -13.50 -9.00 39.54
C LEU D 478 -14.44 -7.89 40.00
N ILE D 479 -14.53 -6.83 39.20
CA ILE D 479 -15.46 -5.73 39.48
C ILE D 479 -16.72 -5.95 38.66
N PRO D 480 -17.90 -5.82 39.24
CA PRO D 480 -19.14 -6.05 38.49
C PRO D 480 -19.31 -5.04 37.37
N THR D 481 -20.01 -5.48 36.32
CA THR D 481 -20.31 -4.58 35.20
C THR D 481 -21.29 -3.48 35.60
N SER D 482 -22.13 -3.73 36.60
CA SER D 482 -23.11 -2.73 37.01
C SER D 482 -22.47 -1.51 37.64
N LEU D 483 -21.26 -1.63 38.19
CA LEU D 483 -20.58 -0.48 38.78
C LEU D 483 -20.11 0.50 37.73
N ILE D 484 -20.04 0.08 36.46
CA ILE D 484 -19.64 1.00 35.39
C ILE D 484 -20.70 2.09 35.27
N PRO D 485 -20.34 3.36 35.24
CA PRO D 485 -21.33 4.44 35.24
C PRO D 485 -22.07 4.63 33.93
N GLU D 486 -21.89 3.75 32.94
CA GLU D 486 -22.57 3.76 31.65
C GLU D 486 -22.15 4.94 30.79
N GLU D 487 -21.32 5.84 31.30
CA GLU D 487 -20.88 6.97 30.50
C GLU D 487 -19.72 6.60 29.59
N ASN D 488 -18.77 5.83 30.09
CA ASN D 488 -17.61 5.44 29.31
C ASN D 488 -17.93 4.36 28.28
N LEU D 489 -19.13 3.81 28.31
CA LEU D 489 -19.52 2.76 27.37
C LEU D 489 -20.29 3.28 26.17
N THR D 490 -20.79 4.51 26.24
CA THR D 490 -21.57 5.08 25.16
C THR D 490 -20.68 5.67 24.08
N GLU D 491 -21.26 5.87 22.91
CA GLU D 491 -20.56 6.50 21.80
C GLU D 491 -21.06 7.92 21.59
N PRO D 492 -20.16 8.89 21.41
CA PRO D 492 -20.62 10.26 21.18
C PRO D 492 -21.38 10.36 19.87
N GLN D 493 -22.48 11.10 19.88
CA GLN D 493 -23.35 11.26 18.72
C GLN D 493 -23.06 12.64 18.12
N ASP D 494 -22.00 12.70 17.30
CA ASP D 494 -21.68 13.91 16.57
C ASP D 494 -21.11 13.51 15.22
N PHE D 495 -21.32 14.38 14.23
CA PHE D 495 -20.91 14.04 12.87
C PHE D 495 -19.41 13.86 12.76
N GLU D 496 -18.64 14.80 13.34
CA GLU D 496 -17.19 14.68 13.31
C GLU D 496 -16.68 13.45 14.06
N SER D 497 -17.48 12.90 14.98
CA SER D 497 -17.08 11.70 15.69
C SER D 497 -17.51 10.43 14.98
N GLN D 498 -18.62 10.47 14.24
CA GLN D 498 -19.12 9.30 13.54
C GLN D 498 -18.60 9.20 12.12
N ARG D 499 -17.91 10.23 11.63
CA ARG D 499 -17.30 10.15 10.30
C ARG D 499 -16.09 9.23 10.29
N ASP D 500 -15.29 9.26 11.36
CA ASP D 500 -14.12 8.40 11.51
C ASP D 500 -14.03 7.94 12.96
N PRO D 501 -14.67 6.82 13.31
CA PRO D 501 -14.73 6.41 14.72
C PRO D 501 -13.42 5.92 15.30
N PHE D 502 -12.34 5.90 14.51
CA PHE D 502 -11.04 5.43 14.97
C PHE D 502 -10.19 6.55 15.53
N ALA D 503 -10.62 7.80 15.39
CA ALA D 503 -9.85 8.91 15.95
C ALA D 503 -9.77 8.82 17.47
N MET D 504 -10.88 8.44 18.12
CA MET D 504 -10.85 8.32 19.58
C MET D 504 -9.98 7.15 20.03
N MET D 505 -9.93 6.09 19.23
CA MET D 505 -9.06 4.96 19.57
C MET D 505 -7.59 5.29 19.35
N SER D 506 -7.28 6.09 18.35
CA SER D 506 -5.90 6.45 18.05
C SER D 506 -5.33 7.49 19.02
N LYS D 507 -6.10 7.90 20.03
CA LYS D 507 -5.62 8.84 21.03
C LYS D 507 -5.19 8.14 22.31
N GLN D 508 -5.10 6.85 22.30
CA GLN D 508 -4.67 6.12 23.48
C GLN D 508 -3.16 5.98 23.49
N PRO D 509 -2.54 5.98 24.67
CA PRO D 509 -1.09 5.88 24.74
C PRO D 509 -0.60 4.49 24.32
N LEU D 510 0.69 4.43 24.00
CA LEU D 510 1.28 3.18 23.56
C LEU D 510 1.42 2.22 24.73
N VAL D 511 1.73 0.97 24.40
CA VAL D 511 1.93 -0.08 25.40
C VAL D 511 3.39 -0.05 25.84
N PRO D 512 3.67 -0.35 27.11
CA PRO D 512 5.06 -0.28 27.58
C PRO D 512 5.94 -1.37 26.98
N TYR D 513 7.23 -1.33 27.30
CA TYR D 513 8.15 -2.33 26.80
C TYR D 513 7.87 -3.68 27.48
N SER D 514 8.01 -4.74 26.70
CA SER D 514 7.72 -6.08 27.21
C SER D 514 8.87 -6.58 28.08
N PHE D 515 8.56 -7.57 28.91
CA PHE D 515 9.55 -8.21 29.77
C PHE D 515 10.02 -9.48 29.07
N ALA D 516 11.03 -9.35 28.23
CA ALA D 516 11.60 -10.47 27.48
C ALA D 516 13.10 -10.48 27.70
N PRO D 517 13.55 -11.03 28.84
CA PRO D 517 14.99 -11.05 29.12
C PRO D 517 15.79 -11.94 28.17
N PHE D 518 15.13 -12.78 27.38
CA PHE D 518 15.82 -13.66 26.45
C PHE D 518 15.70 -13.21 25.01
N PHE D 519 14.70 -12.41 24.68
CA PHE D 519 14.62 -11.84 23.34
C PHE D 519 15.74 -10.81 23.17
N PRO D 520 16.47 -10.85 22.06
CA PRO D 520 17.65 -9.97 21.92
C PRO D 520 17.33 -8.48 22.02
N THR D 521 16.44 -7.98 21.18
CA THR D 521 16.18 -6.54 21.12
C THR D 521 15.17 -6.15 22.19
N LYS D 522 14.71 -4.91 22.12
CA LYS D 522 13.65 -4.40 23.00
C LYS D 522 12.36 -4.30 22.18
N ARG D 523 11.30 -4.91 22.69
CA ARG D 523 10.02 -4.93 21.99
C ARG D 523 8.93 -4.31 22.85
N ARG D 524 7.95 -3.73 22.19
CA ARG D 524 6.73 -3.26 22.83
C ARG D 524 5.67 -4.36 22.76
N GLY D 525 4.68 -4.26 23.63
CA GLY D 525 3.54 -5.15 23.55
C GLY D 525 2.81 -5.00 22.23
N SER D 526 1.99 -6.01 21.93
CA SER D 526 1.17 -5.98 20.73
C SER D 526 0.02 -6.95 20.92
N TRP D 527 -1.14 -6.57 20.42
CA TRP D 527 -2.34 -7.40 20.51
C TRP D 527 -2.86 -7.64 19.10
N CYS D 528 -2.84 -8.89 18.68
CA CYS D 528 -3.31 -9.28 17.35
C CYS D 528 -4.76 -9.72 17.48
N CYS D 529 -5.66 -8.97 16.88
CA CYS D 529 -7.08 -9.28 16.89
C CYS D 529 -7.48 -9.76 15.50
N LEU D 530 -8.03 -10.97 15.43
CA LEU D 530 -8.45 -11.57 14.18
C LEU D 530 -9.84 -12.15 14.37
N VAL D 531 -10.68 -12.01 13.34
CA VAL D 531 -12.08 -12.43 13.39
C VAL D 531 -12.28 -13.59 12.43
N SER D 532 -13.11 -14.55 12.84
CA SER D 532 -13.49 -15.68 12.00
C SER D 532 -15.00 -15.81 12.01
N SER D 533 -15.49 -16.74 11.21
CA SER D 533 -16.91 -17.03 11.14
C SER D 533 -17.23 -18.28 11.95
N GLN D 534 -18.50 -18.39 12.35
CA GLN D 534 -18.94 -19.52 13.16
C GLN D 534 -19.72 -20.55 12.38
N LYS D 535 -20.09 -20.26 11.13
CA LYS D 535 -20.82 -21.24 10.33
C LYS D 535 -19.91 -22.37 9.89
N ASP D 536 -18.65 -22.05 9.55
CA ASP D 536 -17.68 -23.04 9.12
C ASP D 536 -16.39 -23.01 9.92
N GLY D 537 -16.00 -21.85 10.45
CA GLY D 537 -14.75 -21.75 11.19
C GLY D 537 -13.59 -21.34 10.31
N LYS D 538 -13.76 -20.27 9.55
CA LYS D 538 -12.75 -19.77 8.64
C LYS D 538 -12.50 -18.30 8.89
N ILE D 539 -11.23 -17.91 8.88
CA ILE D 539 -10.88 -16.50 9.00
C ILE D 539 -11.31 -15.77 7.72
N LEU D 540 -11.93 -14.61 7.89
CA LEU D 540 -12.51 -13.89 6.77
C LEU D 540 -11.90 -12.50 6.56
N GLN D 541 -10.78 -12.20 7.22
CA GLN D 541 -10.12 -10.92 7.00
C GLN D 541 -8.69 -11.00 7.52
N THR D 542 -7.87 -10.06 7.07
CA THR D 542 -6.50 -9.98 7.53
C THR D 542 -6.47 -9.60 9.01
N PRO D 543 -5.46 -10.02 9.75
CA PRO D 543 -5.42 -9.73 11.19
C PRO D 543 -5.03 -8.29 11.46
N ILE D 544 -5.73 -7.68 12.40
CA ILE D 544 -5.45 -6.31 12.82
C ILE D 544 -4.53 -6.35 14.03
N ILE D 545 -3.51 -5.51 14.02
CA ILE D 545 -2.53 -5.44 15.09
C ILE D 545 -2.63 -4.06 15.73
N ILE D 546 -3.14 -4.01 16.93
CA ILE D 546 -3.29 -2.77 17.67
C ILE D 546 -2.10 -2.59 18.60
N GLU D 547 -1.73 -1.34 18.84
CA GLU D 547 -0.59 -1.02 19.69
C GLU D 547 -0.89 0.01 20.77
N LYS D 548 -1.95 0.80 20.63
CA LYS D 548 -2.28 1.84 21.59
C LYS D 548 -3.24 1.30 22.62
N LEU D 549 -2.86 1.39 23.90
CA LEU D 549 -3.71 0.95 24.99
C LEU D 549 -3.18 1.54 26.28
N SER D 550 -4.09 1.78 27.22
CA SER D 550 -3.75 2.40 28.49
C SER D 550 -3.66 1.33 29.56
N TYR D 551 -2.50 1.23 30.22
CA TYR D 551 -2.30 0.31 31.32
C TYR D 551 -2.35 1.01 32.66
N LYS D 552 -3.18 2.05 32.79
CA LYS D 552 -3.29 2.77 34.05
C LYS D 552 -3.76 1.87 35.17
N ASN D 553 -4.57 0.85 34.87
CA ASN D 553 -5.08 -0.05 35.88
C ASN D 553 -4.01 -0.98 36.43
N LEU D 554 -2.79 -0.94 35.91
CA LEU D 554 -1.70 -1.77 36.38
C LEU D 554 -0.73 -1.03 37.29
N ASN D 555 -0.95 0.26 37.52
CA ASN D 555 -0.02 1.04 38.33
C ASN D 555 -0.05 0.58 39.77
N ASP D 556 1.00 0.94 40.51
CA ASP D 556 1.15 0.53 41.89
C ASP D 556 0.35 1.38 42.86
N ASP D 557 -0.34 2.42 42.38
CA ASP D 557 -1.18 3.22 43.26
C ASP D 557 -2.39 2.44 43.75
N LYS D 558 -2.95 1.60 42.91
CA LYS D 558 -4.12 0.79 43.28
C LYS D 558 -3.69 -0.61 43.69
N ASP D 559 -2.94 -0.67 44.78
CA ASP D 559 -2.51 -1.94 45.36
C ASP D 559 -3.44 -2.42 46.47
N PHE D 560 -4.28 -1.54 47.02
CA PHE D 560 -5.25 -1.96 48.03
C PHE D 560 -6.23 -2.97 47.46
N PHE D 561 -6.48 -2.92 46.15
CA PHE D 561 -7.43 -3.82 45.50
C PHE D 561 -6.73 -5.14 45.22
N ASP D 562 -6.61 -5.95 46.28
CA ASP D 562 -5.94 -7.24 46.22
C ASP D 562 -6.98 -8.36 46.32
N LYS D 563 -6.60 -9.54 45.85
CA LYS D 563 -7.53 -10.67 45.86
C LYS D 563 -7.56 -11.39 47.19
N ARG D 564 -6.42 -11.46 47.89
CA ARG D 564 -6.35 -12.24 49.13
C ARG D 564 -7.01 -11.55 50.31
N ILE D 565 -7.49 -10.31 50.15
CA ILE D 565 -8.11 -9.61 51.27
C ILE D 565 -9.51 -10.14 51.54
N LYS D 566 -10.24 -10.50 50.48
CA LYS D 566 -11.61 -11.02 50.54
C LYS D 566 -12.45 -10.29 51.59
N MET D 567 -12.52 -8.96 51.42
CA MET D 567 -13.26 -8.11 52.34
C MET D 567 -14.17 -7.13 51.62
N ASP D 568 -14.58 -7.46 50.38
CA ASP D 568 -15.45 -6.62 49.56
C ASP D 568 -14.84 -5.22 49.38
N LEU D 569 -13.72 -5.21 48.66
CA LEU D 569 -12.96 -3.99 48.45
C LEU D 569 -13.69 -2.99 47.54
N THR D 570 -14.89 -3.31 47.06
CA THR D 570 -15.64 -2.33 46.30
C THR D 570 -16.17 -1.22 47.21
N LYS D 571 -16.42 -1.53 48.48
CA LYS D 571 -16.81 -0.52 49.46
C LYS D 571 -15.59 -0.04 50.24
N HIS D 572 -14.62 0.49 49.49
CA HIS D 572 -13.37 0.97 50.06
C HIS D 572 -13.29 2.48 49.94
N GLU D 573 -12.56 3.09 50.88
CA GLU D 573 -12.40 4.53 50.88
C GLU D 573 -11.60 5.03 49.68
N LYS D 574 -10.73 4.19 49.12
CA LYS D 574 -9.93 4.54 47.97
C LYS D 574 -10.52 4.02 46.66
N PHE D 575 -11.61 3.28 46.72
CA PHE D 575 -12.21 2.69 45.52
C PHE D 575 -13.10 3.74 44.85
N ASP D 576 -12.71 4.15 43.65
CA ASP D 576 -13.48 5.11 42.86
C ASP D 576 -13.57 4.59 41.44
N ILE D 577 -14.80 4.27 41.01
CA ILE D 577 -15.02 3.71 39.69
C ILE D 577 -14.63 4.67 38.57
N ASN D 578 -14.51 5.96 38.87
CA ASN D 578 -14.11 6.95 37.89
C ASN D 578 -12.60 7.00 37.70
N ASP D 579 -11.84 6.31 38.53
CA ASP D 579 -10.39 6.25 38.38
C ASP D 579 -9.93 5.09 37.50
N TRP D 580 -10.74 4.05 37.37
CA TRP D 580 -10.39 2.91 36.55
C TRP D 580 -10.67 3.24 35.09
N GLU D 581 -9.63 3.16 34.27
CA GLU D 581 -9.75 3.50 32.86
C GLU D 581 -10.16 2.28 32.05
N ILE D 582 -11.03 2.50 31.07
CA ILE D 582 -11.58 1.43 30.25
C ILE D 582 -11.13 1.68 28.82
N GLY D 583 -10.13 0.95 28.37
CA GLY D 583 -9.67 1.06 27.01
C GLY D 583 -10.72 0.55 26.03
N THR D 584 -10.53 0.92 24.76
CA THR D 584 -11.46 0.55 23.71
C THR D 584 -10.68 0.00 22.52
N ILE D 585 -11.33 -0.92 21.80
CA ILE D 585 -10.74 -1.55 20.63
C ILE D 585 -11.78 -1.57 19.53
N LYS D 586 -11.42 -1.04 18.37
CA LYS D 586 -12.32 -0.96 17.23
C LYS D 586 -11.68 -1.63 16.03
N ILE D 587 -12.39 -2.55 15.41
CA ILE D 587 -11.89 -3.34 14.30
C ILE D 587 -12.81 -3.11 13.10
N PRO D 588 -12.28 -2.63 11.97
CA PRO D 588 -13.12 -2.54 10.76
C PRO D 588 -13.43 -3.94 10.25
N LEU D 589 -14.68 -4.13 9.81
CA LEU D 589 -15.12 -5.45 9.38
C LEU D 589 -14.65 -5.78 7.98
N GLY D 590 -14.43 -4.79 7.12
CA GLY D 590 -13.95 -5.01 5.78
C GLY D 590 -14.94 -5.66 4.82
N GLN D 591 -16.05 -6.20 5.32
CA GLN D 591 -17.05 -6.81 4.47
C GLN D 591 -18.43 -6.37 4.93
N PRO D 592 -19.36 -6.12 4.02
CA PRO D 592 -20.69 -5.66 4.42
C PRO D 592 -21.49 -6.79 5.04
N ALA D 593 -22.57 -6.39 5.71
CA ALA D 593 -23.49 -7.37 6.27
C ALA D 593 -24.21 -8.10 5.14
N PRO D 594 -24.64 -9.34 5.37
CA PRO D 594 -25.33 -10.09 4.33
C PRO D 594 -26.65 -9.43 3.94
N GLU D 595 -27.09 -9.76 2.73
CA GLU D 595 -28.35 -9.20 2.22
C GLU D 595 -29.57 -9.81 2.87
N THR D 596 -29.43 -10.88 3.64
CA THR D 596 -30.55 -11.51 4.31
C THR D 596 -30.89 -10.76 5.60
N VAL D 597 -31.86 -11.29 6.33
CA VAL D 597 -32.30 -10.72 7.60
C VAL D 597 -32.29 -11.83 8.64
N GLY D 598 -31.53 -11.64 9.70
CA GLY D 598 -31.44 -12.63 10.75
C GLY D 598 -30.18 -12.45 11.57
N ASP D 599 -29.93 -13.45 12.41
CA ASP D 599 -28.76 -13.46 13.28
C ASP D 599 -27.63 -14.18 12.59
N PHE D 600 -26.46 -13.54 12.54
CA PHE D 600 -25.26 -14.10 11.93
C PHE D 600 -24.13 -14.02 12.94
N PHE D 601 -23.69 -15.18 13.42
CA PHE D 601 -22.69 -15.24 14.47
C PHE D 601 -21.28 -15.09 13.90
N PHE D 602 -20.41 -14.47 14.70
CA PHE D 602 -19.01 -14.31 14.38
C PHE D 602 -18.17 -14.68 15.60
N ARG D 603 -16.86 -14.70 15.41
CA ARG D 603 -15.95 -15.01 16.50
C ARG D 603 -14.71 -14.14 16.36
N VAL D 604 -14.47 -13.30 17.36
CA VAL D 604 -13.31 -12.42 17.37
C VAL D 604 -12.32 -12.95 18.39
N ILE D 605 -11.05 -13.00 18.02
CA ILE D 605 -10.00 -13.55 18.86
C ILE D 605 -8.94 -12.47 19.05
N VAL D 606 -8.69 -12.10 20.30
CA VAL D 606 -7.70 -11.08 20.64
C VAL D 606 -6.66 -11.75 21.52
N LYS D 607 -5.51 -12.08 20.96
CA LYS D 607 -4.44 -12.74 21.67
C LYS D 607 -3.29 -11.77 21.91
N SER D 608 -2.49 -12.06 22.93
CA SER D 608 -1.28 -11.31 23.18
C SER D 608 -0.18 -11.78 22.24
N THR D 609 0.93 -11.04 22.23
CA THR D 609 2.09 -11.39 21.42
C THR D 609 3.36 -11.47 22.24
N ASP D 610 3.31 -11.16 23.53
CA ASP D 610 4.50 -11.13 24.35
C ASP D 610 4.37 -11.98 25.61
N TYR D 611 3.17 -12.10 26.16
CA TYR D 611 2.95 -12.86 27.37
C TYR D 611 2.01 -14.02 27.09
N PHE D 612 1.71 -14.80 28.12
CA PHE D 612 0.79 -15.92 28.06
C PHE D 612 -0.43 -15.65 28.91
N THR D 613 -0.97 -14.43 28.81
CA THR D 613 -2.01 -13.98 29.70
C THR D 613 -3.36 -14.54 29.27
N THR D 614 -4.43 -14.07 29.90
CA THR D 614 -5.79 -14.47 29.55
C THR D 614 -6.25 -13.66 28.35
N ASP D 615 -6.44 -14.33 27.22
CA ASP D 615 -6.86 -13.68 25.99
C ASP D 615 -8.38 -13.64 25.91
N LEU D 616 -8.88 -13.09 24.82
CA LEU D 616 -10.30 -12.94 24.58
C LEU D 616 -10.76 -13.93 23.52
N ASP D 617 -11.79 -14.71 23.85
CA ASP D 617 -12.36 -15.66 22.90
C ASP D 617 -13.88 -15.62 23.10
N ILE D 618 -14.55 -14.74 22.36
CA ILE D 618 -15.97 -14.50 22.52
C ILE D 618 -16.63 -14.56 21.15
N THR D 619 -17.92 -14.87 21.16
CA THR D 619 -18.72 -14.90 19.94
C THR D 619 -19.79 -13.82 20.01
N MET D 620 -20.15 -13.28 18.85
CA MET D 620 -21.16 -12.25 18.76
C MET D 620 -21.93 -12.44 17.46
N ASN D 621 -23.22 -12.13 17.50
CA ASN D 621 -24.08 -12.27 16.34
C ASN D 621 -24.67 -10.92 15.99
N MET D 622 -24.69 -10.61 14.69
CA MET D 622 -25.27 -9.37 14.21
C MET D 622 -26.75 -9.57 13.91
N LYS D 623 -27.59 -8.76 14.55
CA LYS D 623 -29.03 -8.88 14.41
C LYS D 623 -29.47 -7.99 13.24
N VAL D 624 -29.21 -8.48 12.03
CA VAL D 624 -29.63 -7.78 10.82
C VAL D 624 -31.15 -7.76 10.80
N ARG D 625 -31.73 -6.56 10.89
CA ARG D 625 -33.16 -6.43 11.07
C ARG D 625 -33.85 -5.53 10.04
N ASP D 626 -33.11 -4.66 9.36
CA ASP D 626 -33.68 -3.74 8.38
C ASP D 626 -34.76 -2.84 9.01
N ASN E 69 7.07 -33.67 -5.47
CA ASN E 69 6.03 -34.11 -4.56
C ASN E 69 4.77 -34.53 -5.33
N ASP E 70 4.86 -35.63 -6.06
CA ASP E 70 3.75 -36.10 -6.86
C ASP E 70 3.98 -37.58 -7.19
N ALA E 71 2.93 -38.20 -7.74
CA ALA E 71 2.99 -39.57 -8.19
C ALA E 71 3.07 -39.68 -9.71
N HIS E 72 3.26 -38.55 -10.40
CA HIS E 72 3.37 -38.57 -11.85
C HIS E 72 4.64 -39.30 -12.29
N ASP E 73 5.75 -39.02 -11.64
CA ASP E 73 7.00 -39.70 -11.95
C ASP E 73 6.96 -41.17 -11.56
N LEU E 74 6.19 -41.53 -10.54
CA LEU E 74 6.12 -42.93 -10.12
C LEU E 74 5.44 -43.79 -11.17
N TYR E 75 4.44 -43.25 -11.87
CA TYR E 75 3.81 -44.00 -12.94
C TYR E 75 4.79 -44.29 -14.07
N PHE E 76 5.60 -43.28 -14.43
CA PHE E 76 6.60 -43.49 -15.47
C PHE E 76 7.66 -44.49 -15.02
N GLN E 77 8.04 -44.44 -13.75
CA GLN E 77 8.99 -45.42 -13.24
C GLN E 77 8.42 -46.82 -13.30
N ILE E 78 7.14 -46.98 -12.95
CA ILE E 78 6.49 -48.29 -13.03
C ILE E 78 6.43 -48.76 -14.47
N LYS E 79 6.17 -47.83 -15.40
CA LYS E 79 6.12 -48.19 -16.81
C LYS E 79 7.48 -48.67 -17.31
N GLU E 80 8.54 -47.97 -16.92
CA GLU E 80 9.89 -48.38 -17.30
C GLU E 80 10.24 -49.73 -16.69
N MET E 81 9.78 -49.98 -15.46
CA MET E 81 10.03 -51.28 -14.84
C MET E 81 9.26 -52.39 -15.56
N SER E 82 8.03 -52.13 -15.97
CA SER E 82 7.25 -53.13 -16.69
C SER E 82 7.86 -53.41 -18.06
N GLU E 83 8.44 -52.39 -18.69
CA GLU E 83 9.07 -52.58 -19.98
C GLU E 83 10.29 -53.49 -19.92
N ASN E 84 10.72 -53.89 -18.73
CA ASN E 84 11.93 -54.69 -18.60
C ASN E 84 11.74 -55.98 -17.81
N GLU E 85 10.87 -55.96 -16.79
CA GLU E 85 10.76 -57.08 -15.86
C GLU E 85 9.49 -57.90 -16.06
N LYS E 86 8.61 -57.51 -16.97
CA LYS E 86 7.36 -58.22 -17.24
C LYS E 86 6.53 -58.38 -15.96
N ILE E 87 6.16 -57.22 -15.41
CA ILE E 87 5.31 -57.17 -14.23
C ILE E 87 3.86 -57.26 -14.68
N HIS E 88 2.94 -57.40 -13.73
CA HIS E 88 1.53 -57.60 -14.05
C HIS E 88 0.96 -56.39 -14.80
N GLU E 89 -0.21 -56.58 -15.40
CA GLU E 89 -0.87 -55.52 -16.15
C GLU E 89 -1.69 -54.59 -15.28
N LYS E 90 -2.20 -55.06 -14.15
CA LYS E 90 -3.09 -54.26 -13.33
C LYS E 90 -2.35 -53.17 -12.56
N VAL E 91 -1.04 -53.33 -12.34
CA VAL E 91 -0.31 -52.32 -11.59
C VAL E 91 -0.25 -51.02 -12.37
N LEU E 92 -0.12 -51.11 -13.70
CA LEU E 92 -0.11 -49.91 -14.52
C LEU E 92 -1.45 -49.18 -14.45
N LYS E 93 -2.55 -49.94 -14.50
CA LYS E 93 -3.87 -49.33 -14.36
C LYS E 93 -4.02 -48.68 -12.99
N ALA E 94 -3.47 -49.32 -11.95
CA ALA E 94 -3.56 -48.75 -10.60
C ALA E 94 -2.79 -47.44 -10.51
N ALA E 95 -1.57 -47.42 -11.02
CA ALA E 95 -0.79 -46.19 -11.01
C ALA E 95 -1.46 -45.11 -11.85
N LEU E 96 -2.10 -45.52 -12.94
CA LEU E 96 -2.84 -44.57 -13.77
C LEU E 96 -4.00 -43.95 -12.98
N LEU E 97 -4.76 -44.78 -12.29
CA LEU E 97 -5.84 -44.27 -11.44
C LEU E 97 -5.29 -43.34 -10.37
N ASN E 98 -4.13 -43.68 -9.80
CA ASN E 98 -3.56 -42.85 -8.75
C ASN E 98 -3.17 -41.48 -9.29
N ARG E 99 -2.48 -41.45 -10.42
CA ARG E 99 -2.09 -40.17 -10.99
C ARG E 99 -3.31 -39.36 -11.42
N GLY E 100 -4.33 -40.02 -11.95
CA GLY E 100 -5.54 -39.31 -12.31
C GLY E 100 -6.23 -38.69 -11.10
N ALA E 101 -6.33 -39.45 -10.01
CA ALA E 101 -6.91 -38.92 -8.79
C ALA E 101 -6.11 -37.74 -8.25
N GLU E 102 -4.79 -37.85 -8.29
CA GLU E 102 -3.95 -36.75 -7.82
C GLU E 102 -4.15 -35.51 -8.68
N SER E 103 -4.26 -35.70 -10.00
CA SER E 103 -4.49 -34.56 -10.89
C SER E 103 -5.84 -33.91 -10.61
N VAL E 104 -6.87 -34.73 -10.39
CA VAL E 104 -8.19 -34.19 -10.07
C VAL E 104 -8.14 -33.40 -8.77
N ARG E 105 -7.47 -33.95 -7.76
CA ARG E 105 -7.34 -33.27 -6.48
C ARG E 105 -6.63 -31.93 -6.64
N ARG E 106 -5.54 -31.92 -7.39
CA ARG E 106 -4.80 -30.67 -7.58
C ARG E 106 -5.60 -29.66 -8.37
N SER E 107 -6.37 -30.12 -9.36
CA SER E 107 -7.19 -29.20 -10.13
C SER E 107 -8.26 -28.55 -9.25
N LEU E 108 -8.93 -29.36 -8.44
CA LEU E 108 -9.93 -28.80 -7.52
C LEU E 108 -9.29 -27.87 -6.50
N LYS E 109 -8.09 -28.23 -6.03
CA LYS E 109 -7.38 -27.37 -5.09
C LYS E 109 -7.08 -26.01 -5.71
N LEU E 110 -6.58 -26.01 -6.93
CA LEU E 110 -6.29 -24.75 -7.61
C LEU E 110 -7.56 -23.95 -7.86
N LYS E 111 -8.64 -24.64 -8.25
CA LYS E 111 -9.90 -23.94 -8.53
C LYS E 111 -10.47 -23.31 -7.27
N GLU E 112 -10.26 -23.93 -6.11
CA GLU E 112 -10.76 -23.34 -4.88
C GLU E 112 -9.79 -22.37 -4.24
N LEU E 113 -8.51 -22.38 -4.62
CA LEU E 113 -7.54 -21.46 -4.06
C LEU E 113 -7.32 -20.22 -4.92
N ALA E 114 -7.72 -20.25 -6.19
CA ALA E 114 -7.50 -19.11 -7.08
C ALA E 114 -8.04 -17.79 -6.53
N PRO E 115 -9.26 -17.70 -5.98
CA PRO E 115 -9.72 -16.40 -5.49
C PRO E 115 -8.87 -15.86 -4.35
N GLN E 116 -8.43 -16.73 -3.44
CA GLN E 116 -7.61 -16.26 -2.32
C GLN E 116 -6.24 -15.83 -2.81
N ILE E 117 -5.66 -16.55 -3.77
CA ILE E 117 -4.39 -16.14 -4.35
C ILE E 117 -4.53 -14.78 -5.02
N ASN E 118 -5.61 -14.59 -5.78
CA ASN E 118 -5.83 -13.31 -6.45
C ASN E 118 -6.03 -12.19 -5.43
N LEU E 119 -6.72 -12.48 -4.33
CA LEU E 119 -6.90 -11.48 -3.29
C LEU E 119 -5.57 -11.09 -2.66
N LEU E 120 -4.74 -12.06 -2.34
CA LEU E 120 -3.43 -11.76 -1.77
C LEU E 120 -2.57 -10.98 -2.75
N TYR E 121 -2.66 -11.32 -4.04
CA TYR E 121 -1.88 -10.60 -5.04
C TYR E 121 -2.35 -9.15 -5.17
N LYS E 122 -3.67 -8.93 -5.22
CA LYS E 122 -4.20 -7.58 -5.29
C LYS E 122 -3.81 -6.78 -4.04
N ASN E 123 -3.80 -7.45 -2.88
CA ASN E 123 -3.36 -6.79 -1.65
C ASN E 123 -1.86 -6.50 -1.65
N GLY E 124 -1.12 -7.09 -2.59
CA GLY E 124 0.31 -6.82 -2.66
C GLY E 124 1.09 -7.44 -1.53
N SER E 125 0.87 -8.73 -1.27
CA SER E 125 1.59 -9.41 -0.21
C SER E 125 2.17 -10.75 -0.66
N ILE E 126 2.26 -10.97 -1.97
CA ILE E 126 2.76 -12.24 -2.50
C ILE E 126 3.88 -12.08 -3.51
N GLY E 127 4.07 -10.91 -4.11
CA GLY E 127 5.09 -10.72 -5.12
C GLY E 127 4.51 -10.56 -6.50
N GLU E 128 5.37 -10.70 -7.50
CA GLU E 128 4.98 -10.56 -8.90
C GLU E 128 5.13 -11.83 -9.70
N ASP E 129 6.15 -12.65 -9.42
CA ASP E 129 6.40 -13.85 -10.20
C ASP E 129 5.53 -15.02 -9.77
N TYR E 130 5.14 -15.06 -8.50
CA TYR E 130 4.35 -16.19 -8.02
C TYR E 130 2.98 -16.23 -8.68
N TRP E 131 2.40 -15.06 -9.00
CA TRP E 131 1.11 -15.05 -9.68
C TRP E 131 1.22 -15.64 -11.08
N LYS E 132 2.27 -15.29 -11.81
CA LYS E 132 2.48 -15.89 -13.12
C LYS E 132 2.75 -17.38 -13.00
N ARG E 133 3.53 -17.79 -12.01
CA ARG E 133 3.80 -19.21 -11.81
C ARG E 133 2.52 -19.96 -11.49
N PHE E 134 1.62 -19.35 -10.73
CA PHE E 134 0.35 -19.99 -10.39
C PHE E 134 -0.52 -20.15 -11.63
N GLU E 135 -0.65 -19.07 -12.42
CA GLU E 135 -1.43 -19.16 -13.65
C GLU E 135 -0.82 -20.18 -14.61
N THR E 136 0.50 -20.35 -14.57
CA THR E 136 1.14 -21.35 -15.41
C THR E 136 0.82 -22.75 -14.92
N GLU E 137 0.84 -22.95 -13.59
CA GLU E 137 0.46 -24.25 -13.03
C GLU E 137 -0.98 -24.59 -13.34
N VAL E 138 -1.84 -23.58 -13.47
CA VAL E 138 -3.25 -23.82 -13.82
C VAL E 138 -3.34 -24.60 -15.12
N LYS E 139 -2.60 -24.19 -16.14
CA LYS E 139 -2.66 -24.88 -17.41
C LYS E 139 -1.76 -26.11 -17.48
N LEU E 140 -0.68 -26.14 -16.70
CA LEU E 140 0.12 -27.36 -16.64
C LEU E 140 -0.66 -28.51 -16.03
N ILE E 141 -1.51 -28.22 -15.04
CA ILE E 141 -2.35 -29.27 -14.47
C ILE E 141 -3.33 -29.81 -15.51
N GLU E 142 -3.92 -28.91 -16.30
CA GLU E 142 -4.82 -29.36 -17.35
C GLU E 142 -4.08 -30.17 -18.41
N LEU E 143 -2.87 -29.75 -18.77
CA LEU E 143 -2.09 -30.50 -19.74
C LEU E 143 -1.74 -31.88 -19.21
N GLU E 144 -1.38 -31.97 -17.94
CA GLU E 144 -1.07 -33.26 -17.34
C GLU E 144 -2.30 -34.17 -17.32
N PHE E 145 -3.46 -33.60 -16.98
CA PHE E 145 -4.68 -34.41 -16.98
C PHE E 145 -5.04 -34.88 -18.39
N LYS E 146 -4.83 -34.02 -19.38
CA LYS E 146 -5.10 -34.40 -20.76
C LYS E 146 -4.17 -35.53 -21.21
N ASP E 147 -2.88 -35.42 -20.87
CA ASP E 147 -1.94 -36.48 -21.20
C ASP E 147 -2.30 -37.77 -20.49
N THR E 148 -2.73 -37.67 -19.22
CA THR E 148 -3.13 -38.86 -18.48
C THR E 148 -4.34 -39.53 -19.11
N LEU E 149 -5.32 -38.73 -19.54
CA LEU E 149 -6.50 -39.31 -20.18
C LEU E 149 -6.15 -39.94 -21.53
N GLN E 150 -5.26 -39.30 -22.28
CA GLN E 150 -4.79 -39.88 -23.53
C GLN E 150 -4.09 -41.22 -23.29
N GLU E 151 -3.24 -41.28 -22.28
CA GLU E 151 -2.56 -42.53 -21.94
C GLU E 151 -3.56 -43.58 -21.49
N ALA E 152 -4.61 -43.16 -20.77
CA ALA E 152 -5.63 -44.11 -20.34
C ALA E 152 -6.37 -44.70 -21.53
N GLU E 153 -6.73 -43.84 -22.50
CA GLU E 153 -7.37 -44.35 -23.70
C GLU E 153 -6.44 -45.27 -24.48
N ARG E 154 -5.15 -44.94 -24.52
CA ARG E 154 -4.19 -45.80 -25.20
C ARG E 154 -4.08 -47.15 -24.50
N LEU E 155 -4.19 -47.17 -23.18
CA LEU E 155 -4.02 -48.40 -22.44
C LEU E 155 -5.23 -49.32 -22.54
N GLN E 156 -6.44 -48.75 -22.55
CA GLN E 156 -7.65 -49.54 -22.67
C GLN E 156 -8.60 -48.81 -23.60
N PRO E 157 -9.07 -49.46 -24.66
CA PRO E 157 -9.97 -48.78 -25.60
C PRO E 157 -11.36 -48.60 -24.99
N GLY E 158 -11.93 -47.42 -25.23
CA GLY E 158 -13.26 -47.12 -24.73
C GLY E 158 -13.35 -47.11 -23.22
N TRP E 159 -12.38 -46.49 -22.56
CA TRP E 159 -12.32 -46.44 -21.11
C TRP E 159 -12.05 -45.02 -20.65
N VAL E 160 -12.79 -44.07 -21.21
CA VAL E 160 -12.59 -42.66 -20.89
C VAL E 160 -13.79 -42.10 -20.14
N GLN E 161 -14.99 -42.47 -20.58
CA GLN E 161 -16.20 -41.96 -19.94
C GLN E 161 -16.39 -42.51 -18.53
N LEU E 162 -15.79 -43.65 -18.22
CA LEU E 162 -15.84 -44.22 -16.88
C LEU E 162 -14.61 -43.88 -16.06
N PHE E 163 -13.46 -43.73 -16.71
CA PHE E 163 -12.23 -43.38 -16.00
C PHE E 163 -12.38 -42.07 -15.25
N VAL E 164 -13.10 -41.10 -15.83
CA VAL E 164 -13.23 -39.79 -15.22
C VAL E 164 -13.96 -39.90 -13.88
N MET E 165 -15.13 -40.54 -13.89
CA MET E 165 -15.90 -40.67 -12.64
C MET E 165 -15.21 -41.60 -11.65
N VAL E 166 -14.51 -42.62 -12.13
CA VAL E 166 -13.77 -43.49 -11.23
C VAL E 166 -12.70 -42.70 -10.50
N CYS E 167 -11.96 -41.87 -11.23
CA CYS E 167 -10.95 -41.02 -10.59
C CYS E 167 -11.60 -40.02 -9.64
N LYS E 168 -12.73 -39.44 -10.06
CA LYS E 168 -13.43 -38.48 -9.21
C LYS E 168 -13.83 -39.10 -7.89
N GLU E 169 -14.21 -40.38 -7.88
CA GLU E 169 -14.59 -41.03 -6.63
C GLU E 169 -13.37 -41.47 -5.81
N ILE E 170 -12.36 -42.04 -6.46
CA ILE E 170 -11.21 -42.53 -5.71
C ILE E 170 -10.45 -41.36 -5.09
N CYS E 171 -10.53 -40.17 -5.70
CA CYS E 171 -9.92 -38.99 -5.09
C CYS E 171 -10.48 -38.75 -3.69
N PHE E 172 -11.80 -38.58 -3.60
CA PHE E 172 -12.42 -38.33 -2.31
C PHE E 172 -12.21 -39.51 -1.36
N ASN E 173 -12.28 -40.74 -1.88
CA ASN E 173 -12.14 -41.89 -1.01
C ASN E 173 -10.75 -41.96 -0.40
N GLN E 174 -9.71 -41.72 -1.20
CA GLN E 174 -8.36 -41.77 -0.66
C GLN E 174 -8.08 -40.59 0.25
N ALA E 175 -8.67 -39.42 -0.04
CA ALA E 175 -8.53 -38.30 0.88
C ALA E 175 -9.12 -38.64 2.24
N LEU E 176 -10.32 -39.21 2.24
CA LEU E 176 -10.96 -39.60 3.49
C LEU E 176 -10.16 -40.68 4.22
N SER E 177 -9.62 -41.63 3.47
CA SER E 177 -8.85 -42.70 4.12
C SER E 177 -7.59 -42.15 4.77
N ARG E 178 -6.91 -41.21 4.10
CA ARG E 178 -5.74 -40.60 4.72
C ARG E 178 -6.12 -39.79 5.94
N ARG E 179 -7.20 -39.02 5.85
CA ARG E 179 -7.65 -38.23 6.99
C ARG E 179 -7.97 -39.13 8.18
N TYR E 180 -8.56 -40.30 7.92
CA TYR E 180 -8.87 -41.21 9.02
C TYR E 180 -7.62 -41.92 9.54
N GLN E 181 -6.68 -42.24 8.67
CA GLN E 181 -5.45 -42.88 9.11
C GLN E 181 -4.59 -41.94 9.93
N SER E 182 -4.76 -40.63 9.73
CA SER E 182 -3.94 -39.67 10.48
C SER E 182 -4.26 -39.62 11.97
N ILE E 183 -5.40 -40.18 12.41
CA ILE E 183 -5.81 -39.99 13.79
C ILE E 183 -4.92 -40.77 14.75
N LEU E 184 -4.36 -41.90 14.31
CA LEU E 184 -3.52 -42.67 15.21
C LEU E 184 -2.24 -41.93 15.57
N LYS E 185 -1.71 -41.14 14.64
CA LYS E 185 -0.57 -40.29 14.96
C LYS E 185 -1.01 -38.99 15.60
N ARG E 186 -2.22 -38.52 15.31
CA ARG E 186 -2.72 -37.31 15.94
C ARG E 186 -3.03 -37.51 17.42
N LYS E 187 -3.29 -38.75 17.82
CA LYS E 187 -3.69 -39.03 19.20
C LYS E 187 -2.54 -38.85 20.19
N GLU E 188 -1.30 -39.02 19.74
CA GLU E 188 -0.16 -38.93 20.66
C GLU E 188 0.41 -37.53 20.77
N VAL E 189 0.25 -36.70 19.73
CA VAL E 189 0.81 -35.35 19.78
C VAL E 189 0.07 -34.51 20.82
N CYS E 190 -1.24 -34.69 20.94
CA CYS E 190 -1.97 -33.98 21.98
C CYS E 190 -1.58 -34.48 23.36
N ILE E 191 -1.29 -35.78 23.48
CA ILE E 191 -0.76 -36.31 24.73
C ILE E 191 0.52 -35.59 25.11
N LYS E 192 1.46 -35.52 24.16
CA LYS E 192 2.74 -34.88 24.44
C LYS E 192 2.55 -33.40 24.75
N GLU E 193 1.58 -32.76 24.11
CA GLU E 193 1.39 -31.32 24.30
C GLU E 193 0.72 -30.99 25.63
N TRP E 194 -0.20 -31.82 26.09
CA TRP E 194 -0.97 -31.52 27.29
C TRP E 194 -0.55 -32.35 28.50
N GLU E 195 0.49 -33.17 28.37
CA GLU E 195 1.10 -33.88 29.50
C GLU E 195 0.09 -34.77 30.23
N LEU E 196 -0.64 -35.56 29.47
CA LEU E 196 -1.57 -36.52 30.06
C LEU E 196 -0.83 -37.74 30.57
N LYS E 197 -1.33 -38.29 31.67
CA LYS E 197 -0.83 -39.54 32.24
C LYS E 197 -1.90 -40.59 31.98
N ILE E 198 -1.85 -41.23 30.82
CA ILE E 198 -2.84 -42.20 30.40
C ILE E 198 -2.27 -43.59 30.59
N ASN E 199 -2.93 -44.39 31.42
CA ASN E 199 -2.54 -45.78 31.63
C ASN E 199 -3.17 -46.64 30.53
N ASN E 200 -3.12 -47.96 30.72
CA ASN E 200 -3.84 -48.85 29.83
C ASN E 200 -5.34 -48.59 29.91
N ASP E 201 -6.08 -49.07 28.92
CA ASP E 201 -7.52 -48.90 28.77
C ASP E 201 -7.88 -47.44 28.50
N GLY E 202 -6.91 -46.58 28.23
CA GLY E 202 -7.18 -45.22 27.84
C GLY E 202 -7.75 -44.32 28.91
N ARG E 203 -7.81 -44.78 30.16
CA ARG E 203 -8.32 -43.94 31.23
C ARG E 203 -7.26 -42.95 31.71
N LEU E 204 -7.71 -41.94 32.43
CA LEU E 204 -6.83 -40.96 33.02
C LEU E 204 -6.51 -41.33 34.47
N VAL E 205 -5.24 -41.20 34.85
CA VAL E 205 -4.80 -41.47 36.20
C VAL E 205 -4.16 -40.23 36.83
N ASN E 206 -4.44 -39.06 36.27
CA ASN E 206 -3.88 -37.79 36.75
C ASN E 206 -2.36 -37.83 36.80
N THR F 3 14.26 -45.82 -5.32
CA THR F 3 13.93 -47.02 -6.08
C THR F 3 12.71 -47.73 -5.51
N LEU F 4 12.37 -48.88 -6.07
CA LEU F 4 11.18 -49.62 -5.65
C LEU F 4 11.27 -51.04 -6.19
N GLU F 5 10.89 -52.00 -5.36
CA GLU F 5 10.87 -53.41 -5.74
C GLU F 5 9.44 -53.87 -5.98
N TYR F 6 9.30 -54.85 -6.87
CA TYR F 6 8.01 -55.42 -7.23
C TYR F 6 8.01 -56.91 -6.89
N ASN F 7 7.13 -57.30 -5.98
CA ASN F 7 7.01 -58.71 -5.65
C ASN F 7 6.40 -59.48 -6.82
N ALA F 8 6.66 -60.78 -6.84
CA ALA F 8 6.21 -61.64 -7.93
C ALA F 8 4.89 -62.33 -7.64
N ASN F 9 4.81 -63.03 -6.50
CA ASN F 9 3.60 -63.79 -6.19
C ASN F 9 2.50 -62.93 -5.58
N SER F 10 2.85 -62.00 -4.70
CA SER F 10 1.84 -61.17 -4.05
C SER F 10 1.47 -59.94 -4.86
N LYS F 11 2.34 -59.53 -5.80
CA LYS F 11 2.10 -58.35 -6.64
C LYS F 11 1.99 -57.07 -5.82
N LEU F 12 2.76 -56.97 -4.75
CA LEU F 12 2.87 -55.75 -3.97
C LEU F 12 4.16 -55.01 -4.32
N ILE F 13 4.07 -53.70 -4.43
CA ILE F 13 5.23 -52.86 -4.73
C ILE F 13 5.75 -52.28 -3.43
N THR F 14 7.06 -52.42 -3.20
CA THR F 14 7.71 -51.89 -2.02
C THR F 14 8.99 -51.18 -2.42
N ALA F 15 9.24 -50.03 -1.77
CA ALA F 15 10.45 -49.26 -2.04
C ALA F 15 11.60 -49.86 -1.26
N SER F 16 12.57 -50.42 -1.97
CA SER F 16 13.74 -51.04 -1.34
C SER F 16 14.78 -50.02 -0.90
N ASP F 17 14.46 -48.73 -0.92
CA ASP F 17 15.40 -47.72 -0.49
C ASP F 17 15.60 -47.78 1.02
N ALA F 18 16.74 -47.25 1.47
CA ALA F 18 17.04 -47.22 2.89
C ALA F 18 16.09 -46.29 3.63
N VAL F 19 15.90 -45.08 3.10
CA VAL F 19 14.97 -44.10 3.66
C VAL F 19 14.11 -43.57 2.52
N VAL F 20 12.80 -43.45 2.77
CA VAL F 20 11.84 -43.04 1.76
C VAL F 20 11.03 -41.88 2.32
N ALA F 21 10.63 -40.97 1.43
CA ALA F 21 9.82 -39.83 1.83
C ALA F 21 8.42 -40.27 2.23
N LEU F 22 7.68 -39.37 2.87
CA LEU F 22 6.37 -39.72 3.40
C LEU F 22 5.31 -39.75 2.31
N SER F 23 5.27 -38.73 1.46
CA SER F 23 4.30 -38.69 0.38
C SER F 23 4.50 -39.86 -0.57
N THR F 24 5.76 -40.18 -0.88
CA THR F 24 6.05 -41.33 -1.74
C THR F 24 5.52 -42.62 -1.11
N GLU F 25 5.70 -42.77 0.20
CA GLU F 25 5.22 -43.96 0.88
C GLU F 25 3.69 -44.03 0.84
N THR F 26 3.02 -42.90 1.04
CA THR F 26 1.56 -42.88 0.96
C THR F 26 1.10 -43.27 -0.43
N ASN F 27 1.78 -42.77 -1.47
CA ASN F 27 1.44 -43.16 -2.84
C ASN F 27 1.66 -44.65 -3.06
N ILE F 28 2.74 -45.19 -2.50
CA ILE F 28 3.01 -46.62 -2.62
C ILE F 28 1.87 -47.42 -1.99
N ASP F 29 1.45 -47.03 -0.79
CA ASP F 29 0.36 -47.74 -0.12
C ASP F 29 -0.94 -47.62 -0.90
N GLN F 30 -1.22 -46.43 -1.44
CA GLN F 30 -2.44 -46.26 -2.23
C GLN F 30 -2.44 -47.15 -3.45
N ILE F 31 -1.31 -47.20 -4.17
CA ILE F 31 -1.24 -48.03 -5.37
C ILE F 31 -1.34 -49.50 -5.00
N ASN F 32 -0.76 -49.90 -3.87
CA ASN F 32 -0.86 -51.28 -3.44
C ASN F 32 -2.30 -51.65 -3.09
N VAL F 33 -3.02 -50.73 -2.43
CA VAL F 33 -4.42 -50.96 -2.14
C VAL F 33 -5.22 -51.09 -3.42
N LEU F 34 -4.96 -50.20 -4.39
CA LEU F 34 -5.67 -50.27 -5.66
C LEU F 34 -5.40 -51.58 -6.38
N THR F 35 -4.16 -52.06 -6.33
CA THR F 35 -3.83 -53.33 -6.99
C THR F 35 -4.52 -54.49 -6.31
N THR F 36 -4.49 -54.52 -4.98
CA THR F 36 -5.17 -55.58 -4.25
C THR F 36 -6.67 -55.57 -4.51
N SER F 37 -7.24 -54.37 -4.69
CA SER F 37 -8.66 -54.28 -4.98
C SER F 37 -8.97 -54.74 -6.40
N LEU F 38 -8.14 -54.36 -7.37
CA LEU F 38 -8.35 -54.79 -8.75
C LEU F 38 -8.15 -56.29 -8.90
N ILE F 39 -7.30 -56.89 -8.07
CA ILE F 39 -7.13 -58.34 -8.11
C ILE F 39 -8.41 -59.04 -7.72
N GLY F 40 -9.09 -58.55 -6.68
CA GLY F 40 -10.32 -59.14 -6.23
C GLY F 40 -11.48 -58.85 -7.16
N GLU F 41 -11.55 -57.63 -7.67
CA GLU F 41 -12.62 -57.24 -8.59
C GLU F 41 -12.34 -57.82 -9.98
N THR F 42 -13.27 -58.62 -10.48
CA THR F 42 -13.01 -59.40 -11.70
C THR F 42 -13.28 -58.60 -12.96
N ASN F 43 -14.41 -57.89 -13.00
CA ASN F 43 -14.83 -57.24 -14.22
C ASN F 43 -13.83 -56.16 -14.65
N PRO F 44 -13.49 -56.09 -15.94
CA PRO F 44 -12.55 -55.04 -16.37
C PRO F 44 -13.12 -53.64 -16.26
N ASN F 45 -14.40 -53.46 -16.58
CA ASN F 45 -15.05 -52.16 -16.48
C ASN F 45 -15.87 -52.14 -15.20
N PHE F 46 -15.18 -51.88 -14.09
CA PHE F 46 -15.83 -51.85 -12.79
C PHE F 46 -16.70 -50.62 -12.65
N THR F 47 -17.83 -50.78 -11.97
CA THR F 47 -18.77 -49.68 -11.77
C THR F 47 -18.60 -49.09 -10.37
N PRO F 48 -18.84 -47.78 -10.22
CA PRO F 48 -18.75 -47.16 -8.90
C PRO F 48 -19.79 -47.68 -7.92
N GLN F 49 -20.64 -48.59 -8.35
CA GLN F 49 -21.62 -49.19 -7.47
C GLN F 49 -20.92 -49.99 -6.38
N PRO F 50 -21.26 -49.77 -5.11
CA PRO F 50 -20.55 -50.47 -4.02
C PRO F 50 -20.85 -51.96 -4.00
N ASN F 51 -20.06 -52.67 -3.22
CA ASN F 51 -20.23 -54.11 -3.06
C ASN F 51 -21.44 -54.40 -2.19
N GLU F 52 -21.86 -55.67 -2.17
CA GLU F 52 -23.02 -56.10 -1.41
C GLU F 52 -22.66 -57.08 -0.31
N ALA F 53 -21.82 -58.08 -0.61
CA ALA F 53 -21.42 -59.04 0.43
C ALA F 53 -20.61 -58.38 1.52
N LEU F 54 -19.74 -57.44 1.14
CA LEU F 54 -19.00 -56.67 2.14
C LEU F 54 -19.95 -55.88 3.02
N SER F 55 -20.97 -55.26 2.42
CA SER F 55 -21.95 -54.53 3.20
C SER F 55 -22.69 -55.45 4.16
N LYS F 56 -23.03 -56.65 3.70
CA LYS F 56 -23.70 -57.61 4.57
C LYS F 56 -22.81 -58.00 5.75
N MET F 57 -21.53 -58.25 5.49
CA MET F 57 -20.61 -58.59 6.58
C MET F 57 -20.47 -57.43 7.55
N ILE F 58 -20.36 -56.21 7.04
CA ILE F 58 -20.24 -55.03 7.90
C ILE F 58 -21.48 -54.90 8.77
N LYS F 59 -22.67 -55.04 8.17
CA LYS F 59 -23.90 -54.92 8.92
C LYS F 59 -24.01 -56.02 9.97
N GLY F 60 -23.61 -57.24 9.63
CA GLY F 60 -23.65 -58.32 10.59
C GLY F 60 -22.73 -58.08 11.77
N LEU F 61 -21.50 -57.63 11.50
CA LEU F 61 -20.59 -57.29 12.58
C LEU F 61 -21.14 -56.17 13.44
N PHE F 62 -21.75 -55.17 12.81
CA PHE F 62 -22.30 -54.05 13.56
C PHE F 62 -23.45 -54.48 14.44
N GLU F 63 -24.32 -55.36 13.94
CA GLU F 63 -25.44 -55.82 14.74
C GLU F 63 -24.98 -56.74 15.87
N SER F 64 -23.96 -57.56 15.61
CA SER F 64 -23.42 -58.39 16.68
C SER F 64 -22.77 -57.54 17.75
N GLY F 65 -22.18 -56.41 17.37
CA GLY F 65 -21.64 -55.49 18.37
C GLY F 65 -22.73 -54.77 19.14
N MET F 66 -23.81 -54.39 18.46
CA MET F 66 -24.90 -53.67 19.12
C MET F 66 -25.68 -54.59 20.04
N LYS F 67 -25.72 -55.89 19.74
CA LYS F 67 -26.44 -56.83 20.60
C LYS F 67 -25.86 -56.86 22.00
N ASN F 68 -24.55 -56.64 22.13
CA ASN F 68 -23.93 -56.63 23.45
C ASN F 68 -24.42 -55.46 24.31
N LEU F 69 -25.01 -54.44 23.69
CA LEU F 69 -25.59 -53.36 24.47
C LEU F 69 -26.83 -53.83 25.22
N GLN F 70 -27.66 -54.65 24.60
CA GLN F 70 -28.82 -55.21 25.28
C GLN F 70 -28.38 -56.13 26.41
N GLN F 71 -27.34 -56.93 26.17
CA GLN F 71 -26.73 -57.73 27.22
C GLN F 71 -25.84 -56.89 28.13
N LYS F 72 -25.62 -55.61 27.77
CA LYS F 72 -24.89 -54.65 28.62
C LYS F 72 -23.43 -55.04 28.79
N LYS F 73 -22.79 -55.50 27.72
CA LYS F 73 -21.35 -55.77 27.71
C LYS F 73 -20.68 -54.71 26.84
N LEU F 74 -20.16 -53.68 27.49
CA LEU F 74 -19.57 -52.54 26.80
C LEU F 74 -18.10 -52.75 26.46
N ASN F 75 -17.54 -53.91 26.77
CA ASN F 75 -16.15 -54.20 26.47
C ASN F 75 -15.98 -54.89 25.12
N GLU F 76 -16.68 -56.00 24.91
CA GLU F 76 -16.60 -56.69 23.63
C GLU F 76 -17.37 -55.97 22.54
N ALA F 77 -18.39 -55.17 22.89
CA ALA F 77 -19.11 -54.41 21.89
C ALA F 77 -18.20 -53.38 21.23
N LEU F 78 -17.33 -52.74 22.02
CA LEU F 78 -16.37 -51.81 21.44
C LEU F 78 -15.41 -52.51 20.49
N LYS F 79 -14.93 -53.69 20.88
CA LYS F 79 -14.06 -54.46 20.00
C LYS F 79 -14.76 -54.81 18.70
N ASN F 80 -16.03 -55.22 18.79
CA ASN F 80 -16.77 -55.62 17.60
C ASN F 80 -16.99 -54.43 16.67
N VAL F 81 -17.39 -53.28 17.21
CA VAL F 81 -17.64 -52.13 16.35
C VAL F 81 -16.34 -51.62 15.76
N SER F 82 -15.25 -51.65 16.53
CA SER F 82 -13.96 -51.23 15.98
C SER F 82 -13.51 -52.15 14.87
N LEU F 83 -13.72 -53.46 15.03
CA LEU F 83 -13.37 -54.40 13.98
C LEU F 83 -14.21 -54.17 12.74
N ALA F 84 -15.51 -53.87 12.93
CA ALA F 84 -16.37 -53.58 11.79
C ALA F 84 -15.90 -52.34 11.04
N ILE F 85 -15.56 -51.29 11.77
CA ILE F 85 -15.06 -50.07 11.13
C ILE F 85 -13.74 -50.35 10.41
N GLU F 86 -12.88 -51.15 11.02
CA GLU F 86 -11.62 -51.50 10.39
C GLU F 86 -11.84 -52.25 9.08
N MET F 87 -12.75 -53.22 9.08
CA MET F 87 -13.03 -53.95 7.85
C MET F 87 -13.64 -53.05 6.80
N ALA F 88 -14.54 -52.14 7.21
CA ALA F 88 -15.14 -51.22 6.26
C ALA F 88 -14.09 -50.30 5.65
N GLN F 89 -13.09 -49.91 6.44
CA GLN F 89 -12.03 -49.05 5.93
C GLN F 89 -10.98 -49.80 5.11
N ARG F 90 -10.83 -51.11 5.33
CA ARG F 90 -9.77 -51.87 4.70
C ARG F 90 -10.25 -52.60 3.44
N LYS F 91 -11.27 -53.44 3.57
CA LYS F 91 -11.66 -54.34 2.48
C LYS F 91 -12.67 -53.71 1.54
N ARG F 92 -12.74 -52.38 1.47
CA ARG F 92 -13.67 -51.68 0.60
C ARG F 92 -12.88 -50.99 -0.51
N ALA F 93 -13.33 -51.20 -1.75
CA ALA F 93 -12.64 -50.61 -2.89
C ALA F 93 -12.77 -49.10 -2.86
N PRO F 94 -11.71 -48.39 -3.24
CA PRO F 94 -11.79 -46.92 -3.23
C PRO F 94 -12.68 -46.36 -4.34
N TRP F 95 -12.94 -47.13 -5.39
CA TRP F 95 -13.82 -46.63 -6.45
C TRP F 95 -15.30 -46.81 -6.11
N GLU F 96 -15.63 -47.29 -4.92
CA GLU F 96 -17.02 -47.38 -4.54
C GLU F 96 -17.58 -45.99 -4.25
N ALA F 97 -18.91 -45.92 -4.20
CA ALA F 97 -19.60 -44.63 -4.09
C ALA F 97 -19.21 -43.93 -2.79
N PHE F 98 -18.78 -42.67 -2.92
CA PHE F 98 -18.39 -41.90 -1.75
C PHE F 98 -19.60 -41.50 -0.91
N ALA F 99 -20.67 -41.04 -1.57
CA ALA F 99 -21.89 -40.64 -0.88
C ALA F 99 -22.60 -41.80 -0.21
N ILE F 100 -22.15 -43.03 -0.42
CA ILE F 100 -22.67 -44.18 0.30
C ILE F 100 -21.66 -44.73 1.31
N GLN F 101 -20.36 -44.58 1.06
CA GLN F 101 -19.36 -45.04 2.01
C GLN F 101 -19.22 -44.10 3.19
N LEU F 102 -19.48 -42.82 2.99
CA LEU F 102 -19.33 -41.84 4.06
C LEU F 102 -20.45 -41.94 5.10
N PRO F 103 -21.74 -42.01 4.70
CA PRO F 103 -22.79 -42.07 5.72
C PRO F 103 -22.74 -43.33 6.58
N GLU F 104 -22.41 -44.48 6.01
CA GLU F 104 -22.26 -45.68 6.83
C GLU F 104 -21.13 -45.53 7.83
N LEU F 105 -20.02 -44.95 7.39
CA LEU F 105 -18.92 -44.66 8.30
C LEU F 105 -19.38 -43.75 9.43
N HIS F 106 -20.15 -42.72 9.12
CA HIS F 106 -20.64 -41.81 10.15
C HIS F 106 -21.55 -42.53 11.13
N PHE F 107 -22.47 -43.35 10.60
CA PHE F 107 -23.42 -44.05 11.44
C PHE F 107 -22.74 -45.03 12.38
N MET F 108 -21.67 -45.69 11.91
CA MET F 108 -20.95 -46.58 12.80
C MET F 108 -20.07 -45.81 13.79
N LEU F 109 -19.48 -44.71 13.33
CA LEU F 109 -18.59 -43.93 14.19
C LEU F 109 -19.36 -43.27 15.32
N ARG F 110 -20.61 -42.86 15.08
CA ARG F 110 -21.39 -42.26 16.15
C ARG F 110 -21.65 -43.25 17.27
N SER F 111 -22.01 -44.49 16.91
CA SER F 111 -22.22 -45.52 17.93
C SER F 111 -20.92 -45.83 18.64
N LYS F 112 -19.80 -45.92 17.89
CA LYS F 112 -18.52 -46.15 18.53
C LYS F 112 -18.19 -45.04 19.52
N ILE F 113 -18.48 -43.79 19.15
CA ILE F 113 -18.18 -42.66 20.01
C ILE F 113 -19.03 -42.72 21.28
N ASP F 114 -20.32 -43.00 21.12
CA ASP F 114 -21.18 -43.12 22.29
C ASP F 114 -20.68 -44.21 23.23
N LEU F 115 -20.31 -45.37 22.68
CA LEU F 115 -19.84 -46.46 23.52
C LEU F 115 -18.52 -46.10 24.19
N CYS F 116 -17.62 -45.45 23.45
CA CYS F 116 -16.32 -45.09 24.01
C CYS F 116 -16.47 -44.07 25.13
N LEU F 117 -17.43 -43.16 25.00
CA LEU F 117 -17.67 -42.20 26.05
C LEU F 117 -18.31 -42.86 27.27
N ILE F 118 -19.26 -43.78 27.04
CA ILE F 118 -19.90 -44.45 28.16
C ILE F 118 -18.90 -45.33 28.91
N LEU F 119 -17.95 -45.94 28.20
CA LEU F 119 -17.00 -46.82 28.85
C LEU F 119 -16.08 -46.06 29.79
N GLY F 120 -15.48 -44.97 29.32
CA GLY F 120 -14.58 -44.20 30.14
C GLY F 120 -13.36 -43.71 29.38
N LYS F 121 -13.21 -44.16 28.14
CA LYS F 121 -12.14 -43.69 27.27
C LYS F 121 -12.52 -42.33 26.72
N HIS F 122 -11.73 -41.32 27.02
CA HIS F 122 -12.07 -39.96 26.61
C HIS F 122 -11.22 -39.43 25.47
N LEU F 123 -9.94 -39.79 25.41
CA LEU F 123 -9.08 -39.22 24.38
C LEU F 123 -9.44 -39.74 23.00
N GLU F 124 -9.63 -41.07 22.88
CA GLU F 124 -10.07 -41.62 21.61
C GLU F 124 -11.42 -41.05 21.20
N ALA F 125 -12.30 -40.82 22.18
CA ALA F 125 -13.59 -40.20 21.89
C ALA F 125 -13.42 -38.80 21.33
N LEU F 126 -12.53 -38.01 21.93
CA LEU F 126 -12.28 -36.67 21.43
C LEU F 126 -11.71 -36.71 20.01
N GLN F 127 -10.79 -37.63 19.76
CA GLN F 127 -10.19 -37.72 18.44
C GLN F 127 -11.22 -38.09 17.39
N ASP F 128 -12.08 -39.06 17.70
CA ASP F 128 -13.13 -39.45 16.75
C ASP F 128 -14.13 -38.33 16.54
N LEU F 129 -14.49 -37.61 17.61
CA LEU F 129 -15.37 -36.47 17.48
C LEU F 129 -14.79 -35.41 16.57
N ASP F 130 -13.50 -35.09 16.76
CA ASP F 130 -12.86 -34.08 15.93
C ASP F 130 -12.79 -34.53 14.48
N PHE F 131 -12.50 -35.81 14.25
CA PHE F 131 -12.48 -36.32 12.88
C PHE F 131 -13.85 -36.19 12.23
N LEU F 132 -14.90 -36.62 12.94
CA LEU F 132 -16.24 -36.57 12.38
C LEU F 132 -16.71 -35.14 12.18
N LEU F 133 -16.21 -34.20 12.98
CA LEU F 133 -16.59 -32.81 12.80
C LEU F 133 -15.85 -32.17 11.65
N GLY F 134 -14.57 -32.51 11.48
CA GLY F 134 -13.79 -31.95 10.39
C GLY F 134 -14.07 -32.57 9.05
N THR F 135 -14.67 -33.76 9.02
CA THR F 135 -14.96 -34.42 7.76
C THR F 135 -16.28 -33.96 7.14
N GLY F 136 -17.01 -33.06 7.79
CA GLY F 136 -18.19 -32.47 7.17
C GLY F 136 -19.52 -32.81 7.81
N LEU F 137 -19.54 -32.99 9.13
CA LEU F 137 -20.78 -33.21 9.87
C LEU F 137 -20.79 -32.27 11.06
N ILE F 138 -21.70 -31.30 11.03
CA ILE F 138 -21.83 -30.30 12.09
C ILE F 138 -23.24 -30.43 12.65
N GLN F 139 -23.35 -30.93 13.88
CA GLN F 139 -24.64 -31.12 14.52
C GLN F 139 -24.49 -30.79 16.00
N PRO F 140 -25.55 -30.27 16.63
CA PRO F 140 -25.47 -29.99 18.07
C PRO F 140 -25.26 -31.24 18.92
N ASP F 141 -25.53 -32.43 18.38
CA ASP F 141 -25.28 -33.66 19.12
C ASP F 141 -23.80 -34.02 19.20
N VAL F 142 -22.93 -33.25 18.54
CA VAL F 142 -21.51 -33.49 18.57
C VAL F 142 -20.80 -32.54 19.53
N PHE F 143 -21.15 -31.26 19.50
CA PHE F 143 -20.50 -30.28 20.37
C PHE F 143 -20.75 -30.60 21.84
N VAL F 144 -21.89 -31.17 22.18
CA VAL F 144 -22.17 -31.53 23.57
C VAL F 144 -21.16 -32.55 24.06
N ARG F 145 -20.96 -33.63 23.30
CA ARG F 145 -19.99 -34.65 23.69
C ARG F 145 -18.58 -34.10 23.66
N LYS F 146 -18.30 -33.19 22.72
CA LYS F 146 -16.96 -32.61 22.65
C LYS F 146 -16.65 -31.80 23.90
N ALA F 147 -17.57 -30.93 24.30
CA ALA F 147 -17.35 -30.14 25.51
C ALA F 147 -17.29 -31.02 26.74
N ASP F 148 -18.13 -32.06 26.80
CA ASP F 148 -18.09 -32.98 27.93
C ASP F 148 -16.74 -33.66 28.04
N CYS F 149 -16.20 -34.13 26.92
CA CYS F 149 -14.91 -34.78 26.93
C CYS F 149 -13.80 -33.81 27.33
N LEU F 150 -13.81 -32.61 26.74
CA LEU F 150 -12.77 -31.63 27.06
C LEU F 150 -12.81 -31.24 28.53
N LEU F 151 -13.99 -31.20 29.13
CA LEU F 151 -14.06 -30.98 30.57
C LEU F 151 -13.58 -32.18 31.35
N LYS F 152 -13.84 -33.38 30.84
CA LYS F 152 -13.38 -34.58 31.54
C LYS F 152 -11.87 -34.68 31.56
N LEU F 153 -11.21 -34.17 30.52
CA LEU F 153 -9.75 -34.19 30.47
C LEU F 153 -9.12 -32.82 30.75
N ARG F 154 -9.88 -31.92 31.38
CA ARG F 154 -9.36 -30.65 31.90
C ARG F 154 -8.71 -29.81 30.79
N GLN F 155 -9.55 -29.40 29.84
CA GLN F 155 -9.16 -28.41 28.83
C GLN F 155 -10.32 -27.44 28.70
N TRP F 156 -10.25 -26.33 29.42
CA TRP F 156 -11.39 -25.44 29.57
C TRP F 156 -11.52 -24.43 28.44
N GLU F 157 -10.40 -23.95 27.90
CA GLU F 157 -10.48 -22.95 26.84
C GLU F 157 -11.11 -23.52 25.58
N GLU F 158 -10.62 -24.67 25.11
CA GLU F 158 -11.20 -25.29 23.94
C GLU F 158 -12.63 -25.71 24.19
N ALA F 159 -12.93 -26.17 25.41
CA ALA F 159 -14.30 -26.54 25.74
C ALA F 159 -15.23 -25.34 25.64
N ARG F 160 -14.80 -24.19 26.16
CA ARG F 160 -15.62 -22.99 26.07
C ARG F 160 -15.79 -22.55 24.62
N ALA F 161 -14.72 -22.62 23.84
CA ALA F 161 -14.81 -22.23 22.43
C ALA F 161 -15.80 -23.12 21.68
N THR F 162 -15.72 -24.44 21.92
CA THR F 162 -16.62 -25.37 21.26
C THR F 162 -18.06 -25.17 21.71
N CYS F 163 -18.27 -24.94 23.01
CA CYS F 163 -19.62 -24.69 23.51
C CYS F 163 -20.20 -23.42 22.90
N GLU F 164 -19.38 -22.37 22.78
CA GLU F 164 -19.85 -21.15 22.14
C GLU F 164 -20.20 -21.37 20.68
N ARG F 165 -19.37 -22.14 19.97
CA ARG F 165 -19.68 -22.43 18.57
C ARG F 165 -20.96 -23.25 18.45
N GLY F 166 -21.20 -24.16 19.39
CA GLY F 166 -22.43 -24.94 19.35
C GLY F 166 -23.65 -24.09 19.64
N LEU F 167 -23.55 -23.19 20.61
CA LEU F 167 -24.65 -22.27 20.90
C LEU F 167 -24.87 -21.29 19.76
N ALA F 168 -23.84 -21.00 18.97
CA ALA F 168 -23.98 -20.11 17.83
C ALA F 168 -24.73 -20.75 16.68
N LEU F 169 -25.08 -22.03 16.77
CA LEU F 169 -25.85 -22.70 15.74
C LEU F 169 -27.24 -23.10 16.19
N ALA F 170 -27.38 -23.65 17.39
CA ALA F 170 -28.67 -24.00 17.96
C ALA F 170 -28.75 -23.41 19.36
N PRO F 171 -28.99 -22.09 19.47
CA PRO F 171 -29.06 -21.46 20.79
C PRO F 171 -30.28 -21.86 21.61
N GLU F 172 -31.13 -22.75 21.10
CA GLU F 172 -32.31 -23.21 21.82
C GLU F 172 -32.04 -24.46 22.64
N ASP F 173 -30.77 -24.87 22.74
CA ASP F 173 -30.43 -26.07 23.49
C ASP F 173 -30.51 -25.80 24.99
N MET F 174 -30.88 -26.84 25.73
CA MET F 174 -30.91 -26.79 27.18
C MET F 174 -29.70 -27.46 27.82
N LYS F 175 -28.97 -28.28 27.06
CA LYS F 175 -27.76 -28.91 27.55
C LYS F 175 -26.53 -28.05 27.32
N LEU F 176 -26.48 -27.38 26.17
CA LEU F 176 -25.35 -26.51 25.88
C LEU F 176 -25.25 -25.36 26.87
N ARG F 177 -26.38 -24.85 27.35
CA ARG F 177 -26.34 -23.75 28.30
C ARG F 177 -25.81 -24.21 29.65
N ALA F 178 -26.22 -25.39 30.11
CA ALA F 178 -25.66 -25.93 31.35
C ALA F 178 -24.18 -26.22 31.18
N LEU F 179 -23.77 -26.71 30.01
CA LEU F 179 -22.36 -26.96 29.75
C LEU F 179 -21.57 -25.65 29.80
N LEU F 180 -22.13 -24.58 29.23
CA LEU F 180 -21.46 -23.29 29.28
C LEU F 180 -21.37 -22.77 30.70
N ILE F 181 -22.41 -22.97 31.51
CA ILE F 181 -22.38 -22.52 32.89
C ILE F 181 -21.30 -23.27 33.67
N GLU F 182 -21.23 -24.59 33.48
CA GLU F 182 -20.19 -25.36 34.15
C GLU F 182 -18.81 -24.96 33.69
N THR F 183 -18.66 -24.68 32.38
CA THR F 183 -17.37 -24.26 31.86
C THR F 183 -16.95 -22.92 32.47
N ALA F 184 -17.89 -21.98 32.56
CA ALA F 184 -17.56 -20.67 33.14
C ALA F 184 -17.18 -20.82 34.60
N ARG F 185 -17.90 -21.65 35.35
CA ARG F 185 -17.56 -21.85 36.76
C ARG F 185 -16.18 -22.47 36.89
N ASN F 186 -15.90 -23.50 36.09
CA ASN F 186 -14.61 -24.18 36.17
C ASN F 186 -13.48 -23.26 35.78
N LEU F 187 -13.71 -22.39 34.80
CA LEU F 187 -12.66 -21.46 34.37
C LEU F 187 -12.45 -20.36 35.41
N ALA F 188 -13.53 -19.93 36.06
CA ALA F 188 -13.38 -18.93 37.13
C ALA F 188 -12.63 -19.51 38.32
N GLU F 189 -12.84 -20.79 38.63
CA GLU F 189 -12.02 -21.42 39.64
C GLU F 189 -10.60 -21.66 39.15
N TYR F 190 -10.45 -21.86 37.84
CA TYR F 190 -9.14 -22.12 37.25
C TYR F 190 -8.26 -20.88 37.31
N ASN F 191 -8.86 -19.70 37.14
CA ASN F 191 -8.09 -18.46 37.23
C ASN F 191 -8.20 -17.82 38.61
N GLY F 192 -9.42 -17.73 39.15
CA GLY F 192 -9.62 -17.09 40.44
C GLY F 192 -9.61 -18.07 41.60
N UNK G 1 -23.66 7.37 -42.83
CA UNK G 1 -23.48 5.96 -42.51
C UNK G 1 -22.02 5.64 -42.25
N UNK G 2 -21.61 4.41 -42.58
CA UNK G 2 -20.22 4.02 -42.40
C UNK G 2 -19.31 4.81 -43.34
N UNK G 3 -19.73 5.01 -44.58
CA UNK G 3 -18.93 5.79 -45.52
C UNK G 3 -18.85 7.24 -45.09
N UNK G 4 -19.96 7.80 -44.62
CA UNK G 4 -19.95 9.19 -44.15
C UNK G 4 -19.07 9.35 -42.91
N UNK G 5 -19.12 8.38 -41.99
CA UNK G 5 -18.27 8.44 -40.82
C UNK G 5 -16.79 8.31 -41.20
N UNK G 6 -16.50 7.44 -42.18
CA UNK G 6 -15.12 7.30 -42.65
C UNK G 6 -14.63 8.59 -43.30
N UNK G 7 -15.49 9.24 -44.09
CA UNK G 7 -15.10 10.51 -44.71
C UNK G 7 -14.88 11.59 -43.65
N UNK G 8 -15.73 11.62 -42.62
CA UNK G 8 -15.54 12.59 -41.54
C UNK G 8 -14.23 12.34 -40.80
N UNK G 9 -13.90 11.07 -40.54
CA UNK G 9 -12.65 10.75 -39.87
C UNK G 9 -11.45 11.12 -40.73
N UNK G 10 -11.54 10.87 -42.04
CA UNK G 10 -10.45 11.23 -42.94
C UNK G 10 -10.27 12.74 -43.01
N UNK G 11 -11.37 13.50 -43.00
CA UNK G 11 -11.28 14.95 -42.99
C UNK G 11 -10.65 15.45 -41.69
N UNK G 12 -11.06 14.87 -40.56
CA UNK G 12 -10.46 15.25 -39.28
C UNK G 12 -8.97 14.93 -39.25
N UNK G 13 -8.58 13.81 -39.87
CA UNK G 13 -7.16 13.45 -39.90
C UNK G 13 -6.37 14.41 -40.78
N UNK G 14 -6.90 14.74 -41.96
CA UNK G 14 -6.22 15.68 -42.83
C UNK G 14 -6.17 17.08 -42.23
N UNK G 15 -7.11 17.39 -41.33
CA UNK G 15 -7.09 18.68 -40.64
C UNK G 15 -5.82 18.81 -39.80
N UNK G 16 -5.35 17.71 -39.22
CA UNK G 16 -4.11 17.76 -38.44
C UNK G 16 -2.92 18.09 -39.32
N UNK G 17 -2.81 17.43 -40.48
CA UNK G 17 -1.72 17.74 -41.40
C UNK G 17 -1.81 19.17 -41.90
N UNK G 18 -3.03 19.66 -42.12
CA UNK G 18 -3.20 21.04 -42.56
C UNK G 18 -2.74 22.03 -41.49
N UNK G 19 -3.12 21.77 -40.23
CA UNK G 19 -2.68 22.64 -39.14
C UNK G 19 -1.18 22.52 -38.90
N UNK G 20 -0.57 21.40 -39.30
CA UNK G 20 0.87 21.25 -39.14
C UNK G 20 1.62 22.24 -40.00
N UNK G 21 1.07 22.61 -41.15
CA UNK G 21 1.74 23.53 -42.07
C UNK G 21 1.51 24.96 -41.61
N UNK G 22 2.59 25.65 -41.25
CA UNK G 22 2.53 27.03 -40.78
C UNK G 22 3.15 28.00 -41.77
N UNK G 23 3.49 27.54 -42.97
CA UNK G 23 4.09 28.39 -43.99
C UNK G 23 3.06 28.92 -44.99
N UNK G 24 1.78 28.84 -44.66
CA UNK G 24 0.74 29.30 -45.58
C UNK G 24 0.76 30.82 -45.70
N UNK G 25 0.53 31.31 -46.92
CA UNK G 25 0.46 32.74 -47.15
C UNK G 25 -0.80 33.37 -46.60
N UNK G 26 -1.86 32.57 -46.40
CA UNK G 26 -3.11 33.06 -45.85
C UNK G 26 -3.03 33.43 -44.38
N UNK G 27 -1.84 33.40 -43.78
CA UNK G 27 -1.67 33.75 -42.37
C UNK G 27 -2.31 35.10 -42.04
N UNK G 28 -2.16 36.07 -42.93
CA UNK G 28 -2.80 37.37 -42.71
C UNK G 28 -4.32 37.24 -42.69
N UNK G 29 -4.87 36.44 -43.59
CA UNK G 29 -6.31 36.23 -43.61
C UNK G 29 -6.78 35.49 -42.36
N UNK G 30 -6.00 34.52 -41.90
CA UNK G 30 -6.35 33.81 -40.67
C UNK G 30 -6.33 34.74 -39.46
N UNK G 31 -5.33 35.62 -39.39
CA UNK G 31 -5.27 36.58 -38.30
C UNK G 31 -6.43 37.56 -38.37
N UNK G 32 -6.81 37.99 -39.58
CA UNK G 32 -7.95 38.89 -39.73
C UNK G 32 -9.24 38.21 -39.30
N UNK G 33 -9.40 36.92 -39.64
CA UNK G 33 -10.59 36.19 -39.22
C UNK G 33 -10.62 36.00 -37.71
N UNK G 34 -9.47 35.73 -37.10
CA UNK G 34 -9.42 35.60 -35.65
C UNK G 34 -9.77 36.93 -34.96
N UNK G 35 -9.27 38.04 -35.51
CA UNK G 35 -9.61 39.35 -34.98
C UNK G 35 -11.10 39.64 -35.13
N UNK G 36 -11.67 39.23 -36.26
CA UNK G 36 -13.11 39.43 -36.47
C UNK G 36 -13.92 38.60 -35.47
N UNK G 37 -13.49 37.37 -35.20
CA UNK G 37 -14.17 36.54 -34.21
C UNK G 37 -14.06 37.15 -32.81
N UNK G 38 -12.88 37.67 -32.46
CA UNK G 38 -12.72 38.33 -31.17
C UNK G 38 -13.59 39.56 -31.06
N UNK G 39 -13.69 40.33 -32.15
CA UNK G 39 -14.56 41.50 -32.15
C UNK G 39 -16.03 41.11 -32.02
N UNK G 40 -16.43 40.00 -32.65
CA UNK G 40 -17.80 39.52 -32.50
C UNK G 40 -18.08 39.09 -31.07
N UNK G 41 -17.11 38.42 -30.43
CA UNK G 41 -17.29 38.04 -29.04
C UNK G 41 -17.40 39.26 -28.13
N UNK G 42 -16.57 40.28 -28.38
CA UNK G 42 -16.64 41.51 -27.59
C UNK G 42 -17.97 42.22 -27.80
N UNK G 43 -18.47 42.23 -29.04
CA UNK G 43 -19.76 42.86 -29.32
C UNK G 43 -20.89 42.09 -28.64
N UNK G 44 -20.80 40.75 -28.60
CA UNK G 44 -21.80 39.97 -27.89
C UNK G 44 -21.77 40.26 -26.39
N UNK G 45 -20.56 40.38 -25.82
CA UNK G 45 -20.45 40.72 -24.41
C UNK G 45 -21.04 42.10 -24.13
N UNK G 46 -20.77 43.06 -25.01
CA UNK G 46 -21.31 44.41 -24.83
C UNK G 46 -22.83 44.41 -24.96
N UNK G 47 -23.37 43.61 -25.88
CA UNK G 47 -24.82 43.52 -26.02
C UNK G 47 -25.45 42.88 -24.80
N UNK G 48 -24.80 41.86 -24.23
CA UNK G 48 -25.30 41.26 -23.01
C UNK G 48 -25.28 42.26 -21.85
N UNK G 49 -24.20 43.06 -21.75
CA UNK G 49 -24.14 44.08 -20.72
C UNK G 49 -25.23 45.13 -20.90
N UNK G 50 -25.49 45.53 -22.15
CA UNK G 50 -26.55 46.50 -22.42
C UNK G 50 -27.92 45.94 -22.07
N UNK G 51 -28.14 44.65 -22.38
CA UNK G 51 -29.41 44.02 -22.03
C UNK G 51 -29.59 43.94 -20.52
N UNK G 52 -28.51 43.60 -19.79
CA UNK G 52 -28.59 43.55 -18.34
C UNK G 52 -28.85 44.92 -17.75
N UNK G 53 -28.27 45.97 -18.35
CA UNK G 53 -28.52 47.32 -17.87
C UNK G 53 -29.96 47.75 -18.17
N UNK G 54 -30.48 47.36 -19.34
CA UNK G 54 -31.86 47.71 -19.67
C UNK G 54 -32.86 46.94 -18.82
N UNK G 55 -32.50 45.75 -18.35
CA UNK G 55 -33.40 44.99 -17.50
C UNK G 55 -33.68 45.71 -16.18
N UNK G 56 -32.64 46.32 -15.60
CA UNK G 56 -32.80 47.06 -14.35
C UNK G 56 -33.20 48.50 -14.62
#